data_5B12
#
_entry.id   5B12
#
_cell.length_a   120.913
_cell.length_b   215.005
_cell.length_c   104.864
_cell.angle_alpha   90.00
_cell.angle_beta   90.00
_cell.angle_gamma   90.00
#
_symmetry.space_group_name_H-M   'C 2 2 21'
#
loop_
_entity.id
_entity.type
_entity.pdbx_description
1 polymer 'Halohydrin epoxidase B'
2 non-polymer 'CHLORIDE ION'
3 water water
#
_entity_poly.entity_id   1
_entity_poly.type   'polypeptide(L)'
_entity_poly.pdbx_seq_one_letter_code
;MKNGRLAGKRVLLTNADAYMGEATVQVFEEEGAEVIADHTDLTKVGAAEEVVERAGHIDVLVANFAVDAHWGVTVLETDE
ELWQTAYETIVHPLHRICRAVLPQFYERNKGKIVVYGSAAAMRYTEGALAYSTARFAQRGYVTALGPEAARHNVNVNFIA
QHWTQNKEYFWPERIATDEFKEDMARRVPLGRLATAREHALLALFLASDESDFIVGKSIEFDGGWAT
;
_entity_poly.pdbx_strand_id   A,B,C,D,E,F
#
loop_
_chem_comp.id
_chem_comp.type
_chem_comp.name
_chem_comp.formula
CL non-polymer 'CHLORIDE ION' 'Cl -1'
#
# COMPACT_ATOMS: atom_id res chain seq x y z
N GLY A 4 -23.29 7.75 6.33
CA GLY A 4 -22.40 7.22 7.36
C GLY A 4 -21.31 6.34 6.78
N ARG A 5 -20.14 6.35 7.41
CA ARG A 5 -18.98 5.64 6.85
C ARG A 5 -19.09 4.13 6.93
N LEU A 6 -20.02 3.59 7.72
CA LEU A 6 -20.30 2.15 7.68
C LEU A 6 -21.77 1.91 7.33
N ALA A 7 -22.36 2.77 6.52
CA ALA A 7 -23.77 2.63 6.18
C ALA A 7 -24.04 1.26 5.57
N GLY A 8 -25.12 0.63 6.03
CA GLY A 8 -25.52 -0.67 5.55
C GLY A 8 -24.64 -1.83 5.99
N LYS A 9 -23.63 -1.59 6.81
CA LYS A 9 -22.72 -2.65 7.23
C LYS A 9 -23.23 -3.30 8.50
N ARG A 10 -22.97 -4.59 8.63
CA ARG A 10 -23.25 -5.32 9.86
C ARG A 10 -21.94 -5.79 10.48
N VAL A 11 -21.75 -5.45 11.75
CA VAL A 11 -20.47 -5.59 12.45
C VAL A 11 -20.67 -6.53 13.62
N LEU A 12 -19.90 -7.61 13.66
CA LEU A 12 -19.91 -8.51 14.81
C LEU A 12 -18.79 -8.08 15.74
N LEU A 13 -19.15 -7.68 16.95
CA LEU A 13 -18.19 -7.23 17.96
C LEU A 13 -18.15 -8.25 19.09
N THR A 14 -16.98 -8.85 19.32
CA THR A 14 -16.85 -9.80 20.41
C THR A 14 -16.71 -9.07 21.75
N ASN A 15 -17.08 -9.76 22.81
CA ASN A 15 -16.96 -9.28 24.19
C ASN A 15 -17.28 -7.80 24.29
N ALA A 16 -18.50 -7.47 23.86
CA ALA A 16 -18.80 -6.10 23.49
C ALA A 16 -18.77 -5.13 24.67
N ASP A 17 -18.94 -5.60 25.91
CA ASP A 17 -18.82 -4.72 27.07
C ASP A 17 -17.41 -4.66 27.63
N ALA A 18 -16.50 -5.46 27.09
CA ALA A 18 -15.13 -5.51 27.60
C ALA A 18 -14.24 -4.58 26.79
N TYR A 19 -13.10 -4.21 27.39
CA TYR A 19 -12.00 -3.56 26.68
C TYR A 19 -12.50 -2.36 25.90
N MET A 20 -12.38 -2.40 24.58
CA MET A 20 -12.70 -1.23 23.77
C MET A 20 -14.07 -1.33 23.12
N GLY A 21 -14.94 -2.24 23.59
CA GLY A 21 -16.18 -2.51 22.86
C GLY A 21 -17.17 -1.36 22.93
N GLU A 22 -17.23 -0.68 24.08
CA GLU A 22 -18.28 0.32 24.27
C GLU A 22 -18.10 1.48 23.30
N ALA A 23 -16.87 1.97 23.14
CA ALA A 23 -16.66 3.07 22.20
C ALA A 23 -16.87 2.62 20.77
N THR A 24 -16.54 1.36 20.45
CA THR A 24 -16.80 0.85 19.11
C THR A 24 -18.29 0.84 18.80
N VAL A 25 -19.12 0.38 19.74
CA VAL A 25 -20.56 0.44 19.53
C VAL A 25 -21.00 1.87 19.22
N GLN A 26 -20.55 2.83 20.04
CA GLN A 26 -20.99 4.23 19.87
C GLN A 26 -20.60 4.77 18.51
N VAL A 27 -19.31 4.64 18.16
CA VAL A 27 -18.84 5.24 16.93
C VAL A 27 -19.41 4.51 15.73
N PHE A 28 -19.42 3.18 15.75
CA PHE A 28 -19.84 2.46 14.55
C PHE A 28 -21.33 2.66 14.28
N GLU A 29 -22.14 2.78 15.34
CA GLU A 29 -23.56 3.05 15.14
C GLU A 29 -23.79 4.48 14.65
N GLU A 30 -23.01 5.46 15.14
CA GLU A 30 -23.09 6.82 14.59
C GLU A 30 -22.85 6.82 13.08
N GLU A 31 -22.01 5.90 12.61
CA GLU A 31 -21.62 5.83 11.22
C GLU A 31 -22.48 4.88 10.42
N GLY A 32 -23.62 4.46 10.97
CA GLY A 32 -24.60 3.73 10.20
C GLY A 32 -24.51 2.23 10.30
N ALA A 33 -23.58 1.70 11.09
CA ALA A 33 -23.45 0.26 11.19
C ALA A 33 -24.52 -0.29 12.11
N GLU A 34 -24.90 -1.53 11.83
CA GLU A 34 -25.63 -2.36 12.77
C GLU A 34 -24.58 -3.18 13.51
N VAL A 35 -24.47 -2.98 14.81
CA VAL A 35 -23.44 -3.63 15.60
C VAL A 35 -24.07 -4.75 16.40
N ILE A 36 -23.63 -5.97 16.11
CA ILE A 36 -24.03 -7.15 16.83
C ILE A 36 -23.09 -7.26 18.03
N ALA A 37 -23.58 -6.84 19.19
CA ALA A 37 -22.77 -6.73 20.41
C ALA A 37 -22.83 -8.08 21.13
N ASP A 38 -21.86 -8.93 20.83
CA ASP A 38 -21.83 -10.27 21.38
C ASP A 38 -21.11 -10.30 22.72
N HIS A 39 -21.58 -11.16 23.63
CA HIS A 39 -20.98 -11.32 24.95
C HIS A 39 -20.58 -12.76 25.20
N THR A 40 -20.65 -13.61 24.19
CA THR A 40 -20.32 -15.02 24.34
C THR A 40 -18.88 -15.21 24.78
N ASP A 41 -18.69 -16.14 25.69
CA ASP A 41 -17.37 -16.55 26.14
C ASP A 41 -16.78 -17.44 25.06
N LEU A 42 -15.83 -16.90 24.28
CA LEU A 42 -15.27 -17.62 23.15
C LEU A 42 -14.10 -18.52 23.53
N THR A 43 -13.80 -18.65 24.83
CA THR A 43 -12.87 -19.70 25.25
C THR A 43 -13.49 -21.09 25.16
N LYS A 44 -14.80 -21.17 24.94
CA LYS A 44 -15.49 -22.45 24.79
C LYS A 44 -15.39 -22.90 23.34
N VAL A 45 -14.82 -24.09 23.11
CA VAL A 45 -14.73 -24.62 21.75
C VAL A 45 -16.13 -24.78 21.16
N GLY A 46 -16.29 -24.32 19.93
CA GLY A 46 -17.56 -24.33 19.26
C GLY A 46 -18.39 -23.07 19.44
N ALA A 47 -18.07 -22.23 20.43
CA ALA A 47 -18.91 -21.06 20.67
C ALA A 47 -18.81 -20.06 19.52
N ALA A 48 -17.63 -19.96 18.90
CA ALA A 48 -17.44 -18.98 17.85
C ALA A 48 -18.33 -19.27 16.65
N GLU A 49 -18.38 -20.53 16.23
CA GLU A 49 -19.19 -20.93 15.09
CA GLU A 49 -19.17 -20.87 15.07
C GLU A 49 -20.66 -20.64 15.33
N GLU A 50 -21.12 -20.84 16.57
CA GLU A 50 -22.52 -20.58 16.91
C GLU A 50 -22.84 -19.09 16.87
N VAL A 51 -21.95 -18.24 17.41
CA VAL A 51 -22.13 -16.80 17.34
C VAL A 51 -22.30 -16.36 15.89
N VAL A 52 -21.45 -16.88 15.00
CA VAL A 52 -21.49 -16.45 13.60
C VAL A 52 -22.74 -16.95 12.92
N GLU A 53 -23.10 -18.21 13.15
CA GLU A 53 -24.33 -18.75 12.55
C GLU A 53 -25.53 -17.91 12.95
N ARG A 54 -25.58 -17.46 14.20
CA ARG A 54 -26.69 -16.66 14.67
C ARG A 54 -26.63 -15.23 14.21
N ALA A 55 -25.43 -14.72 13.88
CA ALA A 55 -25.32 -13.32 13.50
C ALA A 55 -25.88 -13.07 12.10
N GLY A 56 -25.79 -14.04 11.22
CA GLY A 56 -26.24 -13.79 9.86
C GLY A 56 -25.17 -13.12 9.02
N HIS A 57 -25.57 -12.18 8.17
CA HIS A 57 -24.62 -11.55 7.27
C HIS A 57 -23.70 -10.64 8.08
N ILE A 58 -22.40 -10.89 7.98
CA ILE A 58 -21.40 -10.09 8.69
C ILE A 58 -20.50 -9.43 7.64
N ASP A 59 -20.32 -8.12 7.76
CA ASP A 59 -19.36 -7.42 6.93
C ASP A 59 -18.04 -7.21 7.63
N VAL A 60 -18.07 -7.02 8.95
CA VAL A 60 -16.91 -6.63 9.74
C VAL A 60 -16.91 -7.48 10.99
N LEU A 61 -15.77 -8.07 11.31
CA LEU A 61 -15.55 -8.68 12.62
C LEU A 61 -14.61 -7.79 13.42
N VAL A 62 -15.03 -7.40 14.61
CA VAL A 62 -14.13 -6.72 15.54
C VAL A 62 -13.76 -7.74 16.61
N ALA A 63 -12.49 -8.15 16.60
CA ALA A 63 -11.95 -9.15 17.52
C ALA A 63 -11.39 -8.42 18.75
N ASN A 64 -12.28 -8.25 19.73
CA ASN A 64 -12.10 -7.47 20.93
C ASN A 64 -11.92 -8.45 22.08
N PHE A 65 -10.67 -8.69 22.49
CA PHE A 65 -10.38 -9.62 23.58
C PHE A 65 -9.45 -8.95 24.58
N ALA A 66 -9.66 -9.22 25.87
CA ALA A 66 -8.81 -8.66 26.90
C ALA A 66 -8.63 -9.66 28.05
N VAL A 67 -7.48 -9.56 28.70
CA VAL A 67 -7.19 -10.33 29.90
C VAL A 67 -6.34 -9.45 30.79
N ASP A 68 -6.47 -9.63 32.11
CA ASP A 68 -5.62 -8.94 33.08
C ASP A 68 -4.17 -9.02 32.67
N ALA A 69 -3.51 -7.85 32.59
CA ALA A 69 -2.08 -7.82 32.29
C ALA A 69 -1.23 -8.27 33.48
N HIS A 70 -1.82 -8.31 34.67
CA HIS A 70 -1.07 -8.57 35.90
C HIS A 70 0.15 -7.65 36.02
N TRP A 71 -0.12 -6.35 35.89
CA TRP A 71 0.94 -5.36 35.97
C TRP A 71 1.83 -5.63 37.16
N GLY A 72 3.11 -5.79 36.90
CA GLY A 72 4.11 -5.86 37.93
C GLY A 72 4.49 -7.28 38.31
N VAL A 73 3.68 -8.26 37.92
CA VAL A 73 3.99 -9.65 38.20
C VAL A 73 5.23 -10.03 37.40
N THR A 74 6.20 -10.66 38.06
CA THR A 74 7.48 -10.99 37.43
C THR A 74 7.43 -12.32 36.70
N VAL A 75 8.49 -12.59 35.94
CA VAL A 75 8.61 -13.85 35.21
C VAL A 75 8.53 -15.02 36.19
N LEU A 76 9.19 -14.90 37.35
CA LEU A 76 9.19 -16.02 38.28
C LEU A 76 7.85 -16.16 38.97
N GLU A 77 7.05 -15.08 39.04
CA GLU A 77 5.71 -15.15 39.58
C GLU A 77 4.67 -15.54 38.55
N THR A 78 5.06 -15.69 37.29
CA THR A 78 4.11 -16.00 36.23
C THR A 78 3.92 -17.51 36.24
N ASP A 79 2.98 -17.97 37.05
CA ASP A 79 2.80 -19.41 37.22
C ASP A 79 2.02 -19.98 36.05
N GLU A 80 1.91 -21.32 36.04
CA GLU A 80 1.29 -22.01 34.92
C GLU A 80 -0.12 -21.49 34.66
N GLU A 81 -0.88 -21.22 35.71
CA GLU A 81 -2.27 -20.82 35.55
C GLU A 81 -2.35 -19.42 34.93
N LEU A 82 -1.55 -18.49 35.44
CA LEU A 82 -1.54 -17.14 34.90
C LEU A 82 -1.12 -17.16 33.43
N TRP A 83 -0.08 -17.92 33.12
CA TRP A 83 0.37 -18.06 31.74
C TRP A 83 -0.73 -18.61 30.84
N GLN A 84 -1.34 -19.74 31.22
CA GLN A 84 -2.35 -20.36 30.37
C GLN A 84 -3.55 -19.45 30.19
N THR A 85 -3.91 -18.70 31.24
CA THR A 85 -5.10 -17.87 31.17
C THR A 85 -4.94 -16.78 30.12
N ALA A 86 -3.73 -16.28 29.96
CA ALA A 86 -3.47 -15.27 28.93
C ALA A 86 -3.77 -15.84 27.54
N TYR A 87 -3.29 -17.05 27.27
CA TYR A 87 -3.51 -17.67 25.96
C TYR A 87 -4.96 -18.08 25.77
N GLU A 88 -5.58 -18.65 26.82
CA GLU A 88 -6.97 -19.07 26.71
C GLU A 88 -7.89 -17.90 26.44
N THR A 89 -7.57 -16.73 26.99
CA THR A 89 -8.53 -15.62 27.00
C THR A 89 -8.45 -14.79 25.72
N ILE A 90 -7.26 -14.55 25.19
CA ILE A 90 -7.12 -13.66 24.03
C ILE A 90 -6.43 -14.30 22.83
N VAL A 91 -5.83 -15.49 22.94
CA VAL A 91 -5.13 -16.05 21.79
C VAL A 91 -5.97 -17.11 21.08
N HIS A 92 -6.30 -18.21 21.76
CA HIS A 92 -7.07 -19.24 21.07
C HIS A 92 -8.42 -18.75 20.57
N PRO A 93 -9.18 -17.92 21.30
CA PRO A 93 -10.47 -17.45 20.75
C PRO A 93 -10.31 -16.63 19.50
N LEU A 94 -9.17 -15.94 19.34
CA LEU A 94 -8.98 -15.12 18.15
C LEU A 94 -9.03 -15.97 16.89
N HIS A 95 -8.31 -17.10 16.89
CA HIS A 95 -8.36 -17.95 15.70
C HIS A 95 -9.74 -18.56 15.54
N ARG A 96 -10.42 -18.90 16.63
CA ARG A 96 -11.75 -19.49 16.51
C ARG A 96 -12.73 -18.54 15.84
N ILE A 97 -12.76 -17.28 16.28
CA ILE A 97 -13.77 -16.37 15.73
C ILE A 97 -13.40 -15.98 14.30
N CYS A 98 -12.10 -15.80 14.00
CA CYS A 98 -11.73 -15.46 12.64
C CYS A 98 -12.00 -16.62 11.69
N ARG A 99 -11.59 -17.83 12.08
CA ARG A 99 -11.89 -19.00 11.23
C ARG A 99 -13.40 -19.13 10.99
N ALA A 100 -14.20 -18.72 11.97
CA ALA A 100 -15.65 -18.87 11.84
C ALA A 100 -16.24 -17.88 10.83
N VAL A 101 -15.73 -16.64 10.80
CA VAL A 101 -16.29 -15.63 9.91
C VAL A 101 -15.73 -15.73 8.49
N LEU A 102 -14.53 -16.28 8.31
CA LEU A 102 -13.88 -16.19 7.00
C LEU A 102 -14.63 -16.87 5.87
N PRO A 103 -15.30 -18.02 6.05
CA PRO A 103 -15.98 -18.62 4.90
C PRO A 103 -16.96 -17.70 4.20
N GLN A 104 -17.76 -16.92 4.94
CA GLN A 104 -18.69 -16.03 4.27
C GLN A 104 -17.97 -14.86 3.62
N PHE A 105 -16.88 -14.38 4.25
CA PHE A 105 -16.03 -13.39 3.60
C PHE A 105 -15.48 -13.91 2.27
N TYR A 106 -14.98 -15.16 2.28
CA TYR A 106 -14.38 -15.73 1.08
C TYR A 106 -15.44 -15.93 -0.01
N GLU A 107 -16.62 -16.37 0.38
CA GLU A 107 -17.70 -16.56 -0.58
C GLU A 107 -18.01 -15.26 -1.31
N ARG A 108 -18.08 -14.14 -0.58
CA ARG A 108 -18.39 -12.85 -1.16
C ARG A 108 -17.16 -12.12 -1.68
N ASN A 109 -15.96 -12.69 -1.54
CA ASN A 109 -14.69 -12.04 -1.87
C ASN A 109 -14.62 -10.64 -1.26
N LYS A 110 -14.96 -10.56 0.03
CA LYS A 110 -14.95 -9.28 0.71
C LYS A 110 -15.07 -9.50 2.21
N GLY A 111 -14.24 -8.81 3.00
CA GLY A 111 -14.44 -8.86 4.44
C GLY A 111 -13.47 -7.96 5.15
N LYS A 112 -13.78 -7.73 6.43
CA LYS A 112 -13.00 -6.84 7.30
C LYS A 112 -12.86 -7.48 8.67
N ILE A 113 -11.64 -7.54 9.18
CA ILE A 113 -11.38 -7.98 10.55
C ILE A 113 -10.47 -6.95 11.18
N VAL A 114 -10.89 -6.42 12.33
CA VAL A 114 -10.03 -5.53 13.10
C VAL A 114 -9.76 -6.21 14.43
N VAL A 115 -8.49 -6.44 14.74
CA VAL A 115 -8.10 -7.09 15.99
C VAL A 115 -7.63 -6.03 16.97
N TYR A 116 -8.25 -5.99 18.14
CA TYR A 116 -7.91 -4.99 19.16
C TYR A 116 -6.79 -5.58 20.01
N GLY A 117 -5.55 -5.28 19.64
CA GLY A 117 -4.39 -5.80 20.31
C GLY A 117 -3.76 -4.81 21.26
N SER A 118 -2.43 -4.85 21.35
CA SER A 118 -1.76 -4.02 22.34
C SER A 118 -0.35 -3.71 21.84
N ALA A 119 0.17 -2.54 22.22
CA ALA A 119 1.57 -2.22 21.95
C ALA A 119 2.52 -3.13 22.72
N ALA A 120 2.02 -3.85 23.71
CA ALA A 120 2.82 -4.92 24.32
C ALA A 120 3.16 -6.02 23.33
N ALA A 121 2.51 -6.05 22.16
CA ALA A 121 2.86 -6.94 21.08
C ALA A 121 3.98 -6.38 20.21
N MET A 122 4.42 -5.14 20.48
CA MET A 122 5.39 -4.44 19.64
C MET A 122 6.72 -4.23 20.33
N ARG A 123 6.68 -3.91 21.62
CA ARG A 123 7.87 -3.51 22.36
C ARG A 123 7.75 -3.99 23.80
N TYR A 124 8.91 -4.03 24.46
CA TYR A 124 8.97 -4.39 25.87
C TYR A 124 8.06 -3.50 26.69
N THR A 125 7.20 -4.14 27.48
CA THR A 125 6.23 -3.49 28.35
C THR A 125 6.51 -3.99 29.76
N GLU A 126 7.08 -3.14 30.60
CA GLU A 126 7.55 -3.58 31.91
C GLU A 126 6.44 -4.26 32.71
N GLY A 127 6.75 -5.42 33.28
CA GLY A 127 5.84 -6.09 34.19
C GLY A 127 4.54 -6.62 33.62
N ALA A 128 4.59 -7.19 32.42
CA ALA A 128 3.40 -7.75 31.79
C ALA A 128 3.76 -8.95 30.93
N LEU A 129 4.54 -9.89 31.48
CA LEU A 129 5.21 -10.88 30.64
C LEU A 129 4.20 -11.75 29.89
N ALA A 130 3.34 -12.49 30.61
CA ALA A 130 2.46 -13.42 29.89
C ALA A 130 1.56 -12.68 28.92
N TYR A 131 1.00 -11.57 29.38
CA TYR A 131 0.14 -10.73 28.57
C TYR A 131 0.84 -10.28 27.30
N SER A 132 2.09 -9.83 27.45
CA SER A 132 2.84 -9.38 26.28
C SER A 132 2.99 -10.49 25.27
N THR A 133 3.31 -11.70 25.73
CA THR A 133 3.52 -12.78 24.77
C THR A 133 2.22 -13.18 24.10
N ALA A 134 1.09 -13.08 24.80
CA ALA A 134 -0.19 -13.39 24.20
C ALA A 134 -0.58 -12.34 23.17
N ARG A 135 -0.30 -11.07 23.46
CA ARG A 135 -0.55 -10.06 22.45
C ARG A 135 0.40 -10.22 21.25
N PHE A 136 1.66 -10.59 21.49
CA PHE A 136 2.54 -10.95 20.37
C PHE A 136 1.93 -12.05 19.52
N ALA A 137 1.31 -13.04 20.16
CA ALA A 137 0.69 -14.10 19.36
C ALA A 137 -0.46 -13.56 18.53
N GLN A 138 -1.22 -12.61 19.08
CA GLN A 138 -2.30 -12.00 18.29
C GLN A 138 -1.73 -11.23 17.13
N ARG A 139 -0.68 -10.47 17.38
CA ARG A 139 -0.03 -9.75 16.30
C ARG A 139 0.43 -10.73 15.23
N GLY A 140 0.99 -11.86 15.66
CA GLY A 140 1.39 -12.86 14.69
C GLY A 140 0.23 -13.38 13.89
N TYR A 141 -0.92 -13.57 14.54
CA TYR A 141 -2.12 -14.01 13.84
C TYR A 141 -2.48 -13.06 12.70
N VAL A 142 -2.44 -11.76 12.96
CA VAL A 142 -2.74 -10.77 11.92
C VAL A 142 -1.66 -10.77 10.84
N THR A 143 -0.39 -10.89 11.25
CA THR A 143 0.71 -10.92 10.28
C THR A 143 0.62 -12.13 9.37
N ALA A 144 0.21 -13.28 9.92
CA ALA A 144 0.13 -14.49 9.10
C ALA A 144 -1.17 -14.54 8.33
N LEU A 145 -2.31 -14.24 8.98
CA LEU A 145 -3.58 -14.36 8.28
C LEU A 145 -3.78 -13.25 7.26
N GLY A 146 -3.28 -12.04 7.57
CA GLY A 146 -3.60 -10.90 6.73
C GLY A 146 -3.30 -11.11 5.26
N PRO A 147 -2.04 -11.46 4.94
CA PRO A 147 -1.71 -11.64 3.52
C PRO A 147 -2.42 -12.83 2.89
N GLU A 148 -2.71 -13.87 3.67
CA GLU A 148 -3.44 -15.00 3.13
C GLU A 148 -4.89 -14.62 2.81
N ALA A 149 -5.57 -13.94 3.75
CA ALA A 149 -6.95 -13.53 3.51
C ALA A 149 -7.05 -12.46 2.42
N ALA A 150 -5.98 -11.68 2.21
CA ALA A 150 -6.06 -10.61 1.22
C ALA A 150 -6.27 -11.15 -0.18
N ARG A 151 -5.84 -12.39 -0.45
CA ARG A 151 -6.08 -12.96 -1.78
C ARG A 151 -7.58 -13.00 -2.08
N HIS A 152 -8.40 -13.02 -1.04
CA HIS A 152 -9.85 -13.03 -1.15
C HIS A 152 -10.45 -11.66 -0.88
N ASN A 153 -9.66 -10.59 -0.95
CA ASN A 153 -10.16 -9.23 -0.75
C ASN A 153 -10.69 -9.03 0.67
N VAL A 154 -10.07 -9.71 1.63
CA VAL A 154 -10.41 -9.58 3.05
C VAL A 154 -9.26 -8.87 3.75
N ASN A 155 -9.58 -7.82 4.50
CA ASN A 155 -8.58 -7.09 5.28
C ASN A 155 -8.57 -7.57 6.72
N VAL A 156 -7.38 -7.89 7.23
CA VAL A 156 -7.15 -8.24 8.62
C VAL A 156 -6.06 -7.32 9.13
N ASN A 157 -6.36 -6.53 10.16
CA ASN A 157 -5.37 -5.63 10.72
C ASN A 157 -5.46 -5.62 12.24
N PHE A 158 -4.41 -5.07 12.86
CA PHE A 158 -4.16 -5.17 14.29
C PHE A 158 -3.97 -3.76 14.85
N ILE A 159 -4.78 -3.34 15.82
CA ILE A 159 -4.52 -2.09 16.53
C ILE A 159 -3.67 -2.38 17.75
N ALA A 160 -2.47 -1.81 17.77
CA ALA A 160 -1.53 -2.07 18.87
C ALA A 160 -1.62 -0.91 19.86
N GLN A 161 -2.63 -0.96 20.73
CA GLN A 161 -2.90 0.17 21.60
C GLN A 161 -2.10 0.11 22.90
N HIS A 162 -1.88 1.29 23.47
CA HIS A 162 -1.33 1.41 24.80
C HIS A 162 -1.76 2.77 25.32
N TRP A 163 -1.69 2.95 26.64
CA TRP A 163 -2.02 4.26 27.23
C TRP A 163 -3.39 4.76 26.76
N THR A 164 -4.35 3.86 26.71
CA THR A 164 -5.70 4.16 26.26
C THR A 164 -6.65 3.86 27.41
N GLN A 165 -7.63 4.73 27.63
CA GLN A 165 -8.49 4.51 28.77
C GLN A 165 -9.34 3.26 28.57
N ASN A 166 -9.37 2.41 29.60
CA ASN A 166 -10.20 1.22 29.60
C ASN A 166 -10.21 0.67 31.03
N LYS A 167 -11.11 -0.29 31.28
CA LYS A 167 -11.21 -0.85 32.62
C LYS A 167 -10.05 -1.80 32.93
N GLU A 168 -9.47 -2.43 31.92
CA GLU A 168 -8.57 -3.54 32.19
C GLU A 168 -7.14 -3.10 32.44
N TYR A 169 -6.71 -2.01 31.83
CA TYR A 169 -5.29 -1.64 31.82
C TYR A 169 -5.05 -0.25 32.34
N PHE A 170 -5.95 0.70 32.07
CA PHE A 170 -5.76 2.09 32.48
C PHE A 170 -7.06 2.58 33.11
N TRP A 171 -7.43 1.95 34.21
CA TRP A 171 -8.72 2.19 34.85
C TRP A 171 -8.63 3.45 35.70
N PRO A 172 -9.78 4.04 36.04
CA PRO A 172 -9.73 5.39 36.65
C PRO A 172 -8.86 5.47 37.90
N GLU A 173 -8.97 4.51 38.81
CA GLU A 173 -8.20 4.58 40.04
C GLU A 173 -6.69 4.56 39.74
N ARG A 174 -6.27 3.79 38.75
CA ARG A 174 -4.85 3.62 38.47
C ARG A 174 -4.26 4.88 37.87
N ILE A 175 -4.98 5.52 36.94
CA ILE A 175 -4.44 6.67 36.21
C ILE A 175 -4.57 7.98 36.98
N ALA A 176 -5.17 7.96 38.17
CA ALA A 176 -5.40 9.18 38.93
C ALA A 176 -4.20 9.62 39.76
N THR A 177 -3.30 8.72 40.13
CA THR A 177 -2.22 9.06 41.04
C THR A 177 -1.16 9.94 40.38
N ASP A 178 -0.51 10.78 41.19
CA ASP A 178 0.62 11.56 40.70
C ASP A 178 1.71 10.64 40.16
N GLU A 179 1.88 9.49 40.81
CA GLU A 179 2.92 8.55 40.37
C GLU A 179 2.66 8.08 38.96
N PHE A 180 1.43 7.66 38.68
CA PHE A 180 1.07 7.30 37.31
C PHE A 180 1.31 8.45 36.34
N LYS A 181 0.82 9.64 36.69
CA LYS A 181 0.89 10.77 35.76
C LYS A 181 2.33 11.15 35.47
N GLU A 182 3.20 11.02 36.47
CA GLU A 182 4.59 11.36 36.25
C GLU A 182 5.21 10.38 35.26
N ASP A 183 4.97 9.08 35.47
CA ASP A 183 5.52 8.08 34.58
C ASP A 183 4.96 8.23 33.18
N MET A 184 3.66 8.52 33.08
CA MET A 184 3.04 8.71 31.77
C MET A 184 3.66 9.89 31.04
N ALA A 185 3.95 10.97 31.76
CA ALA A 185 4.57 12.13 31.10
C ALA A 185 5.96 11.78 30.61
N ARG A 186 6.71 10.96 31.36
CA ARG A 186 8.02 10.52 30.90
C ARG A 186 7.92 9.67 29.64
N ARG A 187 6.92 8.77 29.58
CA ARG A 187 6.99 7.68 28.62
C ARG A 187 6.14 7.89 27.37
N VAL A 188 5.16 8.78 27.41
CA VAL A 188 4.22 8.96 26.31
C VAL A 188 4.52 10.30 25.67
N PRO A 189 5.05 10.33 24.44
CA PRO A 189 5.38 11.61 23.81
C PRO A 189 4.23 12.60 23.79
N LEU A 190 3.02 12.14 23.44
CA LEU A 190 1.87 13.05 23.41
C LEU A 190 1.48 13.56 24.79
N GLY A 191 1.88 12.87 25.85
CA GLY A 191 1.69 13.38 27.20
C GLY A 191 0.33 13.19 27.80
N ARG A 192 -0.51 12.36 27.17
CA ARG A 192 -1.87 12.12 27.65
C ARG A 192 -2.26 10.72 27.25
N LEU A 193 -3.33 10.24 27.87
CA LEU A 193 -3.93 9.00 27.44
C LEU A 193 -4.87 9.26 26.28
N ALA A 194 -5.08 8.21 25.48
CA ALA A 194 -6.12 8.24 24.46
C ALA A 194 -7.49 8.06 25.10
N THR A 195 -8.50 8.67 24.48
CA THR A 195 -9.85 8.32 24.82
C THR A 195 -10.27 7.07 24.08
N ALA A 196 -11.25 6.37 24.64
CA ALA A 196 -11.79 5.20 23.97
C ALA A 196 -12.39 5.56 22.61
N ARG A 197 -12.98 6.76 22.51
CA ARG A 197 -13.51 7.18 21.21
C ARG A 197 -12.39 7.30 20.17
N GLU A 198 -11.22 7.82 20.57
CA GLU A 198 -10.11 7.91 19.62
C GLU A 198 -9.73 6.54 19.09
N HIS A 199 -9.71 5.54 19.97
CA HIS A 199 -9.43 4.18 19.53
C HIS A 199 -10.46 3.71 18.51
N ALA A 200 -11.72 3.95 18.80
CA ALA A 200 -12.79 3.53 17.90
C ALA A 200 -12.73 4.24 16.55
N LEU A 201 -12.20 5.47 16.51
CA LEU A 201 -12.09 6.15 15.22
C LEU A 201 -11.02 5.51 14.35
N LEU A 202 -9.98 4.95 14.96
CA LEU A 202 -9.01 4.19 14.17
C LEU A 202 -9.62 2.89 13.70
N ALA A 203 -10.30 2.20 14.60
CA ALA A 203 -11.03 0.99 14.22
C ALA A 203 -12.00 1.27 13.09
N LEU A 204 -12.69 2.40 13.16
CA LEU A 204 -13.66 2.74 12.12
C LEU A 204 -12.97 2.84 10.78
N PHE A 205 -11.81 3.50 10.75
CA PHE A 205 -11.08 3.56 9.49
C PHE A 205 -10.76 2.14 8.99
N LEU A 206 -10.22 1.29 9.87
CA LEU A 206 -9.81 -0.06 9.47
C LEU A 206 -11.00 -0.95 9.13
N ALA A 207 -12.18 -0.66 9.69
CA ALA A 207 -13.39 -1.43 9.38
C ALA A 207 -14.08 -0.95 8.12
N SER A 208 -13.87 0.30 7.71
CA SER A 208 -14.58 0.84 6.57
C SER A 208 -13.94 0.40 5.27
N ASP A 209 -14.62 0.70 4.17
CA ASP A 209 -14.01 0.41 2.88
C ASP A 209 -13.04 1.49 2.45
N GLU A 210 -12.64 2.35 3.37
CA GLU A 210 -11.63 3.34 3.06
C GLU A 210 -10.23 2.79 3.22
N SER A 211 -10.10 1.58 3.74
CA SER A 211 -8.83 1.01 4.16
C SER A 211 -8.58 -0.33 3.48
N ASP A 212 -9.16 -0.56 2.29
CA ASP A 212 -9.03 -1.87 1.64
C ASP A 212 -7.59 -2.24 1.29
N PHE A 213 -6.67 -1.27 1.20
CA PHE A 213 -5.29 -1.59 0.84
C PHE A 213 -4.40 -1.85 2.04
N ILE A 214 -4.95 -1.81 3.24
CA ILE A 214 -4.18 -2.04 4.45
C ILE A 214 -4.36 -3.51 4.80
N VAL A 215 -3.28 -4.30 4.73
CA VAL A 215 -3.44 -5.74 4.96
C VAL A 215 -2.35 -6.29 5.87
N GLY A 216 -2.78 -6.93 6.95
CA GLY A 216 -1.88 -7.58 7.87
C GLY A 216 -1.04 -6.66 8.70
N LYS A 217 -1.46 -5.39 8.87
CA LYS A 217 -0.61 -4.39 9.49
C LYS A 217 -0.92 -4.23 10.98
N SER A 218 0.10 -3.81 11.72
CA SER A 218 -0.03 -3.50 13.13
C SER A 218 0.11 -2.01 13.23
N ILE A 219 -0.96 -1.32 13.58
CA ILE A 219 -0.95 0.13 13.71
C ILE A 219 -0.76 0.48 15.18
N GLU A 220 0.35 1.15 15.51
CA GLU A 220 0.61 1.49 16.91
C GLU A 220 -0.23 2.70 17.32
N PHE A 221 -1.04 2.51 18.35
CA PHE A 221 -1.98 3.51 18.86
C PHE A 221 -1.55 3.76 20.29
N ASP A 222 -0.51 4.57 20.45
CA ASP A 222 0.12 4.62 21.75
C ASP A 222 0.70 5.99 22.07
N GLY A 223 0.25 7.05 21.38
CA GLY A 223 0.78 8.35 21.68
C GLY A 223 2.24 8.50 21.39
N GLY A 224 2.84 7.56 20.64
CA GLY A 224 4.25 7.63 20.33
C GLY A 224 5.12 6.74 21.18
N TRP A 225 4.55 6.04 22.15
CA TRP A 225 5.34 5.28 23.11
C TRP A 225 6.33 4.34 22.42
N ALA A 226 5.88 3.58 21.43
CA ALA A 226 6.75 2.58 20.80
C ALA A 226 7.57 3.14 19.66
N THR A 227 7.45 4.43 19.37
CA THR A 227 8.22 4.99 18.27
C THR A 227 9.72 5.02 18.63
N ASN B 3 -20.41 17.70 8.98
CA ASN B 3 -19.94 18.12 7.68
C ASN B 3 -18.67 17.35 7.29
N GLY B 4 -17.80 17.97 6.49
CA GLY B 4 -16.60 17.28 6.04
C GLY B 4 -15.64 17.03 7.19
N ARG B 5 -14.81 16.01 7.01
CA ARG B 5 -13.88 15.62 8.05
C ARG B 5 -12.67 16.54 8.17
N LEU B 6 -12.48 17.46 7.22
CA LEU B 6 -11.46 18.48 7.33
C LEU B 6 -12.09 19.87 7.26
N ALA B 7 -13.36 19.97 7.68
CA ALA B 7 -14.07 21.24 7.60
C ALA B 7 -13.28 22.32 8.30
N GLY B 8 -13.11 23.46 7.64
CA GLY B 8 -12.44 24.57 8.24
C GLY B 8 -10.94 24.49 8.22
N LYS B 9 -10.37 23.39 7.73
CA LYS B 9 -8.94 23.21 7.81
C LYS B 9 -8.28 23.75 6.55
N ARG B 10 -7.08 24.30 6.72
CA ARG B 10 -6.26 24.74 5.60
C ARG B 10 -5.06 23.81 5.54
N VAL B 11 -4.82 23.25 4.36
CA VAL B 11 -3.83 22.18 4.14
C VAL B 11 -2.81 22.68 3.14
N LEU B 12 -1.53 22.67 3.52
CA LEU B 12 -0.47 23.02 2.59
C LEU B 12 0.03 21.73 1.96
N LEU B 13 -0.09 21.61 0.65
CA LEU B 13 0.32 20.38 -0.05
C LEU B 13 1.49 20.71 -0.96
N THR B 14 2.63 20.04 -0.74
CA THR B 14 3.82 20.31 -1.54
C THR B 14 3.73 19.56 -2.87
N ASN B 15 4.41 20.10 -3.87
CA ASN B 15 4.49 19.46 -5.20
C ASN B 15 3.16 18.87 -5.61
N ALA B 16 2.15 19.74 -5.65
CA ALA B 16 0.78 19.27 -5.59
C ALA B 16 0.35 18.48 -6.82
N ASP B 17 1.01 18.65 -7.95
CA ASP B 17 0.68 17.93 -9.17
C ASP B 17 1.46 16.63 -9.32
N ALA B 18 2.38 16.37 -8.41
CA ALA B 18 3.26 15.20 -8.52
C ALA B 18 2.82 14.12 -7.55
N TYR B 19 3.26 12.89 -7.83
CA TYR B 19 3.18 11.77 -6.88
C TYR B 19 1.73 11.60 -6.47
N MET B 20 1.39 11.77 -5.19
CA MET B 20 0.03 11.52 -4.72
C MET B 20 -0.76 12.80 -4.52
N GLY B 21 -0.30 13.92 -5.10
CA GLY B 21 -0.93 15.21 -4.79
C GLY B 21 -2.33 15.35 -5.35
N GLU B 22 -2.57 14.88 -6.58
CA GLU B 22 -3.87 15.16 -7.20
C GLU B 22 -5.01 14.52 -6.42
N ALA B 23 -4.84 13.27 -5.99
CA ALA B 23 -5.93 12.66 -5.23
C ALA B 23 -6.09 13.29 -3.86
N THR B 24 -5.00 13.78 -3.26
CA THR B 24 -5.11 14.48 -2.00
C THR B 24 -5.98 15.72 -2.17
N VAL B 25 -5.72 16.50 -3.23
CA VAL B 25 -6.56 17.68 -3.47
C VAL B 25 -8.01 17.26 -3.55
N GLN B 26 -8.30 16.22 -4.35
CA GLN B 26 -9.70 15.82 -4.57
C GLN B 26 -10.38 15.42 -3.27
N VAL B 27 -9.77 14.48 -2.55
CA VAL B 27 -10.39 13.93 -1.35
C VAL B 27 -10.47 14.99 -0.25
N PHE B 28 -9.39 15.74 -0.05
CA PHE B 28 -9.39 16.71 1.05
C PHE B 28 -10.39 17.82 0.78
N GLU B 29 -10.52 18.24 -0.48
CA GLU B 29 -11.50 19.29 -0.78
C GLU B 29 -12.92 18.75 -0.60
N GLU B 30 -13.18 17.51 -0.98
CA GLU B 30 -14.49 16.90 -0.75
C GLU B 30 -14.83 16.92 0.72
N GLU B 31 -13.82 16.82 1.58
CA GLU B 31 -14.02 16.80 3.01
C GLU B 31 -13.92 18.19 3.62
N GLY B 32 -14.01 19.24 2.82
CA GLY B 32 -14.14 20.57 3.38
C GLY B 32 -12.85 21.32 3.60
N ALA B 33 -11.71 20.71 3.30
CA ALA B 33 -10.47 21.43 3.45
C ALA B 33 -10.27 22.47 2.37
N GLU B 34 -9.58 23.55 2.71
CA GLU B 34 -9.01 24.41 1.70
C GLU B 34 -7.60 23.90 1.48
N VAL B 35 -7.28 23.49 0.26
CA VAL B 35 -5.98 22.91 -0.05
C VAL B 35 -5.14 23.96 -0.78
N ILE B 36 -4.07 24.39 -0.12
CA ILE B 36 -3.08 25.27 -0.72
C ILE B 36 -2.18 24.37 -1.56
N ALA B 37 -2.39 24.36 -2.88
CA ALA B 37 -1.68 23.43 -3.76
C ALA B 37 -0.39 24.11 -4.22
N ASP B 38 0.73 23.74 -3.60
CA ASP B 38 1.99 24.39 -3.88
C ASP B 38 2.79 23.61 -4.92
N HIS B 39 3.52 24.35 -5.77
CA HIS B 39 4.36 23.75 -6.82
C HIS B 39 5.80 24.24 -6.72
N THR B 40 6.16 24.85 -5.60
CA THR B 40 7.50 25.40 -5.43
C THR B 40 8.54 24.30 -5.36
N ASP B 41 9.67 24.54 -6.02
CA ASP B 41 10.82 23.64 -5.95
C ASP B 41 11.50 23.85 -4.59
N LEU B 42 11.28 22.91 -3.67
CA LEU B 42 11.79 23.03 -2.32
C LEU B 42 13.22 22.50 -2.19
N THR B 43 13.89 22.18 -3.31
CA THR B 43 15.34 21.92 -3.25
C THR B 43 16.14 23.20 -3.10
N LYS B 44 15.52 24.37 -3.26
CA LYS B 44 16.20 25.64 -3.07
C LYS B 44 16.10 26.05 -1.60
N VAL B 45 17.25 26.27 -0.98
CA VAL B 45 17.28 26.78 0.37
C VAL B 45 16.51 28.09 0.45
N GLY B 46 15.69 28.23 1.50
CA GLY B 46 14.87 29.39 1.73
C GLY B 46 13.48 29.28 1.12
N ALA B 47 13.28 28.39 0.17
CA ALA B 47 11.98 28.33 -0.50
C ALA B 47 10.90 27.87 0.46
N ALA B 48 11.21 26.92 1.36
CA ALA B 48 10.16 26.40 2.24
C ALA B 48 9.60 27.50 3.12
N GLU B 49 10.49 28.32 3.70
CA GLU B 49 10.06 29.40 4.56
CA GLU B 49 9.99 29.34 4.59
C GLU B 49 9.19 30.39 3.81
N GLU B 50 9.52 30.61 2.54
CA GLU B 50 8.74 31.54 1.71
C GLU B 50 7.36 30.98 1.41
N VAL B 51 7.29 29.68 1.08
CA VAL B 51 6.00 29.04 0.83
C VAL B 51 5.11 29.16 2.05
N VAL B 52 5.67 28.92 3.24
CA VAL B 52 4.86 28.92 4.45
C VAL B 52 4.40 30.33 4.79
N GLU B 53 5.27 31.31 4.63
CA GLU B 53 4.83 32.67 4.91
C GLU B 53 3.71 33.08 3.94
N ARG B 54 3.86 32.76 2.66
CA ARG B 54 2.82 33.07 1.66
C ARG B 54 1.51 32.39 2.00
N ALA B 55 1.57 31.21 2.63
CA ALA B 55 0.40 30.36 2.74
C ALA B 55 -0.62 30.91 3.73
N GLY B 56 -0.18 31.64 4.76
CA GLY B 56 -1.11 32.00 5.80
C GLY B 56 -1.33 30.85 6.76
N HIS B 57 -2.49 30.85 7.39
CA HIS B 57 -2.77 29.88 8.45
C HIS B 57 -2.78 28.47 7.87
N ILE B 58 -1.94 27.59 8.42
CA ILE B 58 -1.87 26.20 7.99
C ILE B 58 -2.27 25.31 9.18
N ASP B 59 -3.16 24.36 8.93
CA ASP B 59 -3.51 23.35 9.92
C ASP B 59 -2.82 22.02 9.66
N VAL B 60 -2.53 21.73 8.40
CA VAL B 60 -2.04 20.42 7.98
C VAL B 60 -0.98 20.67 6.92
N LEU B 61 0.20 20.05 7.09
CA LEU B 61 1.19 19.97 6.02
C LEU B 61 1.18 18.57 5.43
N VAL B 62 1.00 18.47 4.11
CA VAL B 62 1.18 17.21 3.40
C VAL B 62 2.52 17.30 2.67
N ALA B 63 3.51 16.53 3.13
CA ALA B 63 4.87 16.53 2.60
C ALA B 63 4.95 15.49 1.50
N ASN B 64 4.69 15.94 0.27
CA ASN B 64 4.54 15.07 -0.89
C ASN B 64 5.77 15.31 -1.77
N PHE B 65 6.71 14.36 -1.78
CA PHE B 65 7.93 14.48 -2.57
C PHE B 65 8.16 13.17 -3.32
N ALA B 66 8.67 13.29 -4.53
CA ALA B 66 9.03 12.09 -5.29
C ALA B 66 10.25 12.37 -6.13
N VAL B 67 10.93 11.27 -6.49
CA VAL B 67 12.05 11.32 -7.40
C VAL B 67 12.05 9.99 -8.15
N ASP B 68 12.56 10.01 -9.38
CA ASP B 68 12.79 8.77 -10.14
C ASP B 68 13.51 7.76 -9.26
N ALA B 69 12.91 6.57 -9.13
CA ALA B 69 13.54 5.48 -8.37
C ALA B 69 14.68 4.84 -9.14
N HIS B 70 14.77 5.10 -10.44
CA HIS B 70 15.77 4.45 -11.31
C HIS B 70 15.69 2.94 -11.17
N TRP B 71 14.49 2.41 -11.38
CA TRP B 71 14.24 0.98 -11.27
C TRP B 71 15.24 0.19 -12.12
N GLY B 72 15.93 -0.75 -11.48
CA GLY B 72 16.87 -1.60 -12.17
C GLY B 72 18.30 -1.13 -12.16
N VAL B 73 18.56 0.14 -11.82
CA VAL B 73 19.93 0.61 -11.77
C VAL B 73 20.62 -0.03 -10.58
N THR B 74 21.81 -0.60 -10.81
CA THR B 74 22.52 -1.35 -9.79
C THR B 74 23.32 -0.42 -8.88
N VAL B 75 23.84 -1.03 -7.80
CA VAL B 75 24.71 -0.29 -6.90
C VAL B 75 25.90 0.31 -7.65
N LEU B 76 26.55 -0.48 -8.53
CA LEU B 76 27.72 0.05 -9.20
C LEU B 76 27.36 1.14 -10.20
N GLU B 77 26.12 1.14 -10.69
CA GLU B 77 25.64 2.12 -11.63
C GLU B 77 25.03 3.32 -10.94
N THR B 78 25.00 3.32 -9.62
CA THR B 78 24.42 4.43 -8.87
C THR B 78 25.54 5.44 -8.69
N ASP B 79 25.67 6.35 -9.66
CA ASP B 79 26.78 7.28 -9.60
C ASP B 79 26.48 8.43 -8.65
N GLU B 80 27.49 9.29 -8.48
CA GLU B 80 27.40 10.39 -7.52
C GLU B 80 26.16 11.24 -7.79
N GLU B 81 25.89 11.57 -9.07
CA GLU B 81 24.76 12.45 -9.36
C GLU B 81 23.44 11.77 -9.04
N LEU B 82 23.29 10.50 -9.40
CA LEU B 82 22.05 9.81 -9.12
C LEU B 82 21.82 9.77 -7.61
N TRP B 83 22.86 9.41 -6.87
CA TRP B 83 22.77 9.35 -5.42
C TRP B 83 22.38 10.70 -4.82
N GLN B 84 23.13 11.74 -5.17
CA GLN B 84 22.85 13.06 -4.60
C GLN B 84 21.44 13.50 -4.94
N THR B 85 20.98 13.22 -6.17
CA THR B 85 19.68 13.72 -6.59
C THR B 85 18.55 13.13 -5.75
N ALA B 86 18.71 11.88 -5.31
CA ALA B 86 17.68 11.29 -4.47
C ALA B 86 17.53 12.09 -3.18
N TYR B 87 18.66 12.43 -2.54
CA TYR B 87 18.61 13.17 -1.28
C TYR B 87 18.18 14.61 -1.49
N GLU B 88 18.69 15.22 -2.56
CA GLU B 88 18.30 16.60 -2.89
C GLU B 88 16.82 16.70 -3.12
N THR B 89 16.22 15.68 -3.72
CA THR B 89 14.84 15.84 -4.16
C THR B 89 13.83 15.52 -3.08
N ILE B 90 14.08 14.55 -2.20
CA ILE B 90 13.03 14.14 -1.26
C ILE B 90 13.48 14.15 0.21
N VAL B 91 14.78 14.28 0.47
CA VAL B 91 15.24 14.22 1.85
C VAL B 91 15.44 15.61 2.40
N HIS B 92 16.37 16.38 1.83
CA HIS B 92 16.64 17.70 2.40
C HIS B 92 15.40 18.59 2.39
N PRO B 93 14.55 18.58 1.34
CA PRO B 93 13.36 19.43 1.38
C PRO B 93 12.38 19.06 2.47
N LEU B 94 12.35 17.80 2.89
CA LEU B 94 11.39 17.41 3.91
C LEU B 94 11.66 18.12 5.22
N HIS B 95 12.93 18.18 5.63
CA HIS B 95 13.24 18.89 6.86
C HIS B 95 12.98 20.38 6.68
N ARG B 96 13.34 20.92 5.52
CA ARG B 96 13.10 22.35 5.32
C ARG B 96 11.63 22.72 5.47
N ILE B 97 10.72 21.94 4.86
CA ILE B 97 9.32 22.36 4.91
C ILE B 97 8.70 22.05 6.28
N CYS B 98 9.09 20.96 6.93
CA CYS B 98 8.58 20.72 8.27
C CYS B 98 9.11 21.76 9.25
N ARG B 99 10.41 22.05 9.18
CA ARG B 99 10.96 23.05 10.08
C ARG B 99 10.25 24.38 9.89
N ALA B 100 9.83 24.68 8.65
CA ALA B 100 9.19 25.95 8.37
C ALA B 100 7.77 26.04 8.92
N VAL B 101 7.03 24.94 8.96
CA VAL B 101 5.65 24.96 9.45
CA VAL B 101 5.65 24.95 9.44
C VAL B 101 5.56 24.76 10.97
N LEU B 102 6.54 24.14 11.59
CA LEU B 102 6.38 23.82 13.01
C LEU B 102 6.20 25.04 13.91
N PRO B 103 6.85 26.18 13.68
CA PRO B 103 6.64 27.28 14.65
C PRO B 103 5.17 27.64 14.87
N GLN B 104 4.37 27.71 13.82
CA GLN B 104 2.98 28.08 14.03
C GLN B 104 2.20 26.95 14.67
N PHE B 105 2.53 25.70 14.35
CA PHE B 105 1.94 24.58 15.07
C PHE B 105 2.28 24.64 16.56
N TYR B 106 3.55 24.92 16.88
CA TYR B 106 3.97 25.01 18.29
C TYR B 106 3.27 26.17 18.98
N GLU B 107 3.10 27.30 18.29
CA GLU B 107 2.46 28.43 18.94
C GLU B 107 1.03 28.10 19.33
N ARG B 108 0.32 27.37 18.46
CA ARG B 108 -1.07 26.97 18.70
C ARG B 108 -1.19 25.64 19.43
N ASN B 109 -0.08 24.98 19.72
CA ASN B 109 -0.08 23.66 20.35
C ASN B 109 -1.01 22.70 19.61
N LYS B 110 -0.90 22.70 18.28
CA LYS B 110 -1.71 21.84 17.44
C LYS B 110 -1.13 21.80 16.03
N GLY B 111 -1.05 20.63 15.43
CA GLY B 111 -0.63 20.60 14.03
C GLY B 111 -0.65 19.18 13.52
N LYS B 112 -0.58 19.08 12.19
CA LYS B 112 -0.65 17.78 11.51
C LYS B 112 0.36 17.79 10.37
N ILE B 113 1.18 16.75 10.30
CA ILE B 113 2.08 16.54 9.16
C ILE B 113 1.92 15.11 8.68
N VAL B 114 1.60 14.94 7.40
CA VAL B 114 1.55 13.63 6.79
C VAL B 114 2.63 13.59 5.73
N VAL B 115 3.59 12.65 5.86
CA VAL B 115 4.69 12.50 4.90
C VAL B 115 4.35 11.35 3.96
N TYR B 116 4.39 11.61 2.66
CA TYR B 116 4.10 10.57 1.68
C TYR B 116 5.40 9.88 1.32
N GLY B 117 5.64 8.75 1.96
CA GLY B 117 6.88 8.02 1.74
C GLY B 117 6.67 6.79 0.88
N SER B 118 7.37 5.73 1.22
CA SER B 118 7.40 4.58 0.37
C SER B 118 7.70 3.37 1.25
N ALA B 119 7.12 2.23 0.90
CA ALA B 119 7.52 0.96 1.51
C ALA B 119 8.95 0.63 1.22
N ALA B 120 9.60 1.33 0.27
CA ALA B 120 11.05 1.17 0.13
C ALA B 120 11.82 1.68 1.34
N ALA B 121 11.16 2.42 2.23
CA ALA B 121 11.71 2.81 3.51
C ALA B 121 11.58 1.71 4.55
N MET B 122 10.90 0.61 4.21
CA MET B 122 10.57 -0.43 5.18
C MET B 122 11.26 -1.75 4.92
N ARG B 123 11.35 -2.15 3.66
CA ARG B 123 11.92 -3.44 3.29
C ARG B 123 12.68 -3.32 1.99
N TYR B 124 13.50 -4.32 1.74
CA TYR B 124 14.25 -4.38 0.49
C TYR B 124 13.32 -4.28 -0.71
N THR B 125 13.63 -3.31 -1.58
CA THR B 125 12.86 -3.07 -2.79
C THR B 125 13.82 -3.25 -3.96
N GLU B 126 13.66 -4.32 -4.72
CA GLU B 126 14.69 -4.68 -5.69
C GLU B 126 14.90 -3.57 -6.71
N GLY B 127 16.16 -3.20 -6.94
CA GLY B 127 16.50 -2.33 -8.04
C GLY B 127 16.22 -0.85 -7.83
N ALA B 128 16.25 -0.38 -6.59
CA ALA B 128 15.92 1.02 -6.30
C ALA B 128 16.80 1.55 -5.17
N LEU B 129 18.12 1.42 -5.33
CA LEU B 129 18.98 1.52 -4.16
C LEU B 129 19.01 2.95 -3.59
N ALA B 130 19.42 3.94 -4.40
CA ALA B 130 19.53 5.28 -3.83
C ALA B 130 18.19 5.74 -3.30
N TYR B 131 17.14 5.46 -4.08
CA TYR B 131 15.79 5.87 -3.73
C TYR B 131 15.36 5.26 -2.41
N SER B 132 15.63 3.98 -2.24
CA SER B 132 15.27 3.32 -0.99
C SER B 132 15.94 4.01 0.18
N THR B 133 17.22 4.33 0.05
CA THR B 133 17.91 4.94 1.19
C THR B 133 17.35 6.32 1.49
N ALA B 134 16.97 7.06 0.45
CA ALA B 134 16.37 8.37 0.66
C ALA B 134 15.01 8.26 1.34
N ARG B 135 14.23 7.24 0.95
CA ARG B 135 12.95 7.04 1.63
C ARG B 135 13.16 6.60 3.07
N PHE B 136 14.20 5.80 3.34
CA PHE B 136 14.54 5.49 4.73
C PHE B 136 14.84 6.76 5.52
N ALA B 137 15.55 7.70 4.90
CA ALA B 137 15.86 8.94 5.60
C ALA B 137 14.57 9.69 5.94
N GLN B 138 13.59 9.68 5.02
CA GLN B 138 12.30 10.30 5.33
C GLN B 138 11.60 9.58 6.48
N ARG B 139 11.60 8.25 6.45
CA ARG B 139 11.03 7.49 7.56
C ARG B 139 11.73 7.81 8.86
N GLY B 140 13.07 7.93 8.82
CA GLY B 140 13.80 8.39 10.00
C GLY B 140 13.36 9.76 10.47
N TYR B 141 13.09 10.66 9.52
CA TYR B 141 12.62 11.99 9.90
C TYR B 141 11.33 11.91 10.69
N VAL B 142 10.39 11.08 10.25
CA VAL B 142 9.13 10.97 10.97
C VAL B 142 9.35 10.29 12.32
N THR B 143 10.21 9.28 12.36
CA THR B 143 10.45 8.56 13.61
C THR B 143 11.09 9.47 14.64
N ALA B 144 11.98 10.34 14.20
CA ALA B 144 12.70 11.21 15.11
C ALA B 144 11.86 12.43 15.45
N LEU B 145 11.23 13.06 14.44
CA LEU B 145 10.46 14.26 14.74
C LEU B 145 9.15 13.95 15.44
N GLY B 146 8.50 12.84 15.09
CA GLY B 146 7.17 12.55 15.59
C GLY B 146 7.03 12.70 17.10
N PRO B 147 7.88 11.99 17.85
CA PRO B 147 7.76 12.06 19.32
C PRO B 147 8.19 13.39 19.90
N GLU B 148 9.10 14.09 19.23
CA GLU B 148 9.48 15.41 19.68
C GLU B 148 8.34 16.39 19.47
N ALA B 149 7.74 16.36 18.27
CA ALA B 149 6.64 17.28 17.97
C ALA B 149 5.39 16.95 18.77
N ALA B 150 5.23 15.68 19.20
CA ALA B 150 4.04 15.30 19.93
C ALA B 150 3.92 16.04 21.26
N ARG B 151 5.05 16.49 21.83
CA ARG B 151 5.00 17.23 23.08
C ARG B 151 4.25 18.55 22.90
N HIS B 152 4.13 19.01 21.67
CA HIS B 152 3.37 20.20 21.31
C HIS B 152 2.03 19.84 20.67
N ASN B 153 1.56 18.61 20.85
CA ASN B 153 0.28 18.19 20.28
C ASN B 153 0.29 18.32 18.74
N VAL B 154 1.46 18.02 18.15
CA VAL B 154 1.60 17.99 16.70
C VAL B 154 1.82 16.54 16.27
N ASN B 155 1.01 16.07 15.32
CA ASN B 155 1.17 14.72 14.79
C ASN B 155 1.99 14.75 13.52
N VAL B 156 3.00 13.89 13.47
CA VAL B 156 3.79 13.66 12.27
C VAL B 156 3.79 12.16 12.00
N ASN B 157 3.34 11.76 10.81
CA ASN B 157 3.24 10.35 10.45
C ASN B 157 3.64 10.15 9.00
N PHE B 158 3.94 8.90 8.66
CA PHE B 158 4.58 8.54 7.41
C PHE B 158 3.75 7.46 6.74
N ILE B 159 3.34 7.69 5.49
CA ILE B 159 2.67 6.65 4.72
C ILE B 159 3.70 5.93 3.86
N ALA B 160 3.86 4.63 4.09
CA ALA B 160 4.87 3.85 3.37
C ALA B 160 4.19 3.11 2.22
N GLN B 161 4.04 3.80 1.11
CA GLN B 161 3.25 3.24 0.04
C GLN B 161 4.08 2.40 -0.91
N HIS B 162 3.41 1.44 -1.53
CA HIS B 162 3.98 0.68 -2.63
C HIS B 162 2.78 0.19 -3.42
N TRP B 163 3.01 -0.12 -4.70
CA TRP B 163 1.95 -0.70 -5.53
C TRP B 163 0.72 0.20 -5.59
N THR B 164 0.96 1.50 -5.68
CA THR B 164 -0.09 2.50 -5.61
C THR B 164 -0.04 3.33 -6.88
N GLN B 165 -1.20 3.56 -7.49
CA GLN B 165 -1.30 4.40 -8.69
C GLN B 165 -0.52 5.71 -8.55
N ASN B 166 0.46 5.91 -9.44
CA ASN B 166 1.15 7.17 -9.59
C ASN B 166 2.00 7.06 -10.84
N LYS B 167 2.33 8.20 -11.40
CA LYS B 167 3.10 8.26 -12.64
C LYS B 167 4.57 7.94 -12.41
N GLU B 168 5.09 8.27 -11.22
CA GLU B 168 6.53 8.14 -11.00
C GLU B 168 6.97 6.69 -10.94
N TYR B 169 6.12 5.79 -10.43
CA TYR B 169 6.54 4.43 -10.18
C TYR B 169 5.69 3.39 -10.90
N PHE B 170 4.50 3.73 -11.38
CA PHE B 170 3.62 2.74 -12.01
C PHE B 170 3.01 3.31 -13.28
N TRP B 171 3.87 3.88 -14.13
CA TRP B 171 3.45 4.39 -15.43
C TRP B 171 3.11 3.22 -16.36
N PRO B 172 2.42 3.48 -17.47
CA PRO B 172 1.76 2.36 -18.18
C PRO B 172 2.72 1.31 -18.70
N GLU B 173 3.89 1.69 -19.22
CA GLU B 173 4.79 0.71 -19.78
C GLU B 173 5.37 -0.21 -18.72
N ARG B 174 5.59 0.32 -17.52
CA ARG B 174 6.14 -0.50 -16.45
C ARG B 174 5.17 -1.60 -16.03
N ILE B 175 3.88 -1.26 -15.90
CA ILE B 175 2.93 -2.21 -15.37
C ILE B 175 2.34 -3.10 -16.46
N ALA B 176 2.67 -2.85 -17.73
CA ALA B 176 2.00 -3.59 -18.80
C ALA B 176 2.61 -4.96 -19.03
N THR B 177 3.85 -5.18 -18.59
CA THR B 177 4.57 -6.39 -18.97
C THR B 177 4.07 -7.61 -18.21
N ASP B 178 4.08 -8.76 -18.90
CA ASP B 178 3.89 -10.04 -18.23
C ASP B 178 4.74 -10.14 -16.97
N GLU B 179 6.01 -9.73 -17.09
CA GLU B 179 6.94 -9.83 -15.97
C GLU B 179 6.41 -9.06 -14.77
N PHE B 180 5.86 -7.86 -15.00
CA PHE B 180 5.37 -7.07 -13.88
C PHE B 180 4.13 -7.71 -13.26
N LYS B 181 3.21 -8.21 -14.09
CA LYS B 181 1.98 -8.79 -13.58
C LYS B 181 2.25 -10.06 -12.78
N GLU B 182 3.20 -10.87 -13.25
CA GLU B 182 3.53 -12.08 -12.53
C GLU B 182 4.20 -11.74 -11.21
N ASP B 183 5.12 -10.78 -11.24
CA ASP B 183 5.77 -10.36 -10.01
C ASP B 183 4.76 -9.75 -9.04
N MET B 184 3.81 -8.96 -9.54
CA MET B 184 2.79 -8.40 -8.64
C MET B 184 1.97 -9.51 -8.01
N ALA B 185 1.49 -10.47 -8.82
CA ALA B 185 0.67 -11.55 -8.29
C ALA B 185 1.39 -12.36 -7.22
N ARG B 186 2.70 -12.50 -7.35
CA ARG B 186 3.44 -13.25 -6.34
C ARG B 186 3.69 -12.44 -5.08
N ARG B 187 3.85 -11.11 -5.21
CA ARG B 187 4.41 -10.34 -4.11
C ARG B 187 3.40 -9.39 -3.45
N VAL B 188 2.23 -9.19 -4.05
CA VAL B 188 1.26 -8.26 -3.49
C VAL B 188 0.04 -9.06 -3.06
N PRO B 189 -0.13 -9.27 -1.75
CA PRO B 189 -1.22 -10.12 -1.28
C PRO B 189 -2.60 -9.74 -1.81
N LEU B 190 -2.92 -8.45 -1.84
CA LEU B 190 -4.24 -8.05 -2.35
C LEU B 190 -4.35 -8.25 -3.85
N GLY B 191 -3.23 -8.34 -4.55
CA GLY B 191 -3.22 -8.72 -5.94
C GLY B 191 -3.57 -7.62 -6.92
N ARG B 192 -3.63 -6.36 -6.47
CA ARG B 192 -3.93 -5.23 -7.33
C ARG B 192 -3.15 -4.04 -6.85
N LEU B 193 -3.04 -3.02 -7.72
CA LEU B 193 -2.58 -1.72 -7.28
C LEU B 193 -3.67 -0.99 -6.53
N ALA B 194 -3.24 -0.10 -5.65
CA ALA B 194 -4.20 0.80 -5.02
C ALA B 194 -4.52 1.93 -5.97
N THR B 195 -5.69 2.53 -5.78
CA THR B 195 -5.91 3.80 -6.48
C THR B 195 -5.38 4.95 -5.63
N ALA B 196 -5.13 6.08 -6.30
CA ALA B 196 -4.64 7.24 -5.57
C ALA B 196 -5.66 7.72 -4.56
N ARG B 197 -6.96 7.58 -4.88
CA ARG B 197 -8.02 7.90 -3.92
C ARG B 197 -7.86 7.12 -2.63
N GLU B 198 -7.52 5.83 -2.72
CA GLU B 198 -7.37 5.03 -1.51
C GLU B 198 -6.23 5.56 -0.65
N HIS B 199 -5.13 5.95 -1.30
CA HIS B 199 -4.03 6.55 -0.58
C HIS B 199 -4.48 7.82 0.11
N ALA B 200 -5.24 8.65 -0.60
CA ALA B 200 -5.68 9.91 0.00
C ALA B 200 -6.63 9.68 1.17
N LEU B 201 -7.36 8.57 1.18
CA LEU B 201 -8.24 8.31 2.32
C LEU B 201 -7.44 7.96 3.57
N LEU B 202 -6.29 7.29 3.41
CA LEU B 202 -5.41 7.10 4.55
C LEU B 202 -4.79 8.42 5.00
N ALA B 203 -4.35 9.24 4.04
CA ALA B 203 -3.84 10.56 4.37
C ALA B 203 -4.92 11.40 5.07
N LEU B 204 -6.18 11.25 4.64
CA LEU B 204 -7.27 12.00 5.23
C LEU B 204 -7.42 11.67 6.71
N PHE B 205 -7.38 10.38 7.04
CA PHE B 205 -7.42 9.98 8.44
C PHE B 205 -6.29 10.62 9.23
N LEU B 206 -5.05 10.56 8.69
CA LEU B 206 -3.88 11.04 9.42
C LEU B 206 -3.83 12.55 9.50
N ALA B 207 -4.47 13.25 8.55
CA ALA B 207 -4.59 14.70 8.58
C ALA B 207 -5.70 15.17 9.50
N SER B 208 -6.69 14.33 9.76
CA SER B 208 -7.85 14.77 10.50
C SER B 208 -7.58 14.74 12.00
N ASP B 209 -8.48 15.38 12.77
CA ASP B 209 -8.36 15.26 14.22
C ASP B 209 -8.92 13.96 14.76
N GLU B 210 -9.15 12.97 13.88
CA GLU B 210 -9.54 11.63 14.33
C GLU B 210 -8.33 10.79 14.70
N SER B 211 -7.11 11.31 14.47
CA SER B 211 -5.88 10.53 14.55
C SER B 211 -4.85 11.18 15.45
N ASP B 212 -5.28 12.00 16.42
CA ASP B 212 -4.33 12.72 17.26
C ASP B 212 -3.45 11.79 18.10
N PHE B 213 -3.86 10.55 18.32
CA PHE B 213 -3.04 9.66 19.14
C PHE B 213 -2.00 8.90 18.33
N ILE B 214 -1.97 9.12 17.01
CA ILE B 214 -1.00 8.47 16.14
C ILE B 214 0.22 9.36 16.05
N VAL B 215 1.38 8.88 16.53
CA VAL B 215 2.55 9.74 16.71
C VAL B 215 3.78 9.06 16.12
N GLY B 216 4.34 9.65 15.06
CA GLY B 216 5.63 9.21 14.54
C GLY B 216 5.60 7.85 13.88
N LYS B 217 4.46 7.44 13.36
CA LYS B 217 4.27 6.07 12.89
C LYS B 217 4.47 5.98 11.39
N SER B 218 4.90 4.80 10.95
CA SER B 218 5.00 4.47 9.53
C SER B 218 3.90 3.48 9.23
N ILE B 219 2.91 3.89 8.44
CA ILE B 219 1.79 3.02 8.12
C ILE B 219 2.01 2.44 6.73
N GLU B 220 2.13 1.12 6.65
CA GLU B 220 2.44 0.47 5.37
C GLU B 220 1.19 0.41 4.51
N PHE B 221 1.28 0.97 3.32
CA PHE B 221 0.15 1.11 2.42
C PHE B 221 0.58 0.38 1.15
N ASP B 222 0.47 -0.94 1.18
CA ASP B 222 1.19 -1.67 0.14
C ASP B 222 0.50 -2.98 -0.22
N GLY B 223 -0.78 -3.12 0.13
CA GLY B 223 -1.55 -4.29 -0.20
C GLY B 223 -1.03 -5.50 0.51
N GLY B 224 -0.19 -5.30 1.51
CA GLY B 224 0.39 -6.39 2.28
C GLY B 224 1.81 -6.79 1.88
N TRP B 225 2.41 -6.06 0.93
CA TRP B 225 3.71 -6.44 0.38
C TRP B 225 4.76 -6.62 1.47
N ALA B 226 4.84 -5.67 2.40
CA ALA B 226 5.89 -5.69 3.42
C ALA B 226 5.50 -6.50 4.65
N THR B 227 4.32 -7.08 4.67
CA THR B 227 3.90 -7.82 5.86
C THR B 227 4.74 -9.09 5.98
N GLY C 4 43.16 -18.06 14.34
CA GLY C 4 42.42 -16.80 14.50
C GLY C 4 41.16 -16.76 13.63
N ARG C 5 40.13 -16.06 14.10
CA ARG C 5 38.86 -16.09 13.37
C ARG C 5 38.86 -15.23 12.11
N LEU C 6 39.87 -14.40 11.94
CA LEU C 6 40.05 -13.66 10.70
C LEU C 6 41.41 -13.97 10.11
N ALA C 7 41.90 -15.21 10.30
CA ALA C 7 43.24 -15.52 9.81
C ALA C 7 43.34 -15.34 8.29
N GLY C 8 44.38 -14.63 7.86
CA GLY C 8 44.65 -14.45 6.46
C GLY C 8 43.78 -13.41 5.81
N LYS C 9 42.88 -12.77 6.55
CA LYS C 9 41.97 -11.79 5.99
C LYS C 9 42.61 -10.42 6.02
N ARG C 10 42.27 -9.60 5.03
CA ARG C 10 42.65 -8.19 4.95
C ARG C 10 41.39 -7.37 5.11
N VAL C 11 41.42 -6.43 6.03
CA VAL C 11 40.26 -5.65 6.43
C VAL C 11 40.56 -4.19 6.17
N LEU C 12 39.69 -3.53 5.42
CA LEU C 12 39.80 -2.09 5.19
C LEU C 12 38.89 -1.41 6.18
N LEU C 13 39.46 -0.63 7.09
CA LEU C 13 38.71 0.06 8.14
C LEU C 13 38.72 1.56 7.85
N THR C 14 37.54 2.16 7.64
CA THR C 14 37.50 3.59 7.39
C THR C 14 37.58 4.36 8.72
N ASN C 15 38.07 5.60 8.62
CA ASN C 15 38.15 6.53 9.75
C ASN C 15 38.65 5.81 11.01
N ALA C 16 39.79 5.13 10.86
CA ALA C 16 40.18 4.12 11.84
C ALA C 16 40.47 4.70 13.22
N ASP C 17 40.74 6.00 13.30
CA ASP C 17 41.00 6.65 14.58
C ASP C 17 39.77 7.34 15.14
N ALA C 18 38.59 7.04 14.60
CA ALA C 18 37.33 7.62 15.05
C ALA C 18 36.35 6.52 15.44
N TYR C 19 35.32 6.92 16.19
CA TYR C 19 34.17 6.09 16.52
C TYR C 19 34.60 4.74 17.10
N MET C 20 34.30 3.65 16.41
CA MET C 20 34.59 2.35 16.97
C MET C 20 35.84 1.73 16.36
N GLY C 21 36.66 2.51 15.67
CA GLY C 21 37.76 1.95 14.93
C GLY C 21 38.84 1.34 15.81
N GLU C 22 39.21 2.04 16.89
CA GLU C 22 40.34 1.57 17.70
C GLU C 22 40.12 0.14 18.20
N ALA C 23 38.93 -0.16 18.74
CA ALA C 23 38.68 -1.51 19.25
C ALA C 23 38.57 -2.52 18.13
N THR C 24 38.16 -2.10 16.93
CA THR C 24 38.15 -3.03 15.81
C THR C 24 39.56 -3.41 15.41
N VAL C 25 40.48 -2.45 15.40
CA VAL C 25 41.88 -2.77 15.09
C VAL C 25 42.38 -3.82 16.07
N GLN C 26 42.19 -3.57 17.37
CA GLN C 26 42.74 -4.45 18.40
C GLN C 26 42.13 -5.85 18.30
N VAL C 27 40.81 -5.95 18.25
CA VAL C 27 40.17 -7.26 18.23
C VAL C 27 40.47 -7.97 16.91
N PHE C 28 40.42 -7.25 15.79
CA PHE C 28 40.55 -7.92 14.49
C PHE C 28 41.98 -8.42 14.29
N GLU C 29 42.96 -7.63 14.73
CA GLU C 29 44.34 -8.06 14.66
C GLU C 29 44.61 -9.25 15.59
N GLU C 30 43.99 -9.26 16.78
CA GLU C 30 44.06 -10.42 17.65
C GLU C 30 43.59 -11.70 16.96
N GLU C 31 42.64 -11.59 16.02
CA GLU C 31 42.05 -12.74 15.36
C GLU C 31 42.71 -13.03 14.01
N GLY C 32 43.84 -12.41 13.74
CA GLY C 32 44.66 -12.77 12.59
C GLY C 32 44.53 -11.86 11.39
N ALA C 33 43.70 -10.83 11.46
CA ALA C 33 43.50 -9.98 10.29
C ALA C 33 44.65 -9.00 10.13
N GLU C 34 44.96 -8.70 8.88
CA GLU C 34 45.67 -7.48 8.56
C GLU C 34 44.64 -6.38 8.42
N VAL C 35 44.72 -5.36 9.26
CA VAL C 35 43.75 -4.27 9.25
C VAL C 35 44.40 -3.06 8.62
N ILE C 36 43.87 -2.65 7.47
CA ILE C 36 44.32 -1.43 6.80
C ILE C 36 43.56 -0.29 7.49
N ALA C 37 44.25 0.44 8.34
CA ALA C 37 43.64 1.47 9.17
C ALA C 37 43.65 2.75 8.36
N ASP C 38 42.56 3.00 7.65
CA ASP C 38 42.51 4.12 6.74
C ASP C 38 42.01 5.36 7.47
N HIS C 39 42.56 6.51 7.09
CA HIS C 39 42.22 7.81 7.68
C HIS C 39 41.83 8.79 6.59
N THR C 40 41.41 8.31 5.44
CA THR C 40 41.12 9.19 4.34
C THR C 40 39.76 9.87 4.53
N ASP C 41 39.69 11.13 4.14
CA ASP C 41 38.44 11.88 4.16
C ASP C 41 37.60 11.41 2.98
N LEU C 42 36.58 10.58 3.26
CA LEU C 42 35.75 9.99 2.23
C LEU C 42 34.57 10.87 1.83
N THR C 43 34.54 12.11 2.32
CA THR C 43 33.58 13.08 1.78
C THR C 43 34.02 13.63 0.43
N LYS C 44 35.26 13.36 0.03
CA LYS C 44 35.78 13.82 -1.25
C LYS C 44 35.48 12.79 -2.33
N VAL C 45 34.84 13.26 -3.41
CA VAL C 45 34.58 12.40 -4.56
C VAL C 45 35.89 11.92 -5.14
N GLY C 46 35.96 10.63 -5.41
CA GLY C 46 37.17 10.00 -5.89
C GLY C 46 38.01 9.36 -4.81
N ALA C 47 37.87 9.79 -3.55
CA ALA C 47 38.77 9.30 -2.52
C ALA C 47 38.61 7.81 -2.29
N ALA C 48 37.37 7.32 -2.26
CA ALA C 48 37.14 5.91 -1.96
C ALA C 48 37.83 5.00 -2.97
N GLU C 49 37.73 5.32 -4.26
CA GLU C 49 38.38 4.46 -5.25
C GLU C 49 39.89 4.47 -5.07
N GLU C 50 40.46 5.60 -4.65
CA GLU C 50 41.91 5.65 -4.47
C GLU C 50 42.33 4.85 -3.24
N VAL C 51 41.54 4.92 -2.17
CA VAL C 51 41.79 4.08 -0.99
C VAL C 51 41.76 2.61 -1.38
N VAL C 52 40.78 2.20 -2.19
CA VAL C 52 40.65 0.79 -2.51
C VAL C 52 41.78 0.35 -3.44
N GLU C 53 42.16 1.22 -4.38
CA GLU C 53 43.31 0.94 -5.23
C GLU C 53 44.58 0.72 -4.42
N ARG C 54 44.82 1.58 -3.43
CA ARG C 54 46.01 1.41 -2.59
C ARG C 54 45.93 0.19 -1.68
N ALA C 55 44.73 -0.21 -1.28
CA ALA C 55 44.61 -1.33 -0.35
C ALA C 55 44.89 -2.65 -1.03
N GLY C 56 44.54 -2.77 -2.30
CA GLY C 56 44.68 -4.03 -2.99
C GLY C 56 43.58 -4.99 -2.60
N HIS C 57 43.97 -6.19 -2.20
CA HIS C 57 42.99 -7.23 -1.89
C HIS C 57 42.32 -6.90 -0.55
N ILE C 58 40.99 -6.83 -0.55
CA ILE C 58 40.20 -6.54 0.65
C ILE C 58 39.23 -7.70 0.82
N ASP C 59 39.21 -8.30 2.01
CA ASP C 59 38.19 -9.31 2.30
C ASP C 59 36.99 -8.72 3.02
N VAL C 60 37.23 -7.67 3.79
CA VAL C 60 36.24 -7.10 4.68
C VAL C 60 36.36 -5.61 4.61
N LEU C 61 35.23 -4.93 4.44
CA LEU C 61 35.15 -3.49 4.59
C LEU C 61 34.40 -3.21 5.87
N VAL C 62 35.01 -2.44 6.75
CA VAL C 62 34.33 -1.95 7.94
C VAL C 62 34.04 -0.46 7.72
N ALA C 63 32.76 -0.14 7.54
CA ALA C 63 32.30 1.21 7.20
C ALA C 63 32.01 1.90 8.51
N ASN C 64 33.03 2.63 8.98
CA ASN C 64 33.10 3.25 10.31
C ASN C 64 33.02 4.75 10.07
N PHE C 65 31.83 5.32 10.28
CA PHE C 65 31.58 6.74 10.08
C PHE C 65 30.84 7.28 11.29
N ALA C 66 31.19 8.49 11.69
CA ALA C 66 30.50 9.13 12.81
C ALA C 66 30.48 10.64 12.62
N VAL C 67 29.44 11.26 13.18
CA VAL C 67 29.24 12.70 13.15
C VAL C 67 28.62 13.06 14.49
N ASP C 68 28.98 14.24 15.01
CA ASP C 68 28.35 14.77 16.22
C ASP C 68 26.83 14.62 16.13
N ALA C 69 26.23 14.03 17.17
CA ALA C 69 24.77 13.92 17.21
C ALA C 69 24.10 15.22 17.64
N HIS C 70 24.86 16.17 18.16
CA HIS C 70 24.32 17.41 18.71
C HIS C 70 23.20 17.12 19.71
N TRP C 71 23.57 16.35 20.74
CA TRP C 71 22.61 15.94 21.75
C TRP C 71 21.81 17.12 22.27
N GLY C 72 20.48 16.98 22.23
CA GLY C 72 19.60 18.01 22.75
C GLY C 72 19.16 19.08 21.78
N VAL C 73 19.80 19.19 20.62
CA VAL C 73 19.38 20.19 19.64
C VAL C 73 18.05 19.76 19.03
N THR C 74 17.08 20.68 19.03
CA THR C 74 15.72 20.38 18.62
C THR C 74 15.55 20.60 17.12
N VAL C 75 14.38 20.19 16.60
CA VAL C 75 14.11 20.35 15.17
C VAL C 75 14.28 21.79 14.72
N LEU C 76 13.78 22.76 15.51
CA LEU C 76 13.81 24.12 15.02
C LEU C 76 15.23 24.68 15.00
N GLU C 77 16.12 24.14 15.83
CA GLU C 77 17.52 24.57 15.86
C GLU C 77 18.39 23.69 14.96
N THR C 78 17.79 22.77 14.22
CA THR C 78 18.57 21.96 13.29
C THR C 78 18.67 22.73 11.99
N ASP C 79 19.72 23.55 11.87
CA ASP C 79 19.80 24.42 10.71
C ASP C 79 20.36 23.67 9.52
N GLU C 80 20.39 24.36 8.37
CA GLU C 80 20.76 23.72 7.11
C GLU C 80 22.17 23.14 7.18
N GLU C 81 23.12 23.90 7.75
CA GLU C 81 24.48 23.37 7.85
C GLU C 81 24.54 22.12 8.72
N LEU C 82 23.86 22.12 9.87
CA LEU C 82 23.91 20.95 10.75
C LEU C 82 23.30 19.74 10.06
N TRP C 83 22.16 19.95 9.40
CA TRP C 83 21.51 18.87 8.64
C TRP C 83 22.45 18.33 7.56
N GLN C 84 23.02 19.20 6.75
CA GLN C 84 23.86 18.72 5.65
C GLN C 84 25.08 17.99 6.16
N THR C 85 25.69 18.51 7.23
CA THR C 85 26.88 17.86 7.76
C THR C 85 26.63 16.42 8.16
N ALA C 86 25.44 16.12 8.68
CA ALA C 86 25.17 14.74 9.05
C ALA C 86 25.20 13.83 7.83
N TYR C 87 24.61 14.29 6.72
CA TYR C 87 24.56 13.48 5.51
C TYR C 87 25.92 13.43 4.86
N GLU C 88 26.62 14.57 4.82
CA GLU C 88 27.94 14.58 4.20
C GLU C 88 28.90 13.66 4.94
N THR C 89 28.73 13.54 6.26
CA THR C 89 29.76 12.86 7.04
C THR C 89 29.54 11.36 7.05
N ILE C 90 28.31 10.88 7.15
CA ILE C 90 28.09 9.45 7.37
C ILE C 90 27.25 8.80 6.29
N VAL C 91 26.57 9.56 5.42
CA VAL C 91 25.66 8.94 4.47
C VAL C 91 26.34 8.83 3.12
N HIS C 92 26.67 9.96 2.52
CA HIS C 92 27.21 9.90 1.16
C HIS C 92 28.52 9.10 1.11
N PRO C 93 29.42 9.21 2.08
CA PRO C 93 30.66 8.40 2.02
C PRO C 93 30.40 6.92 2.08
N LEU C 94 29.33 6.50 2.75
CA LEU C 94 29.07 5.07 2.88
C LEU C 94 28.86 4.44 1.51
N HIS C 95 28.07 5.08 0.64
CA HIS C 95 27.88 4.49 -0.67
C HIS C 95 29.17 4.55 -1.47
N ARG C 96 29.92 5.64 -1.33
CA ARG C 96 31.16 5.78 -2.09
C ARG C 96 32.10 4.63 -1.75
N ILE C 97 32.26 4.33 -0.47
CA ILE C 97 33.27 3.33 -0.12
C ILE C 97 32.74 1.93 -0.43
N CYS C 98 31.45 1.67 -0.23
CA CYS C 98 30.92 0.35 -0.58
C CYS C 98 30.95 0.14 -2.09
N ARG C 99 30.62 1.18 -2.86
CA ARG C 99 30.69 1.07 -4.31
C ARG C 99 32.10 0.78 -4.77
N ALA C 100 33.09 1.30 -4.06
CA ALA C 100 34.49 1.11 -4.49
C ALA C 100 34.98 -0.29 -4.17
N VAL C 101 34.47 -0.92 -3.12
CA VAL C 101 34.95 -2.26 -2.74
C VAL C 101 34.17 -3.37 -3.44
N LEU C 102 32.91 -3.15 -3.79
CA LEU C 102 32.13 -4.23 -4.36
C LEU C 102 32.72 -4.87 -5.62
N PRO C 103 33.36 -4.14 -6.57
CA PRO C 103 33.83 -4.81 -7.79
C PRO C 103 34.71 -6.03 -7.51
N GLN C 104 35.66 -5.93 -6.60
CA GLN C 104 36.54 -7.08 -6.36
C GLN C 104 35.78 -8.19 -5.65
N PHE C 105 34.85 -7.83 -4.75
CA PHE C 105 33.98 -8.85 -4.19
C PHE C 105 33.20 -9.57 -5.28
N TYR C 106 32.76 -8.83 -6.30
CA TYR C 106 31.96 -9.44 -7.35
C TYR C 106 32.81 -10.34 -8.24
N GLU C 107 34.07 -9.97 -8.48
CA GLU C 107 34.95 -10.89 -9.21
C GLU C 107 35.06 -12.22 -8.48
N ARG C 108 35.28 -12.16 -7.15
CA ARG C 108 35.46 -13.36 -6.35
C ARG C 108 34.17 -14.01 -5.90
N ASN C 109 33.03 -13.35 -6.03
CA ASN C 109 31.78 -13.77 -5.45
C ASN C 109 31.97 -14.13 -3.98
N LYS C 110 32.53 -13.16 -3.27
CA LYS C 110 32.68 -13.26 -1.82
C LYS C 110 33.01 -11.88 -1.28
N GLY C 111 32.36 -11.52 -0.16
CA GLY C 111 32.79 -10.31 0.52
C GLY C 111 32.00 -10.08 1.79
N LYS C 112 32.50 -9.13 2.58
CA LYS C 112 31.97 -8.75 3.88
C LYS C 112 31.99 -7.24 4.00
N ILE C 113 30.84 -6.68 4.37
CA ILE C 113 30.76 -5.27 4.74
C ILE C 113 30.05 -5.21 6.07
N VAL C 114 30.67 -4.54 7.05
CA VAL C 114 30.01 -4.27 8.32
C VAL C 114 29.88 -2.77 8.45
N VAL C 115 28.64 -2.28 8.61
CA VAL C 115 28.41 -0.85 8.75
C VAL C 115 28.16 -0.54 10.22
N TYR C 116 28.93 0.39 10.76
CA TYR C 116 28.82 0.75 12.18
C TYR C 116 27.79 1.87 12.25
N GLY C 117 26.55 1.50 12.53
CA GLY C 117 25.44 2.46 12.57
C GLY C 117 25.06 2.82 13.99
N SER C 118 23.77 2.99 14.21
CA SER C 118 23.28 3.45 15.50
C SER C 118 21.87 2.93 15.71
N ALA C 119 21.51 2.71 16.97
CA ALA C 119 20.13 2.40 17.26
C ALA C 119 19.23 3.60 17.03
N ALA C 120 19.80 4.78 16.83
CA ALA C 120 18.99 5.92 16.41
C ALA C 120 18.44 5.74 15.00
N ALA C 121 18.92 4.73 14.27
CA ALA C 121 18.32 4.30 13.03
C ALA C 121 17.14 3.37 13.24
N MET C 122 16.83 3.03 14.49
CA MET C 122 15.79 2.03 14.77
C MET C 122 14.60 2.60 15.51
N ARG C 123 14.84 3.55 16.43
CA ARG C 123 13.81 4.08 17.30
C ARG C 123 14.15 5.52 17.62
N TYR C 124 13.12 6.23 18.09
CA TYR C 124 13.27 7.62 18.47
C TYR C 124 14.34 7.77 19.52
N THR C 125 15.24 8.72 19.27
CA THR C 125 16.38 9.00 20.11
C THR C 125 16.27 10.48 20.48
N GLU C 126 15.90 10.78 21.71
CA GLU C 126 15.63 12.15 22.12
C GLU C 126 16.79 13.08 21.79
N GLY C 127 16.49 14.19 21.12
CA GLY C 127 17.47 15.23 20.91
C GLY C 127 18.58 14.92 19.93
N ALA C 128 18.27 14.25 18.83
CA ALA C 128 19.30 13.88 17.88
C ALA C 128 18.72 13.79 16.47
N LEU C 129 17.92 14.78 16.06
CA LEU C 129 17.09 14.63 14.86
C LEU C 129 17.92 14.37 13.60
N ALA C 130 18.84 15.30 13.25
CA ALA C 130 19.54 15.13 11.99
C ALA C 130 20.35 13.84 11.98
N TYR C 131 21.04 13.57 13.10
CA TYR C 131 21.86 12.37 13.23
C TYR C 131 21.01 11.12 13.06
N SER C 132 19.84 11.09 13.71
CA SER C 132 18.96 9.94 13.61
CA SER C 132 18.95 9.94 13.60
C SER C 132 18.57 9.66 12.16
N THR C 133 18.17 10.70 11.42
CA THR C 133 17.74 10.50 10.03
C THR C 133 18.91 10.02 9.18
N ALA C 134 20.11 10.52 9.45
CA ALA C 134 21.26 10.08 8.67
C ALA C 134 21.61 8.63 8.97
N ARG C 135 21.50 8.22 10.22
CA ARG C 135 21.68 6.80 10.55
C ARG C 135 20.58 5.94 9.94
N PHE C 136 19.35 6.45 9.87
CA PHE C 136 18.31 5.73 9.15
C PHE C 136 18.68 5.53 7.69
N ALA C 137 19.27 6.56 7.08
CA ALA C 137 19.70 6.41 5.70
C ALA C 137 20.77 5.34 5.57
N GLN C 138 21.70 5.26 6.53
CA GLN C 138 22.68 4.17 6.52
C GLN C 138 22.03 2.81 6.68
N ARG C 139 21.06 2.70 7.61
CA ARG C 139 20.28 1.48 7.73
C ARG C 139 19.61 1.14 6.43
N GLY C 140 19.04 2.15 5.77
CA GLY C 140 18.45 1.92 4.47
C GLY C 140 19.44 1.39 3.45
N TYR C 141 20.66 1.94 3.47
CA TYR C 141 21.69 1.46 2.56
C TYR C 141 21.96 -0.03 2.78
N VAL C 142 22.06 -0.46 4.03
CA VAL C 142 22.27 -1.87 4.31
C VAL C 142 21.05 -2.70 3.88
N THR C 143 19.84 -2.17 4.12
CA THR C 143 18.65 -2.91 3.76
C THR C 143 18.54 -3.06 2.25
N ALA C 144 18.93 -2.03 1.51
CA ALA C 144 18.79 -2.06 0.06
C ALA C 144 19.94 -2.81 -0.59
N LEU C 145 21.16 -2.55 -0.13
CA LEU C 145 22.32 -3.19 -0.75
C LEU C 145 22.44 -4.64 -0.33
N GLY C 146 22.09 -4.96 0.91
CA GLY C 146 22.31 -6.28 1.45
C GLY C 146 21.82 -7.38 0.52
N PRO C 147 20.53 -7.37 0.18
CA PRO C 147 20.02 -8.43 -0.70
C PRO C 147 20.57 -8.36 -2.11
N GLU C 148 20.93 -7.17 -2.61
CA GLU C 148 21.52 -7.09 -3.94
C GLU C 148 22.90 -7.73 -3.94
N ALA C 149 23.72 -7.37 -2.96
CA ALA C 149 25.08 -7.89 -2.84
C ALA C 149 25.08 -9.37 -2.49
N ALA C 150 24.04 -9.85 -1.80
CA ALA C 150 24.02 -11.27 -1.41
C ALA C 150 23.94 -12.21 -2.61
N ARG C 151 23.37 -11.74 -3.73
CA ARG C 151 23.38 -12.53 -4.96
C ARG C 151 24.80 -12.82 -5.44
N HIS C 152 25.79 -12.07 -4.96
CA HIS C 152 27.20 -12.29 -5.23
C HIS C 152 27.93 -12.83 -4.00
N ASN C 153 27.20 -13.43 -3.07
CA ASN C 153 27.78 -14.01 -1.86
C ASN C 153 28.54 -12.97 -1.04
N VAL C 154 28.01 -11.74 -1.02
CA VAL C 154 28.56 -10.64 -0.24
C VAL C 154 27.60 -10.32 0.88
N ASN C 155 28.12 -10.25 2.11
CA ASN C 155 27.31 -9.93 3.28
C ASN C 155 27.48 -8.46 3.62
N VAL C 156 26.37 -7.76 3.77
CA VAL C 156 26.36 -6.37 4.22
C VAL C 156 25.42 -6.34 5.42
N ASN C 157 25.91 -5.90 6.57
CA ASN C 157 25.09 -5.81 7.77
C ASN C 157 25.40 -4.56 8.56
N PHE C 158 24.52 -4.26 9.50
CA PHE C 158 24.45 -2.97 10.17
C PHE C 158 24.42 -3.22 11.67
N ILE C 159 25.37 -2.64 12.40
CA ILE C 159 25.34 -2.67 13.86
C ILE C 159 24.68 -1.41 14.36
N ALA C 160 23.55 -1.57 15.03
CA ALA C 160 22.76 -0.43 15.49
C ALA C 160 23.10 -0.21 16.97
N GLN C 161 24.19 0.51 17.20
CA GLN C 161 24.71 0.67 18.56
C GLN C 161 24.10 1.88 19.25
N HIS C 162 24.13 1.82 20.57
CA HIS C 162 23.81 2.96 21.40
C HIS C 162 24.41 2.64 22.75
N TRP C 163 24.52 3.66 23.59
CA TRP C 163 24.99 3.45 24.96
C TRP C 163 26.33 2.72 24.96
N THR C 164 27.20 3.11 24.03
CA THR C 164 28.50 2.47 23.85
C THR C 164 29.59 3.52 23.99
N GLN C 165 30.67 3.15 24.67
CA GLN C 165 31.70 4.12 24.94
C GLN C 165 32.43 4.49 23.66
N ASN C 166 32.57 5.79 23.43
CA ASN C 166 33.26 6.35 22.27
C ASN C 166 33.38 7.85 22.52
N LYS C 167 34.24 8.49 21.72
CA LYS C 167 34.48 9.92 21.87
C LYS C 167 33.30 10.75 21.38
N GLU C 168 32.57 10.27 20.36
CA GLU C 168 31.59 11.12 19.69
C GLU C 168 30.27 11.21 20.43
N TYR C 169 29.86 10.15 21.11
CA TYR C 169 28.52 10.05 21.68
C TYR C 169 28.50 9.83 23.18
N PHE C 170 29.46 9.07 23.72
CA PHE C 170 29.44 8.68 25.13
C PHE C 170 30.85 8.84 25.69
N TRP C 171 31.35 10.07 25.63
CA TRP C 171 32.74 10.37 25.97
C TRP C 171 32.92 10.43 27.48
N PRO C 172 34.16 10.28 27.98
CA PRO C 172 34.34 10.08 29.43
C PRO C 172 33.70 11.14 30.31
N GLU C 173 33.84 12.42 29.95
CA GLU C 173 33.28 13.50 30.76
C GLU C 173 31.76 13.41 30.85
N ARG C 174 31.10 13.11 29.72
CA ARG C 174 29.65 13.03 29.71
C ARG C 174 29.13 11.90 30.59
N ILE C 175 29.80 10.73 30.55
CA ILE C 175 29.25 9.54 31.18
C ILE C 175 29.60 9.47 32.66
N ALA C 176 30.42 10.41 33.15
CA ALA C 176 30.92 10.37 34.53
C ALA C 176 29.90 10.88 35.54
N THR C 177 28.90 11.64 35.12
CA THR C 177 28.07 12.40 36.05
C THR C 177 26.95 11.54 36.62
N ASP C 178 26.57 11.84 37.87
CA ASP C 178 25.44 11.15 38.49
C ASP C 178 24.20 11.24 37.62
N GLU C 179 23.95 12.41 37.04
CA GLU C 179 22.76 12.59 36.24
C GLU C 179 22.76 11.63 35.06
N PHE C 180 23.90 11.54 34.37
CA PHE C 180 23.97 10.60 33.26
C PHE C 180 23.69 9.18 33.72
N LYS C 181 24.28 8.79 34.84
CA LYS C 181 24.17 7.40 35.26
C LYS C 181 22.75 7.06 35.67
N GLU C 182 22.03 8.00 36.30
CA GLU C 182 20.67 7.71 36.69
C GLU C 182 19.77 7.59 35.47
N ASP C 183 19.99 8.44 34.46
CA ASP C 183 19.20 8.33 33.24
C ASP C 183 19.52 7.01 32.51
N MET C 184 20.78 6.65 32.45
CA MET C 184 21.18 5.41 31.82
C MET C 184 20.56 4.21 32.52
N ALA C 185 20.56 4.21 33.85
CA ALA C 185 19.92 3.12 34.57
C ALA C 185 18.44 3.02 34.26
N ARG C 186 17.76 4.15 34.04
CA ARG C 186 16.35 4.07 33.70
C ARG C 186 16.15 3.52 32.28
N ARG C 187 17.00 3.91 31.34
CA ARG C 187 16.73 3.66 29.93
C ARG C 187 17.40 2.42 29.37
N VAL C 188 18.42 1.88 30.03
CA VAL C 188 19.16 0.74 29.51
C VAL C 188 18.87 -0.46 30.41
N PRO C 189 18.14 -1.47 29.93
CA PRO C 189 17.82 -2.62 30.78
C PRO C 189 19.06 -3.30 31.38
N LEU C 190 20.16 -3.38 30.65
CA LEU C 190 21.38 -3.97 31.21
C LEU C 190 22.03 -3.07 32.24
N GLY C 191 21.73 -1.78 32.24
CA GLY C 191 22.16 -0.92 33.32
C GLY C 191 23.61 -0.52 33.25
N ARG C 192 24.25 -0.70 32.11
CA ARG C 192 25.61 -0.24 31.92
C ARG C 192 25.79 0.08 30.45
N LEU C 193 26.87 0.77 30.18
CA LEU C 193 27.31 1.01 28.83
C LEU C 193 28.09 -0.19 28.33
N ALA C 194 28.15 -0.32 27.01
CA ALA C 194 29.03 -1.31 26.42
C ALA C 194 30.46 -0.79 26.37
N THR C 195 31.41 -1.72 26.39
CA THR C 195 32.78 -1.33 26.05
C THR C 195 32.95 -1.38 24.54
N ALA C 196 33.95 -0.64 24.07
CA ALA C 196 34.28 -0.65 22.66
C ALA C 196 34.69 -2.04 22.21
N ARG C 197 35.38 -2.78 23.08
CA ARG C 197 35.74 -4.16 22.74
C ARG C 197 34.50 -5.03 22.48
N GLU C 198 33.46 -4.88 23.31
CA GLU C 198 32.24 -5.63 23.08
C GLU C 198 31.67 -5.33 21.70
N HIS C 199 31.72 -4.06 21.29
CA HIS C 199 31.25 -3.71 19.97
C HIS C 199 32.09 -4.41 18.89
N ALA C 200 33.41 -4.38 19.06
CA ALA C 200 34.29 -5.05 18.10
C ALA C 200 34.05 -6.56 18.05
N LEU C 201 33.59 -7.17 19.15
CA LEU C 201 33.33 -8.61 19.10
C LEU C 201 32.09 -8.93 18.28
N LEU C 202 31.10 -8.03 18.28
CA LEU C 202 30.00 -8.26 17.36
C LEU C 202 30.46 -8.04 15.92
N ALA C 203 31.22 -6.97 15.69
CA ALA C 203 31.74 -6.73 14.35
C ALA C 203 32.58 -7.90 13.88
N LEU C 204 33.37 -8.48 14.77
CA LEU C 204 34.16 -9.66 14.41
C LEU C 204 33.28 -10.78 13.88
N PHE C 205 32.20 -11.09 14.59
CA PHE C 205 31.27 -12.11 14.13
C PHE C 205 30.77 -11.78 12.74
N LEU C 206 30.33 -10.53 12.53
CA LEU C 206 29.74 -10.15 11.24
C LEU C 206 30.77 -10.07 10.12
N ALA C 207 32.05 -9.86 10.44
CA ALA C 207 33.09 -9.81 9.43
C ALA C 207 33.65 -11.19 9.11
N SER C 208 33.48 -12.13 10.01
CA SER C 208 34.02 -13.47 9.85
C SER C 208 33.18 -14.29 8.88
N ASP C 209 33.73 -15.43 8.46
CA ASP C 209 32.94 -16.36 7.67
C ASP C 209 32.01 -17.22 8.54
N GLU C 210 31.85 -16.89 9.83
CA GLU C 210 30.84 -17.50 10.68
C GLU C 210 29.46 -16.93 10.46
N SER C 211 29.35 -15.85 9.68
CA SER C 211 28.10 -15.10 9.58
C SER C 211 27.63 -14.97 8.13
N ASP C 212 28.00 -15.91 7.26
CA ASP C 212 27.67 -15.78 5.84
C ASP C 212 26.18 -15.77 5.57
N PHE C 213 25.37 -16.30 6.45
CA PHE C 213 23.93 -16.35 6.23
C PHE C 213 23.21 -15.08 6.72
N ILE C 214 23.94 -14.12 7.28
CA ILE C 214 23.34 -12.88 7.76
C ILE C 214 23.41 -11.85 6.65
N VAL C 215 22.24 -11.38 6.18
CA VAL C 215 22.14 -10.58 4.96
C VAL C 215 21.27 -9.36 5.20
N GLY C 216 21.88 -8.17 5.15
CA GLY C 216 21.13 -6.92 5.17
C GLY C 216 20.46 -6.65 6.49
N LYS C 217 21.01 -7.17 7.59
CA LYS C 217 20.35 -7.11 8.88
C LYS C 217 20.86 -5.96 9.73
N SER C 218 20.00 -5.50 10.61
CA SER C 218 20.35 -4.53 11.64
C SER C 218 20.36 -5.24 12.98
N ILE C 219 21.52 -5.30 13.62
CA ILE C 219 21.64 -5.96 14.91
C ILE C 219 21.76 -4.89 15.98
N GLU C 220 20.79 -4.84 16.89
CA GLU C 220 20.74 -3.77 17.87
C GLU C 220 21.70 -4.07 19.00
N PHE C 221 22.62 -3.14 19.23
CA PHE C 221 23.72 -3.29 20.19
C PHE C 221 23.53 -2.17 21.19
N ASP C 222 22.60 -2.37 22.13
CA ASP C 222 22.14 -1.22 22.90
C ASP C 222 21.76 -1.59 24.32
N GLY C 223 22.18 -2.76 24.81
CA GLY C 223 21.81 -3.18 26.15
C GLY C 223 20.33 -3.38 26.39
N GLY C 224 19.53 -3.48 25.33
CA GLY C 224 18.08 -3.63 25.46
C GLY C 224 17.28 -2.36 25.25
N TRP C 225 17.95 -1.25 25.01
CA TRP C 225 17.28 0.06 25.00
C TRP C 225 16.11 0.08 24.03
N ALA C 226 16.31 -0.41 22.81
CA ALA C 226 15.24 -0.38 21.80
C ALA C 226 14.30 -1.57 21.88
N THR C 227 14.57 -2.53 22.76
CA THR C 227 13.73 -3.70 22.80
C THR C 227 12.30 -3.36 23.24
N GLY D 4 38.83 -22.23 24.04
CA GLY D 4 37.49 -22.43 23.51
C GLY D 4 36.60 -21.28 23.95
N ARG D 5 35.69 -20.85 23.09
CA ARG D 5 34.90 -19.66 23.38
C ARG D 5 33.82 -19.90 24.42
N LEU D 6 33.53 -21.16 24.76
CA LEU D 6 32.62 -21.50 25.84
C LEU D 6 33.35 -22.32 26.90
N ALA D 7 34.64 -22.02 27.10
CA ALA D 7 35.46 -22.83 28.00
C ALA D 7 34.89 -22.80 29.41
N GLY D 8 34.76 -23.98 30.02
CA GLY D 8 34.27 -24.11 31.38
C GLY D 8 32.77 -23.94 31.55
N LYS D 9 32.03 -23.67 30.48
CA LYS D 9 30.61 -23.39 30.59
C LYS D 9 29.79 -24.67 30.49
N ARG D 10 28.69 -24.72 31.23
CA ARG D 10 27.73 -25.81 31.17
C ARG D 10 26.47 -25.30 30.49
N VAL D 11 26.01 -26.04 29.49
CA VAL D 11 24.93 -25.61 28.59
C VAL D 11 23.81 -26.64 28.64
N LEU D 12 22.61 -26.20 29.01
CA LEU D 12 21.45 -27.07 28.95
C LEU D 12 20.79 -26.84 27.62
N LEU D 13 20.70 -27.89 26.81
CA LEU D 13 20.08 -27.84 25.50
C LEU D 13 18.81 -28.68 25.53
N THR D 14 17.66 -28.04 25.31
CA THR D 14 16.41 -28.77 25.24
C THR D 14 16.30 -29.51 23.91
N ASN D 15 15.54 -30.60 23.94
CA ASN D 15 15.20 -31.39 22.75
C ASN D 15 16.40 -31.53 21.82
N ALA D 16 17.46 -32.10 22.38
CA ALA D 16 18.79 -32.00 21.77
C ALA D 16 18.89 -32.71 20.43
N ASP D 17 18.04 -33.68 20.15
CA ASP D 17 18.03 -34.38 18.86
C ASP D 17 17.10 -33.74 17.84
N ALA D 18 16.35 -32.72 18.23
CA ALA D 18 15.41 -32.09 17.32
C ALA D 18 15.95 -30.77 16.80
N TYR D 19 15.34 -30.30 15.71
CA TYR D 19 15.59 -28.95 15.21
C TYR D 19 17.09 -28.67 15.09
N MET D 20 17.62 -27.66 15.79
CA MET D 20 19.00 -27.25 15.57
C MET D 20 19.94 -27.79 16.64
N GLY D 21 19.51 -28.81 17.38
CA GLY D 21 20.27 -29.24 18.54
C GLY D 21 21.60 -29.89 18.20
N GLU D 22 21.62 -30.77 17.18
CA GLU D 22 22.82 -31.56 16.91
C GLU D 22 24.01 -30.67 16.56
N ALA D 23 23.81 -29.67 15.71
CA ALA D 23 24.92 -28.79 15.38
C ALA D 23 25.32 -27.93 16.56
N THR D 24 24.38 -27.57 17.44
CA THR D 24 24.76 -26.86 18.65
C THR D 24 25.66 -27.71 19.54
N VAL D 25 25.30 -28.98 19.74
CA VAL D 25 26.19 -29.89 20.48
C VAL D 25 27.59 -29.86 19.89
N GLN D 26 27.69 -30.10 18.56
CA GLN D 26 29.01 -30.17 17.92
C GLN D 26 29.79 -28.88 18.10
N VAL D 27 29.20 -27.74 17.72
CA VAL D 27 29.93 -26.49 17.80
C VAL D 27 30.25 -26.11 19.24
N PHE D 28 29.28 -26.26 20.15
CA PHE D 28 29.51 -25.80 21.52
C PHE D 28 30.57 -26.66 22.21
N GLU D 29 30.52 -27.98 22.00
CA GLU D 29 31.57 -28.83 22.56
C GLU D 29 32.94 -28.54 21.95
N GLU D 30 32.99 -28.28 20.64
CA GLU D 30 34.24 -27.84 20.03
C GLU D 30 34.80 -26.62 20.74
N GLU D 31 33.93 -25.80 21.34
CA GLU D 31 34.36 -24.55 21.95
C GLU D 31 34.48 -24.68 23.46
N GLY D 32 34.52 -25.91 23.98
CA GLY D 32 34.84 -26.14 25.38
C GLY D 32 33.66 -26.30 26.31
N ALA D 33 32.44 -26.17 25.80
CA ALA D 33 31.27 -26.29 26.65
C ALA D 33 30.98 -27.75 27.02
N GLU D 34 30.48 -27.94 28.23
CA GLU D 34 29.81 -29.18 28.58
C GLU D 34 28.34 -29.01 28.22
N VAL D 35 27.87 -29.78 27.26
CA VAL D 35 26.50 -29.64 26.78
C VAL D 35 25.68 -30.76 27.38
N ILE D 36 24.76 -30.39 28.27
CA ILE D 36 23.73 -31.30 28.76
C ILE D 36 22.69 -31.43 27.66
N ALA D 37 22.71 -32.55 26.95
CA ALA D 37 21.81 -32.76 25.82
C ALA D 37 20.55 -33.41 26.34
N ASP D 38 19.53 -32.60 26.61
CA ASP D 38 18.31 -33.06 27.25
C ASP D 38 17.31 -33.48 26.20
N HIS D 39 16.59 -34.56 26.48
CA HIS D 39 15.54 -35.05 25.59
C HIS D 39 14.19 -35.10 26.30
N THR D 40 14.08 -34.44 27.45
CA THR D 40 12.84 -34.45 28.21
C THR D 40 11.73 -33.73 27.48
N ASP D 41 10.53 -34.31 27.53
CA ASP D 41 9.33 -33.72 26.95
C ASP D 41 8.86 -32.61 27.88
N LEU D 42 9.10 -31.36 27.51
CA LEU D 42 8.76 -30.24 28.37
C LEU D 42 7.32 -29.78 28.20
N THR D 43 6.49 -30.52 27.46
CA THR D 43 5.07 -30.21 27.45
C THR D 43 4.38 -30.65 28.73
N LYS D 44 5.08 -31.42 29.57
CA LYS D 44 4.52 -31.92 30.82
C LYS D 44 4.89 -30.97 31.94
N VAL D 45 3.88 -30.46 32.64
CA VAL D 45 4.10 -29.55 33.76
C VAL D 45 4.95 -30.24 34.80
N GLY D 46 5.95 -29.53 35.31
CA GLY D 46 6.87 -30.04 36.28
C GLY D 46 8.17 -30.52 35.67
N ALA D 47 8.15 -30.92 34.40
CA ALA D 47 9.34 -31.50 33.78
C ALA D 47 10.50 -30.52 33.77
N ALA D 48 10.25 -29.24 33.46
CA ALA D 48 11.34 -28.30 33.32
C ALA D 48 12.13 -28.14 34.63
N GLU D 49 11.43 -28.03 35.75
CA GLU D 49 12.12 -27.87 37.02
C GLU D 49 12.95 -29.11 37.33
N GLU D 50 12.42 -30.29 37.00
CA GLU D 50 13.17 -31.52 37.26
C GLU D 50 14.44 -31.58 36.41
N VAL D 51 14.35 -31.18 35.13
CA VAL D 51 15.53 -31.14 34.27
C VAL D 51 16.61 -30.25 34.86
N VAL D 52 16.23 -29.06 35.36
CA VAL D 52 17.22 -28.10 35.85
C VAL D 52 17.84 -28.57 37.14
N GLU D 53 17.04 -29.17 38.02
CA GLU D 53 17.59 -29.68 39.26
C GLU D 53 18.65 -30.76 38.98
N ARG D 54 18.32 -31.70 38.07
CA ARG D 54 19.29 -32.74 37.70
C ARG D 54 20.51 -32.15 37.02
N ALA D 55 20.31 -31.13 36.18
CA ALA D 55 21.43 -30.54 35.46
C ALA D 55 22.44 -29.88 36.38
N GLY D 56 21.99 -29.34 37.51
CA GLY D 56 22.92 -28.66 38.40
C GLY D 56 23.23 -27.25 37.92
N HIS D 57 24.51 -26.91 37.90
CA HIS D 57 24.92 -25.58 37.46
C HIS D 57 24.74 -25.44 35.96
N ILE D 58 24.02 -24.40 35.56
CA ILE D 58 23.79 -24.08 34.15
C ILE D 58 24.29 -22.68 33.89
N ASP D 59 25.14 -22.51 32.87
CA ASP D 59 25.55 -21.18 32.44
C ASP D 59 24.74 -20.66 31.28
N VAL D 60 24.26 -21.57 30.44
CA VAL D 60 23.59 -21.23 29.19
C VAL D 60 22.39 -22.16 29.04
N LEU D 61 21.22 -21.59 28.77
CA LEU D 61 20.06 -22.36 28.37
C LEU D 61 19.88 -22.16 26.88
N VAL D 62 19.88 -23.24 26.13
CA VAL D 62 19.49 -23.17 24.71
C VAL D 62 18.09 -23.70 24.59
N ALA D 63 17.14 -22.81 24.31
CA ALA D 63 15.73 -23.19 24.23
C ALA D 63 15.42 -23.59 22.80
N ASN D 64 15.51 -24.90 22.53
CA ASN D 64 15.43 -25.48 21.19
C ASN D 64 14.11 -26.24 21.13
N PHE D 65 13.11 -25.64 20.49
CA PHE D 65 11.80 -26.27 20.32
C PHE D 65 11.34 -26.20 18.86
N ALA D 66 10.65 -27.25 18.41
CA ALA D 66 10.15 -27.30 17.05
C ALA D 66 8.84 -28.05 17.00
N VAL D 67 8.01 -27.67 16.03
CA VAL D 67 6.76 -28.35 15.75
C VAL D 67 6.54 -28.28 14.24
N ASP D 68 5.87 -29.31 13.70
CA ASP D 68 5.51 -29.31 12.29
C ASP D 68 4.85 -27.97 11.92
N ALA D 69 5.38 -27.30 10.89
CA ALA D 69 4.77 -26.06 10.43
C ALA D 69 3.52 -26.32 9.61
N HIS D 70 3.30 -27.55 9.17
CA HIS D 70 2.18 -27.91 8.29
C HIS D 70 2.17 -27.00 7.06
N TRP D 71 3.30 -26.96 6.37
CA TRP D 71 3.45 -26.16 5.16
C TRP D 71 2.25 -26.31 4.23
N GLY D 72 1.66 -25.18 3.86
CA GLY D 72 0.57 -25.16 2.92
C GLY D 72 -0.81 -25.25 3.52
N VAL D 73 -0.95 -25.62 4.79
CA VAL D 73 -2.28 -25.70 5.38
C VAL D 73 -2.81 -24.28 5.59
N THR D 74 -4.05 -24.04 5.15
CA THR D 74 -4.60 -22.70 5.18
C THR D 74 -5.32 -22.44 6.50
N VAL D 75 -5.78 -21.19 6.67
CA VAL D 75 -6.45 -20.80 7.91
C VAL D 75 -7.67 -21.67 8.17
N LEU D 76 -8.45 -21.98 7.13
CA LEU D 76 -9.72 -22.70 7.34
C LEU D 76 -9.46 -24.16 7.68
N GLU D 77 -8.32 -24.69 7.25
CA GLU D 77 -7.89 -26.04 7.59
C GLU D 77 -7.07 -26.10 8.86
N THR D 78 -6.92 -24.99 9.56
CA THR D 78 -6.12 -24.99 10.79
C THR D 78 -7.10 -25.29 11.93
N ASP D 79 -7.27 -26.57 12.21
CA ASP D 79 -8.26 -27.01 13.17
C ASP D 79 -7.75 -26.80 14.60
N GLU D 80 -8.66 -26.95 15.54
CA GLU D 80 -8.36 -26.70 16.94
C GLU D 80 -7.13 -27.46 17.39
N GLU D 81 -7.01 -28.72 16.97
CA GLU D 81 -5.92 -29.58 17.42
C GLU D 81 -4.58 -29.09 16.88
N LEU D 82 -4.55 -28.78 15.59
CA LEU D 82 -3.31 -28.29 15.00
C LEU D 82 -2.86 -27.01 15.69
N TRP D 83 -3.82 -26.12 15.94
CA TRP D 83 -3.52 -24.86 16.62
C TRP D 83 -2.95 -25.08 18.01
N GLN D 84 -3.64 -25.88 18.83
CA GLN D 84 -3.17 -26.13 20.19
C GLN D 84 -1.79 -26.79 20.20
N THR D 85 -1.57 -27.74 19.28
CA THR D 85 -0.29 -28.43 19.27
C THR D 85 0.87 -27.46 19.05
N ALA D 86 0.67 -26.41 18.27
CA ALA D 86 1.77 -25.47 18.06
C ALA D 86 2.14 -24.77 19.37
N TYR D 87 1.13 -24.32 20.12
CA TYR D 87 1.38 -23.66 21.39
C TYR D 87 1.91 -24.65 22.43
N GLU D 88 1.32 -25.84 22.50
CA GLU D 88 1.79 -26.83 23.47
C GLU D 88 3.23 -27.20 23.23
N THR D 89 3.65 -27.30 21.97
CA THR D 89 4.97 -27.85 21.67
C THR D 89 6.08 -26.81 21.84
N ILE D 90 5.85 -25.56 21.44
CA ILE D 90 6.95 -24.60 21.40
C ILE D 90 6.71 -23.34 22.22
N VAL D 91 5.48 -23.05 22.67
CA VAL D 91 5.21 -21.80 23.39
C VAL D 91 5.22 -22.03 24.90
N HIS D 92 4.29 -22.84 25.39
CA HIS D 92 4.22 -23.06 26.84
C HIS D 92 5.50 -23.65 27.41
N PRO D 93 6.18 -24.63 26.79
CA PRO D 93 7.43 -25.12 27.37
C PRO D 93 8.51 -24.09 27.45
N LEU D 94 8.48 -23.08 26.56
CA LEU D 94 9.56 -22.11 26.60
C LEU D 94 9.55 -21.33 27.91
N HIS D 95 8.37 -20.88 28.36
CA HIS D 95 8.33 -20.21 29.66
C HIS D 95 8.67 -21.17 30.78
N ARG D 96 8.22 -22.42 30.68
CA ARG D 96 8.52 -23.36 31.76
C ARG D 96 10.01 -23.50 31.94
N ILE D 97 10.75 -23.60 30.84
CA ILE D 97 12.16 -23.91 31.01
C ILE D 97 12.94 -22.65 31.34
N CYS D 98 12.55 -21.49 30.81
CA CYS D 98 13.25 -20.28 31.22
C CYS D 98 12.96 -19.94 32.68
N ARG D 99 11.71 -20.06 33.10
CA ARG D 99 11.38 -19.79 34.50
C ARG D 99 12.17 -20.69 35.42
N ALA D 100 12.44 -21.93 34.97
CA ALA D 100 13.18 -22.87 35.80
C ALA D 100 14.66 -22.50 35.93
N VAL D 101 15.26 -21.92 34.89
CA VAL D 101 16.70 -21.66 34.93
CA VAL D 101 16.70 -21.66 34.92
C VAL D 101 17.02 -20.29 35.53
N LEU D 102 16.10 -19.33 35.41
CA LEU D 102 16.40 -17.99 35.89
C LEU D 102 16.79 -17.89 37.36
N PRO D 103 16.21 -18.64 38.31
CA PRO D 103 16.60 -18.42 39.71
C PRO D 103 18.11 -18.51 39.94
N GLN D 104 18.76 -19.53 39.37
CA GLN D 104 20.19 -19.59 39.62
C GLN D 104 20.95 -18.48 38.91
N PHE D 105 20.48 -18.06 37.73
CA PHE D 105 21.04 -16.86 37.09
C PHE D 105 20.88 -15.63 37.98
N TYR D 106 19.73 -15.50 38.64
CA TYR D 106 19.49 -14.32 39.48
C TYR D 106 20.38 -14.31 40.72
N GLU D 107 20.66 -15.48 41.31
CA GLU D 107 21.61 -15.51 42.42
C GLU D 107 22.98 -15.03 41.99
N ARG D 108 23.45 -15.49 40.82
CA ARG D 108 24.79 -15.14 40.38
C ARG D 108 24.83 -13.82 39.62
N ASN D 109 23.66 -13.27 39.27
CA ASN D 109 23.62 -12.09 38.43
CA ASN D 109 23.52 -12.12 38.38
C ASN D 109 24.40 -12.32 37.14
N LYS D 110 24.12 -13.44 36.49
CA LYS D 110 24.74 -13.81 35.22
C LYS D 110 23.95 -14.94 34.61
N GLY D 111 23.69 -14.85 33.30
CA GLY D 111 22.93 -15.88 32.63
C GLY D 111 22.92 -15.67 31.14
N LYS D 112 22.66 -16.75 30.40
CA LYS D 112 22.52 -16.74 28.95
C LYS D 112 21.34 -17.61 28.56
N ILE D 113 20.43 -17.07 27.78
CA ILE D 113 19.38 -17.87 27.17
C ILE D 113 19.36 -17.55 25.69
N VAL D 114 19.40 -18.59 24.86
CA VAL D 114 19.30 -18.46 23.40
C VAL D 114 18.10 -19.25 22.97
N VAL D 115 17.15 -18.59 22.31
CA VAL D 115 15.91 -19.20 21.90
C VAL D 115 16.00 -19.42 20.40
N TYR D 116 15.82 -20.68 19.98
CA TYR D 116 15.85 -21.02 18.55
C TYR D 116 14.46 -20.85 17.98
N GLY D 117 14.23 -19.67 17.41
CA GLY D 117 12.91 -19.32 16.87
C GLY D 117 12.86 -19.42 15.36
N SER D 118 12.12 -18.51 14.73
CA SER D 118 11.91 -18.60 13.30
C SER D 118 11.67 -17.20 12.75
N ALA D 119 12.05 -16.99 11.49
CA ALA D 119 11.67 -15.73 10.85
C ALA D 119 10.18 -15.70 10.54
N ALA D 120 9.45 -16.80 10.70
CA ALA D 120 8.00 -16.73 10.68
C ALA D 120 7.45 -15.91 11.85
N ALA D 121 8.27 -15.59 12.83
CA ALA D 121 7.90 -14.69 13.91
C ALA D 121 8.13 -13.24 13.54
N MET D 122 8.72 -12.99 12.36
CA MET D 122 9.07 -11.64 11.90
C MET D 122 8.22 -11.18 10.73
N ARG D 123 7.93 -12.06 9.77
CA ARG D 123 7.22 -11.67 8.56
C ARG D 123 6.28 -12.80 8.15
N TYR D 124 5.32 -12.45 7.31
CA TYR D 124 4.42 -13.43 6.74
C TYR D 124 5.18 -14.53 6.03
N THR D 125 4.84 -15.75 6.38
CA THR D 125 5.42 -16.97 5.83
C THR D 125 4.27 -17.76 5.22
N GLU D 126 4.25 -17.89 3.90
CA GLU D 126 3.06 -18.48 3.28
C GLU D 126 2.80 -19.89 3.78
N GLY D 127 1.55 -20.14 4.14
CA GLY D 127 1.10 -21.49 4.46
C GLY D 127 1.67 -22.04 5.74
N ALA D 128 1.70 -21.24 6.81
CA ALA D 128 2.24 -21.70 8.07
C ALA D 128 1.57 -20.99 9.24
N LEU D 129 0.25 -20.84 9.18
CA LEU D 129 -0.44 -19.89 10.06
C LEU D 129 -0.21 -20.18 11.54
N ALA D 130 -0.58 -21.37 12.01
CA ALA D 130 -0.48 -21.61 13.45
C ALA D 130 0.96 -21.56 13.91
N TYR D 131 1.87 -22.15 13.13
CA TYR D 131 3.28 -22.17 13.46
C TYR D 131 3.81 -20.74 13.59
N SER D 132 3.47 -19.90 12.62
CA SER D 132 3.92 -18.52 12.65
CA SER D 132 3.92 -18.52 12.65
C SER D 132 3.47 -17.82 13.93
N THR D 133 2.21 -18.01 14.34
CA THR D 133 1.75 -17.30 15.54
C THR D 133 2.45 -17.82 16.78
N ALA D 134 2.73 -19.12 16.83
CA ALA D 134 3.44 -19.67 17.97
C ALA D 134 4.89 -19.19 18.01
N ARG D 135 5.52 -19.03 16.85
CA ARG D 135 6.85 -18.44 16.85
C ARG D 135 6.80 -16.97 17.24
N PHE D 136 5.75 -16.25 16.81
CA PHE D 136 5.55 -14.88 17.30
C PHE D 136 5.47 -14.85 18.82
N ALA D 137 4.76 -15.81 19.43
CA ALA D 137 4.67 -15.81 20.88
C ALA D 137 6.05 -16.00 21.49
N GLN D 138 6.90 -16.83 20.86
CA GLN D 138 8.27 -17.00 21.37
C GLN D 138 9.09 -15.74 21.23
N ARG D 139 8.95 -15.04 20.10
CA ARG D 139 9.60 -13.76 19.94
C ARG D 139 9.13 -12.78 21.01
N GLY D 140 7.82 -12.78 21.25
CA GLY D 140 7.28 -11.97 22.33
C GLY D 140 7.88 -12.33 23.67
N TYR D 141 8.08 -13.63 23.92
CA TYR D 141 8.70 -14.03 25.19
C TYR D 141 10.09 -13.43 25.34
N VAL D 142 10.89 -13.44 24.27
CA VAL D 142 12.21 -12.88 24.37
C VAL D 142 12.14 -11.36 24.49
N THR D 143 11.19 -10.75 23.78
CA THR D 143 11.05 -9.30 23.84
C THR D 143 10.65 -8.86 25.23
N ALA D 144 9.74 -9.62 25.87
CA ALA D 144 9.26 -9.28 27.19
C ALA D 144 10.28 -9.66 28.26
N LEU D 145 10.83 -10.87 28.17
CA LEU D 145 11.73 -11.33 29.24
C LEU D 145 13.07 -10.64 29.15
N GLY D 146 13.59 -10.43 27.95
CA GLY D 146 14.93 -9.91 27.78
C GLY D 146 15.30 -8.74 28.67
N PRO D 147 14.52 -7.65 28.60
CA PRO D 147 14.83 -6.48 29.41
C PRO D 147 14.61 -6.70 30.89
N GLU D 148 13.66 -7.57 31.26
CA GLU D 148 13.44 -7.89 32.66
C GLU D 148 14.66 -8.63 33.23
N ALA D 149 15.11 -9.66 32.50
CA ALA D 149 16.27 -10.46 32.89
C ALA D 149 17.57 -9.67 32.82
N ALA D 150 17.67 -8.72 31.91
CA ALA D 150 18.90 -7.96 31.75
C ALA D 150 19.26 -7.15 33.00
N ARG D 151 18.26 -6.81 33.82
CA ARG D 151 18.56 -6.14 35.07
C ARG D 151 19.38 -7.02 35.99
N HIS D 152 19.29 -8.34 35.80
CA HIS D 152 20.13 -9.30 36.51
C HIS D 152 21.32 -9.77 35.68
N ASN D 153 21.73 -9.01 34.66
CA ASN D 153 22.88 -9.39 33.82
C ASN D 153 22.64 -10.72 33.11
N VAL D 154 21.39 -11.01 32.73
CA VAL D 154 21.04 -12.24 32.03
C VAL D 154 20.65 -11.85 30.61
N ASN D 155 21.26 -12.50 29.62
CA ASN D 155 20.94 -12.26 28.21
C ASN D 155 19.91 -13.28 27.71
N VAL D 156 18.86 -12.80 27.07
CA VAL D 156 17.85 -13.64 26.45
C VAL D 156 17.70 -13.10 25.04
N ASN D 157 17.95 -13.94 24.03
CA ASN D 157 17.88 -13.50 22.65
C ASN D 157 17.28 -14.59 21.79
N PHE D 158 16.85 -14.21 20.58
CA PHE D 158 15.99 -15.00 19.71
C PHE D 158 16.66 -15.10 18.36
N ILE D 159 16.95 -16.31 17.90
CA ILE D 159 17.38 -16.52 16.50
C ILE D 159 16.16 -16.77 15.61
N ALA D 160 15.94 -15.88 14.65
CA ALA D 160 14.76 -15.97 13.78
C ALA D 160 15.20 -16.62 12.48
N GLN D 161 15.24 -17.94 12.47
CA GLN D 161 15.80 -18.64 11.32
C GLN D 161 14.74 -18.94 10.27
N HIS D 162 15.23 -19.13 9.05
CA HIS D 162 14.44 -19.63 7.94
C HIS D 162 15.42 -20.19 6.94
N TRP D 163 14.93 -20.99 6.01
CA TRP D 163 15.76 -21.50 4.92
C TRP D 163 17.02 -22.16 5.45
N THR D 164 16.89 -22.91 6.55
CA THR D 164 18.02 -23.53 7.24
C THR D 164 17.79 -25.04 7.30
N GLN D 165 18.85 -25.83 7.08
CA GLN D 165 18.65 -27.27 6.96
C GLN D 165 18.31 -27.90 8.31
N ASN D 166 17.25 -28.69 8.33
CA ASN D 166 16.77 -29.37 9.53
C ASN D 166 15.71 -30.37 9.08
N LYS D 167 15.38 -31.29 9.98
CA LYS D 167 14.40 -32.32 9.67
C LYS D 167 12.99 -31.76 9.60
N GLU D 168 12.68 -30.71 10.36
CA GLU D 168 11.29 -30.31 10.54
C GLU D 168 10.77 -29.41 9.43
N TYR D 169 11.62 -28.61 8.83
CA TYR D 169 11.17 -27.56 7.91
C TYR D 169 11.81 -27.64 6.54
N PHE D 170 13.08 -28.04 6.47
CA PHE D 170 13.84 -28.07 5.22
C PHE D 170 14.62 -29.38 5.17
N TRP D 171 13.88 -30.48 5.08
CA TRP D 171 14.48 -31.81 5.16
C TRP D 171 15.03 -32.18 3.79
N PRO D 172 15.95 -33.17 3.73
CA PRO D 172 16.62 -33.43 2.45
C PRO D 172 15.68 -33.70 1.28
N GLU D 173 14.63 -34.50 1.46
CA GLU D 173 13.78 -34.82 0.32
C GLU D 173 13.08 -33.59 -0.20
N ARG D 174 12.68 -32.70 0.71
CA ARG D 174 11.93 -31.51 0.34
C ARG D 174 12.79 -30.53 -0.45
N ILE D 175 14.05 -30.39 -0.06
CA ILE D 175 14.92 -29.36 -0.65
C ILE D 175 15.65 -29.85 -1.88
N ALA D 176 15.48 -31.11 -2.27
CA ALA D 176 16.23 -31.66 -3.40
C ALA D 176 15.56 -31.40 -4.74
N THR D 177 14.31 -30.94 -4.76
CA THR D 177 13.60 -30.83 -6.02
C THR D 177 13.95 -29.54 -6.77
N ASP D 178 13.86 -29.60 -8.10
CA ASP D 178 14.10 -28.41 -8.90
C ASP D 178 13.12 -27.30 -8.53
N GLU D 179 11.85 -27.65 -8.30
CA GLU D 179 10.84 -26.66 -7.96
C GLU D 179 11.17 -25.96 -6.65
N PHE D 180 11.62 -26.71 -5.64
CA PHE D 180 12.06 -26.08 -4.40
C PHE D 180 13.22 -25.13 -4.67
N LYS D 181 14.20 -25.58 -5.44
CA LYS D 181 15.40 -24.79 -5.62
C LYS D 181 15.10 -23.52 -6.40
N GLU D 182 14.19 -23.58 -7.37
CA GLU D 182 13.78 -22.38 -8.10
C GLU D 182 13.04 -21.40 -7.21
N ASP D 183 12.17 -21.91 -6.33
CA ASP D 183 11.47 -21.02 -5.42
C ASP D 183 12.42 -20.38 -4.43
N MET D 184 13.39 -21.16 -3.97
CA MET D 184 14.34 -20.64 -2.99
C MET D 184 15.22 -19.57 -3.63
N ALA D 185 15.67 -19.80 -4.87
CA ALA D 185 16.45 -18.79 -5.57
C ALA D 185 15.69 -17.49 -5.71
N ARG D 186 14.37 -17.54 -5.90
CA ARG D 186 13.61 -16.30 -6.01
C ARG D 186 13.47 -15.60 -4.67
N ARG D 187 13.31 -16.36 -3.58
CA ARG D 187 12.92 -15.81 -2.29
C ARG D 187 14.09 -15.51 -1.36
N VAL D 188 15.24 -16.15 -1.56
CA VAL D 188 16.36 -16.04 -0.64
C VAL D 188 17.49 -15.31 -1.36
N PRO D 189 17.81 -14.07 -0.98
CA PRO D 189 18.82 -13.30 -1.71
C PRO D 189 20.17 -14.00 -1.78
N LEU D 190 20.57 -14.70 -0.72
CA LEU D 190 21.82 -15.44 -0.77
C LEU D 190 21.73 -16.64 -1.72
N GLY D 191 20.55 -17.12 -2.03
CA GLY D 191 20.44 -18.14 -3.07
C GLY D 191 20.81 -19.53 -2.62
N ARG D 192 20.86 -19.76 -1.31
CA ARG D 192 21.18 -21.08 -0.80
C ARG D 192 20.56 -21.22 0.59
N LEU D 193 20.47 -22.46 1.04
CA LEU D 193 20.09 -22.72 2.43
C LEU D 193 21.30 -22.53 3.34
N ALA D 194 21.01 -22.26 4.62
CA ALA D 194 22.06 -22.28 5.63
C ALA D 194 22.37 -23.71 6.05
N THR D 195 23.60 -23.94 6.49
CA THR D 195 23.87 -25.21 7.18
C THR D 195 23.48 -25.09 8.66
N ALA D 196 23.22 -26.24 9.27
CA ALA D 196 22.96 -26.29 10.71
C ALA D 196 24.15 -25.76 11.49
N ARG D 197 25.38 -26.02 11.02
CA ARG D 197 26.57 -25.47 11.67
C ARG D 197 26.59 -23.94 11.63
N GLU D 198 26.19 -23.34 10.51
CA GLU D 198 26.09 -21.90 10.47
C GLU D 198 25.14 -21.40 11.56
N HIS D 199 24.03 -22.09 11.74
CA HIS D 199 23.09 -21.67 12.78
C HIS D 199 23.77 -21.74 14.14
N ALA D 200 24.46 -22.84 14.40
CA ALA D 200 25.09 -23.01 15.70
C ALA D 200 26.18 -21.98 15.94
N LEU D 201 26.80 -21.48 14.88
CA LEU D 201 27.82 -20.45 15.05
C LEU D 201 27.21 -19.12 15.50
N LEU D 202 25.99 -18.82 15.05
CA LEU D 202 25.32 -17.64 15.58
C LEU D 202 24.92 -17.87 17.03
N ALA D 203 24.36 -19.05 17.32
CA ALA D 203 24.00 -19.38 18.69
C ALA D 203 25.22 -19.31 19.59
N LEU D 204 26.38 -19.76 19.08
CA LEU D 204 27.60 -19.69 19.86
C LEU D 204 27.92 -18.26 20.25
N PHE D 205 27.83 -17.34 19.28
CA PHE D 205 28.06 -15.96 19.62
C PHE D 205 27.14 -15.50 20.75
N LEU D 206 25.84 -15.79 20.61
CA LEU D 206 24.83 -15.31 21.58
C LEU D 206 24.94 -16.04 22.92
N ALA D 207 25.50 -17.25 22.96
CA ALA D 207 25.68 -17.97 24.20
C ALA D 207 26.96 -17.58 24.93
N SER D 208 27.93 -17.03 24.21
CA SER D 208 29.23 -16.66 24.75
C SER D 208 29.14 -15.34 25.51
N ASP D 209 30.17 -15.06 26.29
CA ASP D 209 30.29 -13.76 26.94
C ASP D 209 30.77 -12.68 26.02
N GLU D 210 30.86 -12.95 24.71
CA GLU D 210 31.16 -11.92 23.72
C GLU D 210 29.93 -11.10 23.37
N SER D 211 28.78 -11.48 23.86
CA SER D 211 27.52 -10.88 23.42
C SER D 211 26.71 -10.34 24.59
N ASP D 212 27.37 -9.96 25.69
CA ASP D 212 26.61 -9.55 26.88
C ASP D 212 25.75 -8.31 26.64
N PHE D 213 26.09 -7.49 25.64
CA PHE D 213 25.31 -6.28 25.41
C PHE D 213 24.10 -6.51 24.51
N ILE D 214 23.87 -7.73 24.05
CA ILE D 214 22.70 -8.03 23.21
C ILE D 214 21.57 -8.49 24.13
N VAL D 215 20.47 -7.74 24.15
CA VAL D 215 19.41 -7.96 25.13
C VAL D 215 18.04 -7.98 24.45
N GLY D 216 17.38 -9.11 24.50
CA GLY D 216 16.02 -9.24 24.01
C GLY D 216 15.86 -9.07 22.51
N LYS D 217 16.88 -9.42 21.73
CA LYS D 217 16.89 -9.14 20.31
C LYS D 217 16.48 -10.35 19.50
N SER D 218 15.88 -10.07 18.34
CA SER D 218 15.65 -11.08 17.32
C SER D 218 16.67 -10.86 16.22
N ILE D 219 17.52 -11.84 15.99
CA ILE D 219 18.48 -11.76 14.90
C ILE D 219 17.99 -12.65 13.77
N GLU D 220 17.76 -12.05 12.60
CA GLU D 220 17.19 -12.80 11.50
C GLU D 220 18.29 -13.59 10.79
N PHE D 221 18.05 -14.88 10.66
CA PHE D 221 19.03 -15.82 10.13
C PHE D 221 18.35 -16.47 8.94
N ASP D 222 18.35 -15.77 7.80
CA ASP D 222 17.43 -16.20 6.76
C ASP D 222 17.97 -15.90 5.37
N GLY D 223 19.27 -15.64 5.25
CA GLY D 223 19.88 -15.39 3.96
C GLY D 223 19.37 -14.13 3.30
N GLY D 224 18.68 -13.30 4.07
CA GLY D 224 18.14 -12.07 3.56
C GLY D 224 16.66 -12.12 3.28
N TRP D 225 16.00 -13.26 3.50
CA TRP D 225 14.62 -13.42 3.11
C TRP D 225 13.73 -12.29 3.64
N ALA D 226 13.87 -11.96 4.93
CA ALA D 226 12.95 -10.99 5.54
C ALA D 226 13.45 -9.56 5.40
N THR D 227 14.59 -9.36 4.79
CA THR D 227 15.17 -8.02 4.70
C THR D 227 14.29 -7.15 3.80
N ASN E 3 -4.12 40.66 -39.21
CA ASN E 3 -5.40 39.99 -39.13
C ASN E 3 -5.35 38.87 -38.10
N GLY E 4 -5.10 37.67 -38.59
CA GLY E 4 -5.14 36.39 -37.90
C GLY E 4 -6.38 35.62 -38.28
N ARG E 5 -6.29 34.29 -38.21
CA ARG E 5 -7.43 33.48 -38.63
C ARG E 5 -8.58 33.48 -37.63
N LEU E 6 -8.36 34.01 -36.42
CA LEU E 6 -9.42 34.19 -35.45
C LEU E 6 -9.59 35.66 -35.08
N ALA E 7 -9.23 36.55 -36.00
CA ALA E 7 -9.29 37.98 -35.73
C ALA E 7 -10.68 38.36 -35.23
N GLY E 8 -10.72 39.12 -34.14
CA GLY E 8 -11.98 39.62 -33.64
C GLY E 8 -12.82 38.62 -32.85
N LYS E 9 -12.35 37.38 -32.69
CA LYS E 9 -13.15 36.35 -32.07
C LYS E 9 -12.84 36.26 -30.59
N ARG E 10 -13.86 35.89 -29.83
CA ARG E 10 -13.71 35.67 -28.40
C ARG E 10 -13.94 34.19 -28.14
N VAL E 11 -12.99 33.58 -27.44
CA VAL E 11 -12.96 32.11 -27.29
C VAL E 11 -13.04 31.78 -25.80
N LEU E 12 -14.04 31.01 -25.42
CA LEU E 12 -14.15 30.54 -24.04
C LEU E 12 -13.48 29.16 -23.98
N LEU E 13 -12.42 29.04 -23.20
CA LEU E 13 -11.68 27.78 -23.08
C LEU E 13 -11.86 27.25 -21.66
N THR E 14 -12.46 26.06 -21.51
CA THR E 14 -12.62 25.48 -20.19
C THR E 14 -11.32 24.84 -19.70
N ASN E 15 -11.21 24.73 -18.38
CA ASN E 15 -10.06 24.10 -17.72
C ASN E 15 -8.75 24.45 -18.41
N ALA E 16 -8.49 25.76 -18.50
CA ALA E 16 -7.54 26.22 -19.51
C ALA E 16 -6.09 25.81 -19.22
N ASP E 17 -5.77 25.42 -17.98
CA ASP E 17 -4.43 24.96 -17.66
C ASP E 17 -4.28 23.46 -17.77
N ALA E 18 -5.36 22.75 -18.05
CA ALA E 18 -5.35 21.30 -18.11
C ALA E 18 -5.33 20.84 -19.57
N TYR E 19 -4.95 19.57 -19.75
CA TYR E 19 -5.04 18.87 -21.04
C TYR E 19 -4.43 19.69 -22.18
N MET E 20 -5.21 20.10 -23.16
CA MET E 20 -4.63 20.78 -24.31
C MET E 20 -4.85 22.29 -24.26
N GLY E 21 -5.14 22.83 -23.09
CA GLY E 21 -5.50 24.24 -23.00
C GLY E 21 -4.35 25.18 -23.30
N GLU E 22 -3.16 24.88 -22.80
CA GLU E 22 -2.06 25.84 -22.94
C GLU E 22 -1.71 26.09 -24.41
N ALA E 23 -1.66 25.03 -25.23
CA ALA E 23 -1.36 25.24 -26.65
C ALA E 23 -2.48 25.97 -27.36
N THR E 24 -3.74 25.74 -26.93
CA THR E 24 -4.85 26.46 -27.54
C THR E 24 -4.73 27.94 -27.25
N VAL E 25 -4.35 28.31 -26.02
CA VAL E 25 -4.18 29.72 -25.71
C VAL E 25 -3.12 30.31 -26.62
N GLN E 26 -1.98 29.63 -26.73
CA GLN E 26 -0.85 30.20 -27.47
C GLN E 26 -1.16 30.32 -28.95
N VAL E 27 -1.74 29.28 -29.56
CA VAL E 27 -2.05 29.33 -30.98
C VAL E 27 -3.21 30.27 -31.26
N PHE E 28 -4.27 30.17 -30.46
CA PHE E 28 -5.44 31.00 -30.76
C PHE E 28 -5.14 32.48 -30.57
N GLU E 29 -4.37 32.82 -29.53
CA GLU E 29 -3.99 34.22 -29.37
C GLU E 29 -3.10 34.68 -30.50
N GLU E 30 -2.21 33.79 -30.96
CA GLU E 30 -1.36 34.05 -32.12
C GLU E 30 -2.18 34.48 -33.32
N GLU E 31 -3.37 33.87 -33.47
CA GLU E 31 -4.25 34.11 -34.60
C GLU E 31 -5.29 35.17 -34.29
N GLY E 32 -5.07 35.97 -33.24
CA GLY E 32 -5.89 37.16 -33.03
C GLY E 32 -7.07 36.98 -32.10
N ALA E 33 -7.32 35.78 -31.59
CA ALA E 33 -8.43 35.59 -30.67
C ALA E 33 -8.14 36.20 -29.31
N GLU E 34 -9.22 36.63 -28.66
CA GLU E 34 -9.21 36.88 -27.23
C GLU E 34 -9.66 35.59 -26.56
N VAL E 35 -8.79 34.98 -25.76
CA VAL E 35 -9.11 33.68 -25.16
C VAL E 35 -9.44 33.90 -23.71
N ILE E 36 -10.68 33.59 -23.34
CA ILE E 36 -11.13 33.65 -21.96
C ILE E 36 -10.71 32.32 -21.32
N ALA E 37 -9.65 32.36 -20.52
CA ALA E 37 -9.04 31.15 -19.99
C ALA E 37 -9.75 30.84 -18.68
N ASP E 38 -10.73 29.95 -18.73
CA ASP E 38 -11.54 29.67 -17.54
C ASP E 38 -10.96 28.49 -16.77
N HIS E 39 -11.02 28.58 -15.44
CA HIS E 39 -10.52 27.51 -14.59
C HIS E 39 -11.61 26.97 -13.68
N THR E 40 -12.86 27.28 -13.99
CA THR E 40 -13.97 26.90 -13.13
C THR E 40 -14.18 25.39 -13.14
N ASP E 41 -14.53 24.87 -11.96
CA ASP E 41 -14.88 23.45 -11.81
C ASP E 41 -16.31 23.28 -12.32
N LEU E 42 -16.47 22.72 -13.51
CA LEU E 42 -17.80 22.62 -14.10
C LEU E 42 -18.51 21.33 -13.69
N THR E 43 -17.95 20.60 -12.72
CA THR E 43 -18.75 19.52 -12.11
C THR E 43 -19.82 20.07 -11.16
N LYS E 44 -19.73 21.34 -10.80
CA LYS E 44 -20.73 21.97 -9.95
C LYS E 44 -21.90 22.48 -10.80
N VAL E 45 -23.10 22.00 -10.46
CA VAL E 45 -24.28 22.46 -11.16
C VAL E 45 -24.45 23.96 -10.96
N GLY E 46 -24.76 24.66 -12.05
CA GLY E 46 -24.87 26.09 -12.06
C GLY E 46 -23.61 26.81 -12.49
N ALA E 47 -22.45 26.17 -12.40
CA ALA E 47 -21.21 26.87 -12.69
C ALA E 47 -21.12 27.27 -14.16
N ALA E 48 -21.52 26.37 -15.07
CA ALA E 48 -21.42 26.68 -16.49
C ALA E 48 -22.15 27.97 -16.84
N GLU E 49 -23.39 28.12 -16.35
CA GLU E 49 -24.15 29.34 -16.64
C GLU E 49 -23.45 30.57 -16.09
N GLU E 50 -22.83 30.44 -14.92
CA GLU E 50 -22.12 31.58 -14.34
C GLU E 50 -20.92 31.95 -15.18
N VAL E 51 -20.18 30.95 -15.67
CA VAL E 51 -19.02 31.20 -16.49
C VAL E 51 -19.42 31.92 -17.77
N VAL E 52 -20.50 31.48 -18.40
CA VAL E 52 -20.94 32.09 -19.66
C VAL E 52 -21.46 33.48 -19.42
N GLU E 53 -22.23 33.68 -18.34
CA GLU E 53 -22.72 35.02 -18.05
C GLU E 53 -21.55 35.97 -17.82
N ARG E 54 -20.51 35.50 -17.15
CA ARG E 54 -19.32 36.32 -16.93
C ARG E 54 -18.55 36.57 -18.23
N ALA E 55 -18.57 35.63 -19.17
CA ALA E 55 -17.79 35.76 -20.39
C ALA E 55 -18.39 36.78 -21.34
N GLY E 56 -19.71 36.96 -21.34
CA GLY E 56 -20.31 37.87 -22.31
C GLY E 56 -20.35 37.24 -23.68
N HIS E 57 -19.98 38.00 -24.71
CA HIS E 57 -20.07 37.53 -26.09
C HIS E 57 -19.00 36.47 -26.37
N ILE E 58 -19.44 35.27 -26.74
CA ILE E 58 -18.55 34.16 -27.04
C ILE E 58 -18.77 33.77 -28.49
N ASP E 59 -17.69 33.63 -29.27
CA ASP E 59 -17.79 33.12 -30.63
C ASP E 59 -17.46 31.66 -30.72
N VAL E 60 -16.60 31.20 -29.84
CA VAL E 60 -16.07 29.83 -29.89
C VAL E 60 -16.03 29.33 -28.46
N LEU E 61 -16.53 28.11 -28.24
CA LEU E 61 -16.36 27.41 -26.98
C LEU E 61 -15.40 26.27 -27.23
N VAL E 62 -14.34 26.18 -26.44
CA VAL E 62 -13.42 25.03 -26.51
C VAL E 62 -13.67 24.22 -25.26
N ALA E 63 -14.27 23.04 -25.44
CA ALA E 63 -14.69 22.16 -24.37
C ALA E 63 -13.52 21.22 -24.09
N ASN E 64 -12.66 21.65 -23.19
CA ASN E 64 -11.40 21.01 -22.86
C ASN E 64 -11.58 20.37 -21.48
N PHE E 65 -11.72 19.04 -21.45
CA PHE E 65 -11.92 18.32 -20.21
C PHE E 65 -11.04 17.08 -20.20
N ALA E 66 -10.51 16.76 -19.03
CA ALA E 66 -9.69 15.56 -18.94
C ALA E 66 -9.85 14.93 -17.57
N VAL E 67 -9.54 13.64 -17.50
CA VAL E 67 -9.59 12.90 -16.25
C VAL E 67 -8.55 11.81 -16.37
N ASP E 68 -7.98 11.41 -15.25
CA ASP E 68 -6.99 10.34 -15.32
C ASP E 68 -7.58 9.12 -16.02
N ALA E 69 -6.81 8.58 -16.96
CA ALA E 69 -7.25 7.40 -17.71
C ALA E 69 -7.15 6.13 -16.89
N HIS E 70 -6.41 6.17 -15.79
CA HIS E 70 -6.16 4.97 -14.99
C HIS E 70 -5.60 3.87 -15.88
N TRP E 71 -4.60 4.25 -16.66
CA TRP E 71 -3.97 3.32 -17.60
C TRP E 71 -3.57 2.06 -16.89
N GLY E 72 -4.03 0.93 -17.42
CA GLY E 72 -3.71 -0.38 -16.92
C GLY E 72 -4.78 -1.00 -16.05
N VAL E 73 -5.68 -0.19 -15.48
CA VAL E 73 -6.76 -0.73 -14.65
C VAL E 73 -7.75 -1.45 -15.55
N THR E 74 -8.10 -2.69 -15.19
CA THR E 74 -9.00 -3.49 -16.00
C THR E 74 -10.39 -3.48 -15.39
N VAL E 75 -11.32 -4.18 -16.05
CA VAL E 75 -12.73 -4.02 -15.73
C VAL E 75 -13.01 -4.38 -14.27
N LEU E 76 -12.36 -5.42 -13.74
CA LEU E 76 -12.71 -5.87 -12.39
C LEU E 76 -12.25 -4.90 -11.32
N GLU E 77 -11.21 -4.11 -11.63
CA GLU E 77 -10.69 -3.12 -10.71
C GLU E 77 -11.28 -1.74 -10.97
N THR E 78 -12.21 -1.62 -11.92
CA THR E 78 -12.84 -0.33 -12.22
C THR E 78 -13.98 -0.17 -11.24
N ASP E 79 -13.66 0.34 -10.06
CA ASP E 79 -14.64 0.41 -8.99
C ASP E 79 -15.63 1.54 -9.25
N GLU E 80 -16.69 1.55 -8.45
CA GLU E 80 -17.78 2.51 -8.62
C GLU E 80 -17.27 3.96 -8.64
N GLU E 81 -16.38 4.29 -7.71
CA GLU E 81 -15.90 5.67 -7.62
C GLU E 81 -15.12 6.06 -8.86
N LEU E 82 -14.25 5.17 -9.33
CA LEU E 82 -13.45 5.46 -10.51
C LEU E 82 -14.37 5.66 -11.71
N TRP E 83 -15.37 4.80 -11.85
CA TRP E 83 -16.32 4.91 -12.95
C TRP E 83 -17.08 6.24 -12.89
N GLN E 84 -17.64 6.59 -11.73
CA GLN E 84 -18.43 7.82 -11.64
C GLN E 84 -17.56 9.04 -11.91
N THR E 85 -16.32 9.03 -11.42
CA THR E 85 -15.46 10.19 -11.60
C THR E 85 -15.20 10.47 -13.07
N ALA E 86 -15.11 9.42 -13.89
CA ALA E 86 -14.89 9.65 -15.32
C ALA E 86 -16.05 10.44 -15.91
N TYR E 87 -17.28 10.03 -15.60
CA TYR E 87 -18.44 10.73 -16.08
C TYR E 87 -18.57 12.12 -15.46
N GLU E 88 -18.31 12.23 -14.16
CA GLU E 88 -18.47 13.54 -13.51
C GLU E 88 -17.50 14.54 -14.08
N THR E 89 -16.32 14.08 -14.47
CA THR E 89 -15.26 15.01 -14.83
C THR E 89 -15.37 15.46 -16.28
N ILE E 90 -15.73 14.58 -17.22
CA ILE E 90 -15.65 14.95 -18.63
C ILE E 90 -16.96 14.79 -19.38
N VAL E 91 -17.98 14.15 -18.81
CA VAL E 91 -19.22 13.93 -19.56
C VAL E 91 -20.28 14.94 -19.13
N HIS E 92 -20.69 14.90 -17.87
CA HIS E 92 -21.78 15.79 -17.47
C HIS E 92 -21.42 17.25 -17.65
N PRO E 93 -20.18 17.69 -17.38
CA PRO E 93 -19.85 19.11 -17.60
C PRO E 93 -19.92 19.51 -19.06
N LEU E 94 -19.69 18.58 -19.98
CA LEU E 94 -19.71 18.92 -21.40
C LEU E 94 -21.08 19.43 -21.80
N HIS E 95 -22.14 18.72 -21.42
CA HIS E 95 -23.47 19.21 -21.77
C HIS E 95 -23.78 20.50 -21.03
N ARG E 96 -23.33 20.62 -19.78
CA ARG E 96 -23.63 21.84 -19.04
C ARG E 96 -23.06 23.05 -19.75
N ILE E 97 -21.81 22.95 -20.20
CA ILE E 97 -21.21 24.16 -20.74
C ILE E 97 -21.74 24.41 -22.15
N CYS E 98 -22.02 23.35 -22.92
CA CYS E 98 -22.55 23.60 -24.27
C CYS E 98 -23.96 24.15 -24.21
N ARG E 99 -24.80 23.57 -23.35
CA ARG E 99 -26.15 24.11 -23.18
C ARG E 99 -26.10 25.57 -22.72
N ALA E 100 -25.07 25.94 -21.95
CA ALA E 100 -24.97 27.31 -21.47
C ALA E 100 -24.61 28.30 -22.57
N VAL E 101 -23.80 27.89 -23.54
CA VAL E 101 -23.37 28.81 -24.59
CA VAL E 101 -23.37 28.81 -24.60
C VAL E 101 -24.34 28.84 -25.76
N LEU E 102 -25.10 27.77 -25.99
CA LEU E 102 -25.92 27.73 -27.21
C LEU E 102 -26.95 28.85 -27.32
N PRO E 103 -27.63 29.31 -26.25
CA PRO E 103 -28.63 30.36 -26.48
C PRO E 103 -28.09 31.54 -27.26
N GLN E 104 -26.91 32.04 -26.90
CA GLN E 104 -26.39 33.21 -27.62
C GLN E 104 -25.97 32.87 -29.04
N PHE E 105 -25.43 31.66 -29.26
CA PHE E 105 -25.17 31.19 -30.62
C PHE E 105 -26.46 31.15 -31.45
N TYR E 106 -27.53 30.65 -30.86
CA TYR E 106 -28.79 30.55 -31.58
C TYR E 106 -29.38 31.92 -31.86
N GLU E 107 -29.24 32.83 -30.92
CA GLU E 107 -29.71 34.19 -31.12
C GLU E 107 -29.04 34.84 -32.32
N ARG E 108 -27.72 34.63 -32.49
CA ARG E 108 -26.97 35.18 -33.61
C ARG E 108 -26.91 34.26 -34.81
N ASN E 109 -27.49 33.06 -34.73
CA ASN E 109 -27.40 32.06 -35.79
C ASN E 109 -25.95 31.86 -36.24
N LYS E 110 -25.08 31.68 -35.26
CA LYS E 110 -23.67 31.44 -35.55
C LYS E 110 -22.98 30.98 -34.28
N GLY E 111 -22.14 29.96 -34.38
CA GLY E 111 -21.38 29.52 -33.23
C GLY E 111 -20.40 28.44 -33.59
N LYS E 112 -19.41 28.25 -32.71
CA LYS E 112 -18.40 27.21 -32.88
C LYS E 112 -18.17 26.50 -31.55
N ILE E 113 -18.17 25.17 -31.57
CA ILE E 113 -17.79 24.40 -30.39
C ILE E 113 -16.77 23.38 -30.85
N VAL E 114 -15.63 23.32 -30.17
CA VAL E 114 -14.65 22.28 -30.44
C VAL E 114 -14.51 21.50 -29.16
N VAL E 115 -14.73 20.18 -29.23
CA VAL E 115 -14.62 19.30 -28.07
C VAL E 115 -13.29 18.57 -28.14
N TYR E 116 -12.49 18.65 -27.08
CA TYR E 116 -11.21 17.96 -27.11
C TYR E 116 -11.40 16.57 -26.50
N GLY E 117 -11.54 15.57 -27.36
CA GLY E 117 -11.83 14.23 -26.90
C GLY E 117 -10.65 13.33 -27.06
N SER E 118 -10.86 12.11 -27.51
CA SER E 118 -9.81 11.10 -27.48
C SER E 118 -10.11 10.06 -28.53
N ALA E 119 -9.05 9.48 -29.10
CA ALA E 119 -9.27 8.34 -29.97
C ALA E 119 -9.79 7.13 -29.18
N ALA E 120 -9.74 7.17 -27.84
CA ALA E 120 -10.40 6.14 -27.04
C ALA E 120 -11.91 6.15 -27.21
N ALA E 121 -12.46 7.18 -27.85
CA ALA E 121 -13.86 7.22 -28.21
C ALA E 121 -14.12 6.58 -29.56
N MET E 122 -13.07 6.14 -30.26
CA MET E 122 -13.18 5.61 -31.61
C MET E 122 -12.84 4.14 -31.69
N ARG E 123 -11.86 3.67 -30.92
CA ARG E 123 -11.42 2.29 -31.02
C ARG E 123 -10.96 1.83 -29.65
N TYR E 124 -10.92 0.51 -29.49
CA TYR E 124 -10.39 -0.08 -28.27
C TYR E 124 -9.01 0.44 -27.93
N THR E 125 -8.88 0.88 -26.69
CA THR E 125 -7.66 1.45 -26.14
C THR E 125 -7.35 0.62 -24.90
N GLU E 126 -6.26 -0.15 -24.95
CA GLU E 126 -6.00 -1.12 -23.89
C GLU E 126 -5.85 -0.45 -22.54
N GLY E 127 -6.51 -1.02 -21.53
CA GLY E 127 -6.32 -0.59 -20.16
C GLY E 127 -6.89 0.75 -19.82
N ALA E 128 -8.03 1.13 -20.41
CA ALA E 128 -8.59 2.47 -20.18
C ALA E 128 -10.12 2.44 -20.16
N LEU E 129 -10.72 1.45 -19.49
CA LEU E 129 -12.14 1.15 -19.68
C LEU E 129 -13.04 2.34 -19.34
N ALA E 130 -13.02 2.81 -18.09
CA ALA E 130 -13.99 3.85 -17.76
C ALA E 130 -13.75 5.11 -18.58
N TYR E 131 -12.49 5.47 -18.74
CA TYR E 131 -12.10 6.65 -19.50
C TYR E 131 -12.61 6.55 -20.93
N SER E 132 -12.38 5.40 -21.57
CA SER E 132 -12.83 5.20 -22.95
CA SER E 132 -12.84 5.21 -22.95
C SER E 132 -14.35 5.40 -23.06
N THR E 133 -15.13 4.84 -22.13
CA THR E 133 -16.58 4.97 -22.27
C THR E 133 -17.02 6.42 -22.10
N ALA E 134 -16.32 7.16 -21.24
CA ALA E 134 -16.67 8.55 -21.02
C ALA E 134 -16.33 9.38 -22.24
N ARG E 135 -15.21 9.05 -22.90
CA ARG E 135 -14.89 9.75 -24.13
C ARG E 135 -15.88 9.37 -25.25
N PHE E 136 -16.30 8.11 -25.30
CA PHE E 136 -17.39 7.74 -26.22
C PHE E 136 -18.64 8.59 -25.97
N ALA E 137 -18.99 8.83 -24.71
CA ALA E 137 -20.13 9.68 -24.40
C ALA E 137 -19.93 11.07 -24.96
N GLN E 138 -18.72 11.61 -24.84
CA GLN E 138 -18.42 12.91 -25.43
C GLN E 138 -18.56 12.87 -26.94
N ARG E 139 -18.05 11.82 -27.59
CA ARG E 139 -18.20 11.69 -29.03
C ARG E 139 -19.67 11.63 -29.40
N GLY E 140 -20.48 10.95 -28.56
CA GLY E 140 -21.90 10.90 -28.83
C GLY E 140 -22.54 12.25 -28.68
N TYR E 141 -22.05 13.05 -27.72
CA TYR E 141 -22.58 14.39 -27.57
C TYR E 141 -22.35 15.19 -28.83
N VAL E 142 -21.17 15.06 -29.44
CA VAL E 142 -20.91 15.82 -30.67
C VAL E 142 -21.74 15.29 -31.82
N THR E 143 -21.86 13.97 -31.92
CA THR E 143 -22.63 13.35 -32.99
C THR E 143 -24.08 13.75 -32.91
N ALA E 144 -24.61 13.83 -31.70
CA ALA E 144 -26.01 14.16 -31.56
C ALA E 144 -26.24 15.67 -31.62
N LEU E 145 -25.40 16.45 -30.95
CA LEU E 145 -25.66 17.88 -30.94
C LEU E 145 -25.33 18.51 -32.27
N GLY E 146 -24.28 18.04 -32.94
CA GLY E 146 -23.78 18.71 -34.12
C GLY E 146 -24.84 18.99 -35.16
N PRO E 147 -25.56 17.96 -35.58
CA PRO E 147 -26.57 18.19 -36.64
C PRO E 147 -27.75 19.01 -36.15
N GLU E 148 -28.11 18.91 -34.86
CA GLU E 148 -29.15 19.76 -34.29
C GLU E 148 -28.71 21.22 -34.29
N ALA E 149 -27.51 21.47 -33.79
CA ALA E 149 -27.01 22.84 -33.71
C ALA E 149 -26.71 23.43 -35.09
N ALA E 150 -26.41 22.57 -36.06
CA ALA E 150 -26.11 23.03 -37.41
C ALA E 150 -27.30 23.74 -38.04
N ARG E 151 -28.51 23.41 -37.60
CA ARG E 151 -29.68 24.12 -38.13
C ARG E 151 -29.62 25.60 -37.79
N HIS E 152 -28.86 25.98 -36.77
CA HIS E 152 -28.66 27.37 -36.39
C HIS E 152 -27.28 27.87 -36.76
N ASN E 153 -26.64 27.22 -37.74
CA ASN E 153 -25.33 27.64 -38.24
C ASN E 153 -24.28 27.59 -37.12
N VAL E 154 -24.41 26.61 -36.24
CA VAL E 154 -23.43 26.37 -35.18
C VAL E 154 -22.70 25.07 -35.50
N ASN E 155 -21.36 25.11 -35.47
CA ASN E 155 -20.56 23.91 -35.70
C ASN E 155 -20.15 23.31 -34.38
N VAL E 156 -20.33 22.00 -34.24
CA VAL E 156 -19.85 21.26 -33.09
C VAL E 156 -19.06 20.09 -33.64
N ASN E 157 -17.78 19.99 -33.25
CA ASN E 157 -16.92 18.92 -33.75
C ASN E 157 -16.05 18.43 -32.61
N PHE E 158 -15.46 17.26 -32.85
CA PHE E 158 -14.76 16.48 -31.85
C PHE E 158 -13.39 16.10 -32.35
N ILE E 159 -12.34 16.43 -31.59
CA ILE E 159 -10.99 16.02 -31.93
C ILE E 159 -10.68 14.76 -31.13
N ALA E 160 -10.51 13.65 -31.83
CA ALA E 160 -10.27 12.37 -31.16
C ALA E 160 -8.77 12.14 -31.12
N GLN E 161 -8.10 12.70 -30.10
CA GLN E 161 -6.64 12.64 -30.07
C GLN E 161 -6.13 11.40 -29.35
N HIS E 162 -4.91 11.04 -29.70
CA HIS E 162 -4.18 10.00 -28.99
C HIS E 162 -2.73 10.25 -29.32
N TRP E 163 -1.83 9.66 -28.52
CA TRP E 163 -0.39 9.78 -28.77
C TRP E 163 0.01 11.24 -28.93
N THR E 164 -0.55 12.09 -28.09
CA THR E 164 -0.31 13.52 -28.13
C THR E 164 0.30 13.96 -26.81
N GLN E 165 1.34 14.80 -26.89
CA GLN E 165 2.00 15.24 -25.66
C GLN E 165 1.06 16.03 -24.76
N ASN E 166 1.00 15.62 -23.48
CA ASN E 166 0.22 16.32 -22.48
C ASN E 166 0.64 15.74 -21.13
N LYS E 167 0.28 16.47 -20.07
CA LYS E 167 0.63 16.01 -18.73
C LYS E 167 -0.19 14.81 -18.30
N GLU E 168 -1.42 14.69 -18.81
CA GLU E 168 -2.32 13.69 -18.27
C GLU E 168 -2.02 12.30 -18.79
N TYR E 169 -1.63 12.20 -20.05
CA TYR E 169 -1.59 10.92 -20.74
C TYR E 169 -0.24 10.59 -21.33
N PHE E 170 0.49 11.56 -21.88
CA PHE E 170 1.76 11.30 -22.54
C PHE E 170 2.78 12.32 -22.04
N TRP E 171 3.15 12.18 -20.76
CA TRP E 171 3.97 13.16 -20.08
C TRP E 171 5.44 12.85 -20.32
N PRO E 172 6.31 13.84 -20.09
CA PRO E 172 7.70 13.68 -20.55
C PRO E 172 8.38 12.43 -20.01
N GLU E 173 8.17 12.12 -18.73
CA GLU E 173 8.91 10.98 -18.19
C GLU E 173 8.44 9.68 -18.81
N ARG E 174 7.14 9.57 -19.09
CA ARG E 174 6.62 8.38 -19.74
C ARG E 174 7.23 8.19 -21.12
N ILE E 175 7.21 9.25 -21.94
CA ILE E 175 7.56 9.04 -23.34
C ILE E 175 9.05 8.95 -23.57
N ALA E 176 9.85 9.19 -22.53
CA ALA E 176 11.30 9.09 -22.66
C ALA E 176 11.83 7.66 -22.60
N THR E 177 11.02 6.69 -22.14
CA THR E 177 11.56 5.35 -21.92
C THR E 177 11.73 4.56 -23.22
N ASP E 178 12.65 3.59 -23.16
CA ASP E 178 12.84 2.72 -24.33
C ASP E 178 11.60 1.90 -24.60
N GLU E 179 10.90 1.49 -23.54
CA GLU E 179 9.71 0.68 -23.72
C GLU E 179 8.62 1.47 -24.39
N PHE E 180 8.47 2.73 -23.99
CA PHE E 180 7.47 3.57 -24.66
C PHE E 180 7.81 3.76 -26.12
N LYS E 181 9.06 4.13 -26.42
CA LYS E 181 9.47 4.36 -27.80
C LYS E 181 9.26 3.12 -28.67
N GLU E 182 9.50 1.94 -28.11
CA GLU E 182 9.24 0.71 -28.85
C GLU E 182 7.76 0.55 -29.13
N ASP E 183 6.92 0.86 -28.14
CA ASP E 183 5.49 0.68 -28.34
C ASP E 183 4.95 1.70 -29.33
N MET E 184 5.43 2.94 -29.25
CA MET E 184 5.04 3.97 -30.21
C MET E 184 5.44 3.57 -31.62
N ALA E 185 6.65 3.02 -31.81
CA ALA E 185 7.09 2.62 -33.15
C ALA E 185 6.20 1.51 -33.70
N ARG E 186 5.71 0.63 -32.82
CA ARG E 186 4.85 -0.45 -33.25
C ARG E 186 3.45 0.07 -33.60
N ARG E 187 2.89 0.97 -32.80
CA ARG E 187 1.46 1.24 -32.86
C ARG E 187 1.09 2.52 -33.57
N VAL E 188 2.02 3.45 -33.75
CA VAL E 188 1.70 4.76 -34.34
C VAL E 188 2.34 4.82 -35.71
N PRO E 189 1.56 4.80 -36.80
CA PRO E 189 2.19 4.73 -38.12
C PRO E 189 3.18 5.84 -38.39
N LEU E 190 2.86 7.05 -37.92
CA LEU E 190 3.76 8.17 -38.13
C LEU E 190 5.04 8.02 -37.32
N GLY E 191 5.00 7.25 -36.24
CA GLY E 191 6.23 6.92 -35.55
C GLY E 191 6.69 7.98 -34.58
N ARG E 192 5.84 8.95 -34.27
CA ARG E 192 6.16 9.98 -33.29
C ARG E 192 4.87 10.43 -32.65
N LEU E 193 5.02 11.18 -31.57
CA LEU E 193 3.88 11.81 -30.91
C LEU E 193 3.58 13.15 -31.55
N ALA E 194 2.33 13.59 -31.42
CA ALA E 194 1.99 14.96 -31.81
C ALA E 194 2.44 15.93 -30.74
N THR E 195 2.81 17.13 -31.18
CA THR E 195 2.98 18.21 -30.20
C THR E 195 1.64 18.85 -29.88
N ALA E 196 1.59 19.52 -28.72
CA ALA E 196 0.37 20.20 -28.35
C ALA E 196 0.02 21.29 -29.37
N ARG E 197 1.05 21.90 -29.97
CA ARG E 197 0.78 22.91 -31.00
C ARG E 197 0.06 22.28 -32.18
N GLU E 198 0.48 21.08 -32.59
CA GLU E 198 -0.18 20.43 -33.71
C GLU E 198 -1.64 20.22 -33.40
N HIS E 199 -1.93 19.85 -32.16
CA HIS E 199 -3.32 19.69 -31.76
C HIS E 199 -4.07 21.01 -31.90
N ALA E 200 -3.48 22.08 -31.37
CA ALA E 200 -4.12 23.38 -31.42
C ALA E 200 -4.34 23.86 -32.85
N LEU E 201 -3.47 23.47 -33.80
CA LEU E 201 -3.66 23.88 -35.19
C LEU E 201 -4.89 23.21 -35.80
N LEU E 202 -5.15 21.96 -35.43
CA LEU E 202 -6.43 21.36 -35.84
C LEU E 202 -7.59 22.07 -35.18
N ALA E 203 -7.48 22.35 -33.87
CA ALA E 203 -8.56 23.05 -33.20
C ALA E 203 -8.75 24.43 -33.81
N LEU E 204 -7.65 25.06 -34.22
CA LEU E 204 -7.76 26.36 -34.90
C LEU E 204 -8.62 26.26 -36.15
N PHE E 205 -8.34 25.26 -36.98
CA PHE E 205 -9.15 25.09 -38.18
C PHE E 205 -10.63 24.91 -37.83
N LEU E 206 -10.93 24.04 -36.87
CA LEU E 206 -12.31 23.76 -36.47
C LEU E 206 -12.99 24.92 -35.76
N ALA E 207 -12.22 25.78 -35.13
CA ALA E 207 -12.78 26.96 -34.48
C ALA E 207 -12.96 28.13 -35.42
N SER E 208 -12.24 28.15 -36.53
CA SER E 208 -12.28 29.24 -37.48
C SER E 208 -13.52 29.13 -38.37
N ASP E 209 -13.80 30.23 -39.09
CA ASP E 209 -14.87 30.17 -40.08
C ASP E 209 -14.43 29.49 -41.39
N GLU E 210 -13.27 28.82 -41.41
CA GLU E 210 -12.85 28.03 -42.56
C GLU E 210 -13.45 26.65 -42.56
N SER E 211 -14.19 26.30 -41.50
CA SER E 211 -14.63 24.93 -41.28
C SER E 211 -16.14 24.88 -41.06
N ASP E 212 -16.89 25.88 -41.54
CA ASP E 212 -18.31 25.93 -41.25
C ASP E 212 -19.08 24.75 -41.84
N PHE E 213 -18.53 24.06 -42.84
CA PHE E 213 -19.24 22.92 -43.41
C PHE E 213 -18.97 21.62 -42.65
N ILE E 214 -18.12 21.66 -41.62
CA ILE E 214 -17.80 20.47 -40.81
C ILE E 214 -18.78 20.40 -39.65
N VAL E 215 -19.60 19.36 -39.59
CA VAL E 215 -20.75 19.35 -38.68
C VAL E 215 -20.79 18.00 -37.95
N GLY E 216 -20.58 18.04 -36.64
CA GLY E 216 -20.72 16.86 -35.81
C GLY E 216 -19.71 15.79 -36.10
N LYS E 217 -18.54 16.16 -36.59
CA LYS E 217 -17.56 15.16 -37.02
C LYS E 217 -16.57 14.84 -35.91
N SER E 218 -16.03 13.64 -35.98
CA SER E 218 -14.93 13.19 -35.13
C SER E 218 -13.70 13.12 -36.00
N ILE E 219 -12.70 13.94 -35.70
CA ILE E 219 -11.47 14.00 -36.48
C ILE E 219 -10.41 13.26 -35.69
N GLU E 220 -9.94 12.13 -36.23
CA GLU E 220 -8.96 11.33 -35.52
C GLU E 220 -7.60 11.99 -35.65
N PHE E 221 -7.00 12.28 -34.52
CA PHE E 221 -5.74 13.02 -34.41
C PHE E 221 -4.80 12.09 -33.64
N ASP E 222 -4.22 11.13 -34.36
CA ASP E 222 -3.60 10.01 -33.68
C ASP E 222 -2.45 9.40 -34.47
N GLY E 223 -1.87 10.12 -35.43
CA GLY E 223 -0.73 9.62 -36.18
C GLY E 223 -1.04 8.38 -36.98
N GLY E 224 -2.31 8.11 -37.20
CA GLY E 224 -2.78 6.94 -37.92
C GLY E 224 -3.15 5.75 -37.08
N TRP E 225 -3.07 5.88 -35.75
CA TRP E 225 -3.29 4.74 -34.85
C TRP E 225 -4.63 4.04 -35.12
N ALA E 226 -5.73 4.80 -35.24
CA ALA E 226 -7.07 4.21 -35.41
C ALA E 226 -7.43 3.96 -36.86
N THR E 227 -6.54 4.24 -37.80
CA THR E 227 -6.84 4.03 -39.21
C THR E 227 -6.90 2.53 -39.52
N GLY F 4 -31.96 -27.20 -28.49
CA GLY F 4 -31.92 -25.94 -29.21
C GLY F 4 -30.57 -25.24 -29.18
N ARG F 5 -30.48 -24.09 -29.85
CA ARG F 5 -29.20 -23.41 -29.99
C ARG F 5 -28.69 -22.76 -28.70
N LEU F 6 -29.50 -22.72 -27.64
CA LEU F 6 -29.01 -22.35 -26.32
C LEU F 6 -29.21 -23.47 -25.31
N ALA F 7 -29.07 -24.72 -25.75
CA ALA F 7 -29.41 -25.85 -24.91
C ALA F 7 -28.56 -25.88 -23.64
N GLY F 8 -29.23 -25.95 -22.49
CA GLY F 8 -28.53 -26.05 -21.23
C GLY F 8 -27.82 -24.81 -20.79
N LYS F 9 -28.03 -23.68 -21.46
CA LYS F 9 -27.36 -22.44 -21.07
C LYS F 9 -28.23 -21.69 -20.07
N ARG F 10 -27.59 -21.02 -19.12
CA ARG F 10 -28.30 -20.18 -18.16
C ARG F 10 -28.05 -18.72 -18.53
N VAL F 11 -29.13 -17.97 -18.72
CA VAL F 11 -29.10 -16.60 -19.23
C VAL F 11 -29.65 -15.65 -18.18
N LEU F 12 -28.82 -14.72 -17.71
CA LEU F 12 -29.29 -13.64 -16.86
C LEU F 12 -29.75 -12.49 -17.74
N LEU F 13 -31.04 -12.16 -17.66
CA LEU F 13 -31.65 -11.06 -18.42
C LEU F 13 -32.02 -9.94 -17.46
N THR F 14 -31.41 -8.76 -17.66
CA THR F 14 -31.78 -7.62 -16.84
C THR F 14 -33.09 -7.03 -17.33
N ASN F 15 -33.78 -6.35 -16.42
CA ASN F 15 -35.03 -5.62 -16.66
C ASN F 15 -35.92 -6.35 -17.67
N ALA F 16 -36.29 -7.57 -17.29
CA ALA F 16 -36.78 -8.55 -18.23
C ALA F 16 -38.13 -8.18 -18.85
N ASP F 17 -38.93 -7.33 -18.20
CA ASP F 17 -40.18 -6.92 -18.81
C ASP F 17 -40.06 -5.63 -19.62
N ALA F 18 -38.90 -5.02 -19.66
CA ALA F 18 -38.73 -3.76 -20.36
C ALA F 18 -38.05 -4.00 -21.71
N TYR F 19 -38.20 -3.02 -22.60
CA TYR F 19 -37.41 -2.91 -23.82
C TYR F 19 -37.58 -4.20 -24.63
N MET F 20 -36.51 -4.96 -24.88
CA MET F 20 -36.57 -6.13 -25.73
C MET F 20 -36.54 -7.42 -24.92
N GLY F 21 -36.85 -7.34 -23.62
CA GLY F 21 -36.69 -8.51 -22.77
C GLY F 21 -37.68 -9.60 -23.08
N GLU F 22 -38.91 -9.22 -23.44
CA GLU F 22 -39.97 -10.22 -23.57
C GLU F 22 -39.74 -11.11 -24.78
N ALA F 23 -39.38 -10.53 -25.93
CA ALA F 23 -39.01 -11.37 -27.07
C ALA F 23 -37.79 -12.22 -26.78
N THR F 24 -36.85 -11.71 -25.96
CA THR F 24 -35.66 -12.48 -25.66
C THR F 24 -36.01 -13.71 -24.81
N VAL F 25 -36.86 -13.54 -23.80
CA VAL F 25 -37.31 -14.69 -23.01
C VAL F 25 -37.88 -15.76 -23.93
N GLN F 26 -38.82 -15.36 -24.79
CA GLN F 26 -39.55 -16.30 -25.64
C GLN F 26 -38.62 -17.02 -26.61
N VAL F 27 -37.81 -16.27 -27.38
CA VAL F 27 -36.92 -16.90 -28.34
C VAL F 27 -35.84 -17.72 -27.65
N PHE F 28 -35.28 -17.21 -26.55
CA PHE F 28 -34.19 -17.94 -25.90
C PHE F 28 -34.72 -19.21 -25.23
N GLU F 29 -35.92 -19.15 -24.66
CA GLU F 29 -36.50 -20.35 -24.07
C GLU F 29 -36.86 -21.38 -25.14
N GLU F 30 -37.39 -20.92 -26.28
CA GLU F 30 -37.60 -21.83 -27.41
C GLU F 30 -36.33 -22.54 -27.81
N GLU F 31 -35.18 -21.88 -27.65
CA GLU F 31 -33.90 -22.48 -28.00
C GLU F 31 -33.24 -23.18 -26.83
N GLY F 32 -33.98 -23.42 -25.75
CA GLY F 32 -33.53 -24.33 -24.73
C GLY F 32 -32.81 -23.70 -23.57
N ALA F 33 -32.79 -22.37 -23.49
CA ALA F 33 -32.09 -21.73 -22.39
C ALA F 33 -32.97 -21.63 -21.17
N GLU F 34 -32.32 -21.67 -20.02
CA GLU F 34 -32.92 -21.27 -18.75
C GLU F 34 -32.71 -19.77 -18.59
N VAL F 35 -33.77 -18.99 -18.74
CA VAL F 35 -33.67 -17.52 -18.70
C VAL F 35 -34.07 -17.05 -17.31
N ILE F 36 -33.11 -16.47 -16.59
CA ILE F 36 -33.36 -15.85 -15.28
C ILE F 36 -33.84 -14.43 -15.56
N ALA F 37 -35.16 -14.25 -15.56
CA ALA F 37 -35.76 -12.95 -15.85
C ALA F 37 -35.65 -12.07 -14.62
N ASP F 38 -34.63 -11.23 -14.57
CA ASP F 38 -34.42 -10.36 -13.44
C ASP F 38 -35.17 -9.04 -13.60
N HIS F 39 -35.65 -8.50 -12.48
CA HIS F 39 -36.35 -7.22 -12.49
C HIS F 39 -35.72 -6.24 -11.51
N THR F 40 -34.51 -6.50 -11.06
CA THR F 40 -33.92 -5.62 -10.04
C THR F 40 -33.54 -4.28 -10.66
N ASP F 41 -33.82 -3.21 -9.90
CA ASP F 41 -33.35 -1.87 -10.23
C ASP F 41 -31.84 -1.80 -10.02
N LEU F 42 -31.08 -1.86 -11.11
CA LEU F 42 -29.64 -1.87 -11.02
C LEU F 42 -29.03 -0.48 -10.95
N THR F 43 -29.86 0.56 -10.81
CA THR F 43 -29.34 1.86 -10.39
C THR F 43 -28.88 1.86 -8.94
N LYS F 44 -29.20 0.82 -8.17
CA LYS F 44 -28.80 0.73 -6.77
C LYS F 44 -27.44 0.07 -6.65
N VAL F 45 -26.49 0.77 -6.03
CA VAL F 45 -25.14 0.22 -5.85
C VAL F 45 -25.23 -1.06 -5.03
N GLY F 46 -24.50 -2.09 -5.46
CA GLY F 46 -24.51 -3.36 -4.79
C GLY F 46 -25.59 -4.33 -5.24
N ALA F 47 -26.63 -3.85 -5.92
CA ALA F 47 -27.69 -4.75 -6.35
C ALA F 47 -27.19 -5.76 -7.38
N ALA F 48 -26.35 -5.33 -8.32
CA ALA F 48 -25.90 -6.24 -9.36
C ALA F 48 -25.22 -7.46 -8.74
N GLU F 49 -24.43 -7.23 -7.69
CA GLU F 49 -23.72 -8.34 -7.08
C GLU F 49 -24.69 -9.29 -6.39
N GLU F 50 -25.78 -8.75 -5.84
CA GLU F 50 -26.78 -9.60 -5.21
C GLU F 50 -27.52 -10.42 -6.26
N VAL F 51 -27.94 -9.78 -7.36
CA VAL F 51 -28.59 -10.50 -8.45
C VAL F 51 -27.71 -11.63 -8.96
N VAL F 52 -26.42 -11.38 -9.13
CA VAL F 52 -25.51 -12.41 -9.65
C VAL F 52 -25.32 -13.53 -8.63
N GLU F 53 -25.11 -13.17 -7.35
CA GLU F 53 -24.99 -14.18 -6.32
C GLU F 53 -26.19 -15.12 -6.34
N ARG F 54 -27.38 -14.55 -6.51
CA ARG F 54 -28.61 -15.34 -6.47
C ARG F 54 -28.80 -16.17 -7.74
N ALA F 55 -28.34 -15.68 -8.88
CA ALA F 55 -28.62 -16.38 -10.14
C ALA F 55 -27.84 -17.69 -10.23
N GLY F 56 -26.71 -17.79 -9.54
CA GLY F 56 -25.91 -19.00 -9.63
C GLY F 56 -25.02 -19.03 -10.86
N HIS F 57 -25.00 -20.16 -11.56
CA HIS F 57 -24.18 -20.27 -12.75
C HIS F 57 -24.80 -19.50 -13.90
N ILE F 58 -24.00 -18.63 -14.53
CA ILE F 58 -24.46 -17.80 -15.64
C ILE F 58 -23.60 -18.10 -16.86
N ASP F 59 -24.24 -18.41 -17.98
CA ASP F 59 -23.55 -18.54 -19.25
C ASP F 59 -23.62 -17.28 -20.09
N VAL F 60 -24.75 -16.59 -20.05
CA VAL F 60 -25.03 -15.45 -20.90
C VAL F 60 -25.65 -14.35 -20.05
N LEU F 61 -25.07 -13.15 -20.12
CA LEU F 61 -25.70 -11.94 -19.59
C LEU F 61 -26.27 -11.13 -20.74
N VAL F 62 -27.57 -10.88 -20.68
CA VAL F 62 -28.25 -10.00 -21.62
C VAL F 62 -28.47 -8.69 -20.90
N ALA F 63 -27.69 -7.68 -21.28
CA ALA F 63 -27.73 -6.36 -20.63
C ALA F 63 -28.78 -5.53 -21.34
N ASN F 64 -29.99 -5.54 -20.79
CA ASN F 64 -31.17 -4.96 -21.42
C ASN F 64 -31.60 -3.79 -20.55
N PHE F 65 -31.33 -2.57 -21.03
CA PHE F 65 -31.62 -1.35 -20.30
C PHE F 65 -32.30 -0.38 -21.24
N ALA F 66 -33.24 0.39 -20.71
CA ALA F 66 -33.91 1.40 -21.51
C ALA F 66 -34.31 2.56 -20.64
N VAL F 67 -34.48 3.71 -21.29
CA VAL F 67 -34.90 4.94 -20.66
C VAL F 67 -35.63 5.75 -21.72
N ASP F 68 -36.59 6.55 -21.29
CA ASP F 68 -37.32 7.41 -22.20
C ASP F 68 -36.32 8.21 -23.05
N ALA F 69 -36.51 8.15 -24.37
CA ALA F 69 -35.66 8.95 -25.26
C ALA F 69 -36.03 10.43 -25.24
N HIS F 70 -37.23 10.77 -24.77
CA HIS F 70 -37.78 12.13 -24.82
C HIS F 70 -37.74 12.66 -26.26
N TRP F 71 -38.29 11.87 -27.19
CA TRP F 71 -38.31 12.27 -28.60
C TRP F 71 -38.74 13.72 -28.75
N GLY F 72 -37.94 14.48 -29.51
CA GLY F 72 -38.24 15.85 -29.82
C GLY F 72 -37.68 16.88 -28.87
N VAL F 73 -37.29 16.47 -27.66
CA VAL F 73 -36.71 17.42 -26.71
C VAL F 73 -35.34 17.84 -27.20
N THR F 74 -35.11 19.15 -27.23
CA THR F 74 -33.90 19.71 -27.83
C THR F 74 -32.80 19.87 -26.78
N VAL F 75 -31.62 20.30 -27.24
CA VAL F 75 -30.50 20.45 -26.33
C VAL F 75 -30.82 21.43 -25.20
N LEU F 76 -31.49 22.54 -25.53
CA LEU F 76 -31.74 23.57 -24.51
C LEU F 76 -32.76 23.13 -23.49
N GLU F 77 -33.65 22.21 -23.87
CA GLU F 77 -34.68 21.64 -23.02
C GLU F 77 -34.20 20.39 -22.30
N THR F 78 -32.95 20.01 -22.49
CA THR F 78 -32.40 18.81 -21.84
C THR F 78 -31.82 19.25 -20.51
N ASP F 79 -32.65 19.24 -19.48
CA ASP F 79 -32.23 19.77 -18.19
C ASP F 79 -31.34 18.77 -17.48
N GLU F 80 -30.79 19.21 -16.34
CA GLU F 80 -29.87 18.38 -15.57
C GLU F 80 -30.49 17.03 -15.19
N GLU F 81 -31.75 17.04 -14.75
CA GLU F 81 -32.36 15.79 -14.32
C GLU F 81 -32.56 14.82 -15.48
N LEU F 82 -33.01 15.34 -16.63
CA LEU F 82 -33.19 14.49 -17.80
C LEU F 82 -31.85 13.88 -18.23
N TRP F 83 -30.82 14.72 -18.25
CA TRP F 83 -29.49 14.24 -18.59
C TRP F 83 -29.03 13.15 -17.61
N GLN F 84 -29.11 13.43 -16.31
CA GLN F 84 -28.62 12.46 -15.33
C GLN F 84 -29.41 11.15 -15.43
N THR F 85 -30.72 11.25 -15.64
CA THR F 85 -31.55 10.05 -15.64
C THR F 85 -31.14 9.09 -16.77
N ALA F 86 -30.77 9.62 -17.95
CA ALA F 86 -30.32 8.72 -19.02
C ALA F 86 -29.08 7.93 -18.62
N TYR F 87 -28.11 8.59 -17.97
CA TYR F 87 -26.90 7.89 -17.52
C TYR F 87 -27.19 6.98 -16.34
N GLU F 88 -27.98 7.45 -15.37
CA GLU F 88 -28.33 6.61 -14.21
C GLU F 88 -29.06 5.36 -14.66
N THR F 89 -29.86 5.47 -15.69
CA THR F 89 -30.73 4.37 -16.04
C THR F 89 -30.06 3.33 -16.93
N ILE F 90 -29.25 3.73 -17.92
CA ILE F 90 -28.73 2.76 -18.88
C ILE F 90 -27.21 2.70 -18.94
N VAL F 91 -26.48 3.64 -18.32
CA VAL F 91 -25.03 3.64 -18.44
C VAL F 91 -24.37 3.04 -17.20
N HIS F 92 -24.61 3.66 -16.04
CA HIS F 92 -23.92 3.16 -14.86
C HIS F 92 -24.32 1.73 -14.51
N PRO F 93 -25.58 1.32 -14.64
CA PRO F 93 -25.89 -0.10 -14.34
C PRO F 93 -25.24 -1.09 -15.28
N LEU F 94 -24.92 -0.67 -16.50
CA LEU F 94 -24.29 -1.60 -17.44
C LEU F 94 -22.93 -2.06 -16.91
N HIS F 95 -22.10 -1.14 -16.39
CA HIS F 95 -20.82 -1.62 -15.88
C HIS F 95 -21.03 -2.43 -14.61
N ARG F 96 -22.01 -2.05 -13.79
CA ARG F 96 -22.25 -2.76 -12.55
C ARG F 96 -22.59 -4.22 -12.82
N ILE F 97 -23.50 -4.48 -13.75
CA ILE F 97 -23.91 -5.86 -13.96
C ILE F 97 -22.84 -6.64 -14.68
N CYS F 98 -22.12 -6.01 -15.63
CA CYS F 98 -21.05 -6.71 -16.31
C CYS F 98 -19.90 -7.03 -15.36
N ARG F 99 -19.50 -6.07 -14.51
CA ARG F 99 -18.42 -6.32 -13.57
C ARG F 99 -18.79 -7.44 -12.61
N ALA F 100 -20.08 -7.57 -12.31
CA ALA F 100 -20.54 -8.59 -11.36
C ALA F 100 -20.49 -9.98 -11.98
N VAL F 101 -20.80 -10.09 -13.27
CA VAL F 101 -20.83 -11.40 -13.93
C VAL F 101 -19.43 -11.84 -14.37
N LEU F 102 -18.54 -10.89 -14.69
CA LEU F 102 -17.27 -11.28 -15.31
C LEU F 102 -16.39 -12.22 -14.48
N PRO F 103 -16.29 -12.10 -13.15
CA PRO F 103 -15.36 -13.00 -12.42
C PRO F 103 -15.62 -14.46 -12.72
N GLN F 104 -16.88 -14.88 -12.77
CA GLN F 104 -17.14 -16.29 -13.02
C GLN F 104 -16.88 -16.65 -14.47
N PHE F 105 -17.14 -15.73 -15.41
CA PHE F 105 -16.70 -15.94 -16.79
C PHE F 105 -15.20 -16.15 -16.85
N TYR F 106 -14.47 -15.31 -16.11
CA TYR F 106 -13.02 -15.37 -16.17
C TYR F 106 -12.51 -16.67 -15.56
N GLU F 107 -13.18 -17.13 -14.50
CA GLU F 107 -12.72 -18.34 -13.83
C GLU F 107 -12.86 -19.55 -14.75
N ARG F 108 -13.91 -19.57 -15.57
CA ARG F 108 -14.20 -20.64 -16.51
C ARG F 108 -13.67 -20.37 -17.91
N ASN F 109 -12.98 -19.24 -18.10
CA ASN F 109 -12.45 -18.82 -19.41
C ASN F 109 -13.49 -18.99 -20.51
N LYS F 110 -14.71 -18.54 -20.22
CA LYS F 110 -15.81 -18.53 -21.17
C LYS F 110 -16.95 -17.65 -20.67
N GLY F 111 -17.60 -16.94 -21.59
CA GLY F 111 -18.79 -16.16 -21.23
C GLY F 111 -19.33 -15.41 -22.43
N LYS F 112 -20.54 -14.90 -22.26
CA LYS F 112 -21.28 -14.18 -23.31
C LYS F 112 -22.02 -12.99 -22.70
N ILE F 113 -21.84 -11.81 -23.29
CA ILE F 113 -22.62 -10.63 -22.93
C ILE F 113 -23.18 -10.02 -24.20
N VAL F 114 -24.49 -9.84 -24.25
CA VAL F 114 -25.15 -9.12 -25.34
C VAL F 114 -25.76 -7.87 -24.76
N VAL F 115 -25.36 -6.71 -25.30
CA VAL F 115 -25.86 -5.42 -24.83
C VAL F 115 -26.90 -4.91 -25.83
N TYR F 116 -28.10 -4.65 -25.35
CA TYR F 116 -29.19 -4.16 -26.20
C TYR F 116 -29.09 -2.64 -26.27
N GLY F 117 -28.45 -2.16 -27.31
CA GLY F 117 -28.30 -0.71 -27.41
C GLY F 117 -29.21 -0.09 -28.44
N SER F 118 -28.67 0.87 -29.20
CA SER F 118 -29.47 1.63 -30.13
C SER F 118 -28.57 2.11 -31.25
N ALA F 119 -29.15 2.22 -32.45
CA ALA F 119 -28.43 2.88 -33.54
C ALA F 119 -28.19 4.36 -33.25
N ALA F 120 -28.89 4.93 -32.26
CA ALA F 120 -28.56 6.27 -31.79
C ALA F 120 -27.16 6.33 -31.18
N ALA F 121 -26.51 5.19 -30.98
CA ALA F 121 -25.11 5.13 -30.61
C ALA F 121 -24.19 5.14 -31.82
N MET F 122 -24.76 5.10 -33.03
CA MET F 122 -23.99 5.04 -34.25
C MET F 122 -24.08 6.29 -35.09
N ARG F 123 -25.26 6.91 -35.17
CA ARG F 123 -25.51 8.03 -36.06
C ARG F 123 -26.48 8.99 -35.40
N TYR F 124 -26.50 10.21 -35.92
CA TYR F 124 -27.39 11.25 -35.41
C TYR F 124 -28.83 10.79 -35.49
N THR F 125 -29.54 10.95 -34.37
CA THR F 125 -30.94 10.55 -34.25
C THR F 125 -31.71 11.79 -33.81
N GLU F 126 -32.52 12.35 -34.70
CA GLU F 126 -33.12 13.65 -34.42
C GLU F 126 -33.93 13.64 -33.12
N GLY F 127 -33.71 14.65 -32.27
CA GLY F 127 -34.52 14.82 -31.07
C GLY F 127 -34.35 13.79 -29.97
N ALA F 128 -33.12 13.36 -29.70
CA ALA F 128 -32.87 12.33 -28.70
C ALA F 128 -31.51 12.52 -28.04
N LEU F 129 -31.17 13.77 -27.72
CA LEU F 129 -29.78 14.11 -27.37
C LEU F 129 -29.26 13.29 -26.19
N ALA F 130 -29.86 13.44 -25.00
CA ALA F 130 -29.29 12.76 -23.83
C ALA F 130 -29.29 11.25 -24.03
N TYR F 131 -30.40 10.72 -24.53
CA TYR F 131 -30.50 9.30 -24.82
C TYR F 131 -29.39 8.83 -25.76
N SER F 132 -29.21 9.55 -26.86
CA SER F 132 -28.16 9.21 -27.81
CA SER F 132 -28.16 9.19 -27.81
C SER F 132 -26.79 9.14 -27.15
N THR F 133 -26.45 10.15 -26.31
CA THR F 133 -25.12 10.14 -25.70
C THR F 133 -24.97 8.99 -24.73
N ALA F 134 -26.04 8.63 -24.01
CA ALA F 134 -25.96 7.47 -23.11
C ALA F 134 -25.80 6.18 -23.88
N ARG F 135 -26.47 6.05 -25.02
CA ARG F 135 -26.27 4.85 -25.84
C ARG F 135 -24.87 4.81 -26.45
N PHE F 136 -24.32 5.96 -26.83
CA PHE F 136 -22.91 5.99 -27.21
C PHE F 136 -22.01 5.49 -26.08
N ALA F 137 -22.33 5.83 -24.83
CA ALA F 137 -21.49 5.34 -23.74
C ALA F 137 -21.58 3.83 -23.62
N GLN F 138 -22.77 3.27 -23.86
CA GLN F 138 -22.92 1.81 -23.87
C GLN F 138 -22.12 1.19 -24.99
N ARG F 139 -22.23 1.76 -26.20
CA ARG F 139 -21.40 1.33 -27.31
C ARG F 139 -19.93 1.39 -26.94
N GLY F 140 -19.53 2.46 -26.26
CA GLY F 140 -18.15 2.55 -25.80
C GLY F 140 -17.80 1.45 -24.81
N TYR F 141 -18.75 1.11 -23.92
CA TYR F 141 -18.49 0.04 -22.96
C TYR F 141 -18.17 -1.25 -23.69
N VAL F 142 -18.92 -1.56 -24.75
CA VAL F 142 -18.68 -2.80 -25.52
C VAL F 142 -17.37 -2.70 -26.29
N THR F 143 -17.07 -1.55 -26.88
CA THR F 143 -15.83 -1.38 -27.61
C THR F 143 -14.62 -1.56 -26.70
N ALA F 144 -14.72 -1.06 -25.46
CA ALA F 144 -13.60 -1.12 -24.53
C ALA F 144 -13.52 -2.49 -23.87
N LEU F 145 -14.65 -3.00 -23.39
CA LEU F 145 -14.64 -4.27 -22.67
C LEU F 145 -14.43 -5.45 -23.60
N GLY F 146 -15.08 -5.42 -24.77
CA GLY F 146 -15.03 -6.54 -25.69
C GLY F 146 -13.66 -7.16 -25.88
N PRO F 147 -12.68 -6.36 -26.32
CA PRO F 147 -11.37 -6.93 -26.59
C PRO F 147 -10.60 -7.30 -25.33
N GLU F 148 -10.84 -6.62 -24.22
CA GLU F 148 -10.19 -6.99 -22.97
C GLU F 148 -10.74 -8.34 -22.48
N ALA F 149 -12.06 -8.48 -22.47
CA ALA F 149 -12.68 -9.73 -22.05
C ALA F 149 -12.40 -10.88 -23.02
N ALA F 150 -12.12 -10.58 -24.29
CA ALA F 150 -11.85 -11.64 -25.26
C ALA F 150 -10.61 -12.45 -24.90
N ARG F 151 -9.69 -11.87 -24.14
CA ARG F 151 -8.51 -12.59 -23.69
C ARG F 151 -8.88 -13.75 -22.78
N HIS F 152 -10.07 -13.71 -22.20
CA HIS F 152 -10.61 -14.77 -21.35
C HIS F 152 -11.71 -15.54 -22.05
N ASN F 153 -11.71 -15.50 -23.39
CA ASN F 153 -12.70 -16.20 -24.20
C ASN F 153 -14.12 -15.76 -23.89
N VAL F 154 -14.33 -14.48 -23.57
CA VAL F 154 -15.64 -13.93 -23.29
C VAL F 154 -16.03 -12.97 -24.41
N ASN F 155 -17.22 -13.14 -24.96
CA ASN F 155 -17.73 -12.26 -26.02
C ASN F 155 -18.61 -11.18 -25.43
N VAL F 156 -18.36 -9.93 -25.81
CA VAL F 156 -19.22 -8.81 -25.46
C VAL F 156 -19.51 -8.07 -26.75
N ASN F 157 -20.79 -7.95 -27.09
CA ASN F 157 -21.22 -7.30 -28.32
C ASN F 157 -22.46 -6.46 -28.07
N PHE F 158 -22.77 -5.61 -29.05
CA PHE F 158 -23.71 -4.50 -28.91
C PHE F 158 -24.67 -4.54 -30.09
N ILE F 159 -25.96 -4.63 -29.80
CA ILE F 159 -26.98 -4.54 -30.86
C ILE F 159 -27.45 -3.10 -30.95
N ALA F 160 -27.20 -2.48 -32.10
CA ALA F 160 -27.54 -1.08 -32.29
C ALA F 160 -28.87 -1.03 -33.02
N GLN F 161 -29.97 -1.10 -32.27
CA GLN F 161 -31.29 -1.23 -32.87
C GLN F 161 -31.93 0.13 -33.10
N HIS F 162 -32.82 0.17 -34.09
CA HIS F 162 -33.68 1.32 -34.29
C HIS F 162 -34.89 0.82 -35.09
N TRP F 163 -35.95 1.62 -35.10
CA TRP F 163 -37.15 1.29 -35.88
C TRP F 163 -37.65 -0.12 -35.53
N THR F 164 -37.57 -0.47 -34.26
CA THR F 164 -37.95 -1.79 -33.77
C THR F 164 -39.10 -1.65 -32.80
N GLN F 165 -40.08 -2.56 -32.88
CA GLN F 165 -41.25 -2.43 -32.02
C GLN F 165 -40.90 -2.68 -30.55
N ASN F 166 -41.33 -1.77 -29.68
CA ASN F 166 -41.12 -1.83 -28.24
C ASN F 166 -41.94 -0.72 -27.58
N LYS F 167 -42.07 -0.79 -26.26
CA LYS F 167 -42.92 0.18 -25.58
C LYS F 167 -42.24 1.52 -25.42
N GLU F 168 -40.92 1.53 -25.32
CA GLU F 168 -40.23 2.77 -24.94
C GLU F 168 -40.04 3.72 -26.11
N TYR F 169 -39.87 3.20 -27.33
CA TYR F 169 -39.44 4.01 -28.46
C TYR F 169 -40.38 3.94 -29.65
N PHE F 170 -40.93 2.77 -29.94
CA PHE F 170 -41.81 2.58 -31.09
C PHE F 170 -43.06 1.84 -30.63
N TRP F 171 -43.82 2.52 -29.78
CA TRP F 171 -44.98 1.92 -29.14
C TRP F 171 -46.18 1.98 -30.08
N PRO F 172 -47.17 1.11 -29.88
CA PRO F 172 -48.24 0.98 -30.88
C PRO F 172 -48.92 2.28 -31.27
N GLU F 173 -49.15 3.17 -30.32
CA GLU F 173 -49.89 4.39 -30.60
C GLU F 173 -49.08 5.34 -31.50
N ARG F 174 -47.76 5.39 -31.29
CA ARG F 174 -46.91 6.31 -32.05
C ARG F 174 -46.75 5.84 -33.49
N ILE F 175 -46.60 4.53 -33.69
CA ILE F 175 -46.34 3.98 -35.02
C ILE F 175 -47.59 3.84 -35.87
N ALA F 176 -48.76 4.25 -35.35
CA ALA F 176 -50.03 4.03 -36.04
C ALA F 176 -50.42 5.18 -36.96
N THR F 177 -49.80 6.35 -36.82
CA THR F 177 -50.31 7.51 -37.55
C THR F 177 -49.77 7.53 -38.98
N ASP F 178 -50.51 8.23 -39.85
CA ASP F 178 -50.06 8.38 -41.22
C ASP F 178 -48.74 9.14 -41.28
N GLU F 179 -48.57 10.15 -40.43
CA GLU F 179 -47.33 10.90 -40.47
C GLU F 179 -46.15 10.04 -40.05
N PHE F 180 -46.35 9.11 -39.11
CA PHE F 180 -45.27 8.22 -38.74
C PHE F 180 -44.89 7.30 -39.89
N LYS F 181 -45.89 6.66 -40.51
CA LYS F 181 -45.61 5.67 -41.54
C LYS F 181 -44.97 6.31 -42.76
N GLU F 182 -45.38 7.53 -43.10
CA GLU F 182 -44.78 8.23 -44.22
C GLU F 182 -43.34 8.61 -43.93
N ASP F 183 -43.05 9.01 -42.69
CA ASP F 183 -41.68 9.34 -42.31
C ASP F 183 -40.83 8.08 -42.24
N MET F 184 -41.39 7.00 -41.73
CA MET F 184 -40.69 5.73 -41.71
C MET F 184 -40.38 5.24 -43.13
N ALA F 185 -41.33 5.40 -44.04
CA ALA F 185 -41.08 4.95 -45.41
C ALA F 185 -39.91 5.70 -46.02
N ARG F 186 -39.76 6.97 -45.68
CA ARG F 186 -38.64 7.74 -46.23
C ARG F 186 -37.32 7.31 -45.60
N ARG F 187 -37.31 7.07 -44.29
CA ARG F 187 -36.06 6.91 -43.58
C ARG F 187 -35.57 5.47 -43.45
N VAL F 188 -36.43 4.46 -43.62
CA VAL F 188 -36.03 3.07 -43.41
C VAL F 188 -36.02 2.38 -44.77
N PRO F 189 -34.85 1.98 -45.26
CA PRO F 189 -34.80 1.40 -46.61
C PRO F 189 -35.63 0.14 -46.74
N LEU F 190 -35.67 -0.69 -45.69
CA LEU F 190 -36.52 -1.87 -45.74
C LEU F 190 -38.00 -1.51 -45.75
N GLY F 191 -38.38 -0.32 -45.29
CA GLY F 191 -39.76 0.15 -45.42
C GLY F 191 -40.71 -0.36 -44.37
N ARG F 192 -40.21 -1.03 -43.33
CA ARG F 192 -41.05 -1.50 -42.24
C ARG F 192 -40.26 -1.46 -40.93
N LEU F 193 -40.99 -1.56 -39.82
CA LEU F 193 -40.33 -1.75 -38.54
C LEU F 193 -39.94 -3.21 -38.35
N ALA F 194 -38.97 -3.44 -37.47
CA ALA F 194 -38.61 -4.79 -37.06
C ALA F 194 -39.58 -5.31 -36.01
N THR F 195 -39.71 -6.62 -35.95
CA THR F 195 -40.46 -7.19 -34.83
C THR F 195 -39.52 -7.44 -33.67
N ALA F 196 -40.08 -7.44 -32.46
CA ALA F 196 -39.30 -7.82 -31.29
C ALA F 196 -38.64 -9.16 -31.49
N ARG F 197 -39.35 -10.08 -32.14
CA ARG F 197 -38.77 -11.40 -32.37
C ARG F 197 -37.55 -11.33 -33.27
N GLU F 198 -37.58 -10.49 -34.30
CA GLU F 198 -36.40 -10.38 -35.15
C GLU F 198 -35.21 -9.88 -34.35
N HIS F 199 -35.45 -8.97 -33.42
CA HIS F 199 -34.38 -8.53 -32.53
C HIS F 199 -33.80 -9.70 -31.75
N ALA F 200 -34.67 -10.49 -31.11
CA ALA F 200 -34.19 -11.60 -30.30
C ALA F 200 -33.42 -12.62 -31.12
N LEU F 201 -33.73 -12.77 -32.42
CA LEU F 201 -33.01 -13.73 -33.25
C LEU F 201 -31.57 -13.28 -33.51
N LEU F 202 -31.33 -11.99 -33.62
CA LEU F 202 -29.94 -11.50 -33.64
C LEU F 202 -29.26 -11.74 -32.30
N ALA F 203 -29.93 -11.39 -31.19
CA ALA F 203 -29.38 -11.61 -29.87
C ALA F 203 -29.09 -13.08 -29.65
N LEU F 204 -29.99 -13.94 -30.13
CA LEU F 204 -29.77 -15.38 -30.06
C LEU F 204 -28.44 -15.77 -30.70
N PHE F 205 -28.20 -15.30 -31.93
CA PHE F 205 -26.89 -15.55 -32.56
C PHE F 205 -25.76 -15.07 -31.67
N LEU F 206 -25.85 -13.85 -31.14
CA LEU F 206 -24.76 -13.27 -30.37
C LEU F 206 -24.58 -13.94 -29.02
N ALA F 207 -25.63 -14.55 -28.47
CA ALA F 207 -25.54 -15.26 -27.20
C ALA F 207 -25.08 -16.70 -27.35
N SER F 208 -25.23 -17.27 -28.54
CA SER F 208 -24.87 -18.66 -28.81
C SER F 208 -23.37 -18.81 -29.01
N ASP F 209 -22.90 -20.05 -28.98
CA ASP F 209 -21.50 -20.32 -29.30
C ASP F 209 -21.27 -20.36 -30.81
N GLU F 210 -22.25 -19.95 -31.61
CA GLU F 210 -22.07 -19.78 -33.05
C GLU F 210 -21.32 -18.50 -33.38
N SER F 211 -20.98 -17.70 -32.36
CA SER F 211 -20.54 -16.32 -32.55
C SER F 211 -19.33 -15.99 -31.69
N ASP F 212 -18.54 -17.00 -31.31
CA ASP F 212 -17.38 -16.78 -30.46
C ASP F 212 -16.34 -15.87 -31.11
N PHE F 213 -16.31 -15.75 -32.44
CA PHE F 213 -15.28 -14.96 -33.08
C PHE F 213 -15.67 -13.49 -33.15
N ILE F 214 -16.86 -13.14 -32.69
CA ILE F 214 -17.41 -11.80 -32.78
C ILE F 214 -17.11 -11.09 -31.47
N VAL F 215 -16.24 -10.07 -31.52
CA VAL F 215 -15.66 -9.50 -30.30
C VAL F 215 -15.79 -7.97 -30.35
N GLY F 216 -16.55 -7.42 -29.41
CA GLY F 216 -16.66 -5.98 -29.21
C GLY F 216 -17.38 -5.23 -30.31
N LYS F 217 -18.23 -5.91 -31.07
CA LYS F 217 -18.81 -5.32 -32.26
C LYS F 217 -20.17 -4.68 -31.98
N SER F 218 -20.52 -3.71 -32.84
CA SER F 218 -21.83 -3.09 -32.86
CA SER F 218 -21.83 -3.09 -32.86
C SER F 218 -22.52 -3.53 -34.14
N ILE F 219 -23.59 -4.30 -33.99
CA ILE F 219 -24.34 -4.76 -35.15
C ILE F 219 -25.58 -3.90 -35.29
N GLU F 220 -25.69 -3.23 -36.43
CA GLU F 220 -26.75 -2.28 -36.68
C GLU F 220 -28.01 -3.03 -37.09
N PHE F 221 -29.05 -2.87 -36.30
CA PHE F 221 -30.31 -3.59 -36.48
C PHE F 221 -31.34 -2.51 -36.73
N ASP F 222 -31.42 -2.06 -37.98
CA ASP F 222 -32.17 -0.84 -38.22
C ASP F 222 -32.77 -0.77 -39.61
N GLY F 223 -32.90 -1.89 -40.31
CA GLY F 223 -33.56 -1.85 -41.61
C GLY F 223 -32.78 -1.09 -42.66
N GLY F 224 -31.52 -0.78 -42.37
CA GLY F 224 -30.69 -0.01 -43.28
C GLY F 224 -30.59 1.46 -42.95
N TRP F 225 -31.18 1.90 -41.85
CA TRP F 225 -31.30 3.33 -41.58
C TRP F 225 -29.94 4.02 -41.53
N ALA F 226 -29.02 3.45 -40.76
CA ALA F 226 -27.68 4.03 -40.58
C ALA F 226 -26.71 3.65 -41.69
N THR F 227 -27.14 2.89 -42.68
CA THR F 227 -26.20 2.47 -43.71
C THR F 227 -25.79 3.65 -44.60
CL CL G . -4.42 0.30 26.62
CL CL H . 3.91 3.53 -5.09
CL CL I . 26.95 4.79 20.91
CL CL J . 14.38 -23.19 9.11
CL CL K . -3.40 12.09 -25.98
CL CL L . -35.93 0.83 -31.35
#